data_8RTO
#
_entry.id   8RTO
#
_cell.length_a   134.468
_cell.length_b   204.726
_cell.length_c   221.388
_cell.angle_alpha   90.000
_cell.angle_beta   90.000
_cell.angle_gamma   90.000
#
_symmetry.space_group_name_H-M   'C 2 2 21'
#
loop_
_entity.id
_entity.type
_entity.pdbx_description
1 polymer 'Bilirubin oxidase'
2 branched beta-D-mannopyranose-(1-4)-2-acetamido-2-deoxy-beta-D-glucopyranose-(1-4)-2-acetamido-2-deoxy-beta-D-glucopyranose
3 branched 2-acetamido-2-deoxy-beta-D-glucopyranose-(1-4)-2-acetamido-2-deoxy-beta-D-glucopyranose
4 non-polymer 'COPPER (II) ION'
5 non-polymer "ADENOSINE-5'-TRIPHOSPHATE"
6 non-polymer 'OXYGEN MOLECULE'
7 non-polymer 'CHLORIDE ION'
8 water water
#
_entity_poly.entity_id   1
_entity_poly.type   'polypeptide(L)'
_entity_poly.pdbx_seq_one_letter_code
;VAQISPQYPMFTVPLPIPPVKQPRLTVTNPVNGQEIWYYEVEIKPFTHQVYPDLGSADLVGYDGMSPGPTFQVPRGVETV
VRFINNAEAPNSVHLHGSFSRAAFDGWAEDITEPGSFKDYYYPNRQSARTLWYHDHAMHITAENAYRGQAGLYMLTDPAE
DALNLPSGYGEFDIPMILTSKQYTANGNLVTTNGELNSFWGDVIHVNGQPWPFKNVEPRKYRFRFLDAAVSRSFGLYFAD
TDAIDTRLPFKVIASDSGLLEHPADTSLLYISMAERYEVVFDFSDYAGKTIELRNLGGSIGGIGTDTDYDNTDKVMRFVV
ADDTTQPDTSVVPANLRDVPFPSPTTNTPRQFRFGRTGPTWTINGVAFADVQNRLLANVPVGTVERWELINAGNGWTHPI
HIHLVDFKVISRTSGNNARTVMPYESGLKDVVWLGRRETVVVEAHYAPFPGVYMFHCHNLIHEDHDMMAAFNATVLPDYG
YNATVFVDPMEELWQARPYELGEFQAQSGQFSVQAVTERIQTMAEYRPYAAADE
;
_entity_poly.pdbx_strand_id   AAA,BBB,CCC,DDD
#
# COMPACT_ATOMS: atom_id res chain seq x y z
N VAL A 1 6.15 32.90 -37.37
CA VAL A 1 6.13 32.99 -38.87
C VAL A 1 5.15 31.94 -39.42
N ALA A 2 4.75 32.01 -40.69
CA ALA A 2 3.64 31.18 -41.20
C ALA A 2 4.05 29.71 -41.11
N GLN A 3 3.11 28.86 -40.70
CA GLN A 3 3.25 27.39 -40.71
C GLN A 3 3.45 26.92 -42.15
N ILE A 4 4.39 25.97 -42.34
CA ILE A 4 4.78 25.39 -43.66
C ILE A 4 4.05 24.04 -43.83
N SER A 5 4.08 23.18 -42.82
CA SER A 5 3.24 21.97 -42.72
C SER A 5 1.78 22.31 -42.97
N PRO A 6 1.00 21.40 -43.64
CA PRO A 6 -0.44 21.59 -43.87
C PRO A 6 -1.23 21.89 -42.60
N GLN A 7 -2.43 22.49 -42.78
CA GLN A 7 -3.34 22.79 -41.66
C GLN A 7 -3.74 21.45 -41.02
N TYR A 8 -3.49 21.29 -39.71
CA TYR A 8 -3.84 20.10 -38.90
C TYR A 8 -5.10 20.38 -38.06
N PRO A 9 -6.01 19.39 -37.88
CA PRO A 9 -7.20 19.54 -37.02
C PRO A 9 -6.89 19.50 -35.53
N MET A 10 -6.76 20.68 -34.95
CA MET A 10 -6.13 20.88 -33.62
C MET A 10 -6.99 20.21 -32.55
N PHE A 11 -6.35 19.50 -31.61
CA PHE A 11 -6.94 18.94 -30.37
C PHE A 11 -8.16 18.06 -30.66
N THR A 12 -8.14 17.29 -31.75
CA THR A 12 -9.25 16.37 -32.10
C THR A 12 -8.91 14.89 -31.88
N VAL A 13 -7.63 14.51 -31.86
CA VAL A 13 -7.17 13.11 -31.64
C VAL A 13 -6.67 13.02 -30.21
N PRO A 14 -7.07 12.02 -29.42
CA PRO A 14 -6.61 11.89 -28.04
C PRO A 14 -5.14 11.42 -27.92
N LEU A 15 -4.46 11.94 -26.91
CA LEU A 15 -3.07 11.61 -26.54
C LEU A 15 -2.88 10.10 -26.51
N PRO A 16 -1.97 9.56 -27.34
CA PRO A 16 -1.53 8.18 -27.24
C PRO A 16 -0.61 7.95 -26.02
N ILE A 17 -0.74 6.78 -25.45
CA ILE A 17 0.18 6.22 -24.43
C ILE A 17 0.97 5.11 -25.11
N PRO A 18 2.31 5.20 -25.24
CA PRO A 18 3.09 4.05 -25.63
C PRO A 18 2.74 2.88 -24.72
N PRO A 19 2.57 1.67 -25.29
CA PRO A 19 2.39 0.47 -24.48
C PRO A 19 3.66 0.25 -23.65
N VAL A 20 3.51 -0.46 -22.54
CA VAL A 20 4.65 -1.00 -21.75
C VAL A 20 5.25 -2.19 -22.50
N LYS A 21 6.57 -2.26 -22.54
CA LYS A 21 7.32 -3.28 -23.30
C LYS A 21 7.53 -4.46 -22.37
N GLN A 22 7.07 -5.65 -22.77
CA GLN A 22 7.13 -6.88 -21.95
C GLN A 22 8.43 -7.60 -22.28
N PRO A 23 9.16 -8.17 -21.27
CA PRO A 23 10.32 -8.99 -21.53
C PRO A 23 9.81 -10.23 -22.29
N ARG A 24 10.58 -10.77 -23.22
CA ARG A 24 10.37 -12.13 -23.78
C ARG A 24 10.43 -13.18 -22.65
N LEU A 25 11.51 -13.17 -21.87
CA LEU A 25 11.79 -14.18 -20.83
C LEU A 25 12.74 -13.60 -19.78
N THR A 26 13.01 -14.38 -18.72
CA THR A 26 14.00 -14.02 -17.67
C THR A 26 15.05 -15.11 -17.63
N VAL A 27 16.25 -14.73 -17.25
CA VAL A 27 17.41 -15.64 -17.28
C VAL A 27 18.06 -15.57 -15.92
N THR A 28 18.20 -16.74 -15.29
CA THR A 28 18.88 -16.88 -13.99
C THR A 28 20.34 -16.46 -14.17
N ASN A 29 20.72 -15.39 -13.50
CA ASN A 29 22.13 -14.95 -13.42
C ASN A 29 22.93 -15.93 -12.57
N PRO A 30 23.96 -16.62 -13.10
CA PRO A 30 24.75 -17.53 -12.27
C PRO A 30 25.51 -16.83 -11.12
N VAL A 31 25.82 -15.55 -11.25
CA VAL A 31 26.65 -14.83 -10.25
C VAL A 31 25.87 -14.74 -8.96
N ASN A 32 24.59 -14.38 -9.01
CA ASN A 32 23.81 -14.00 -7.80
C ASN A 32 22.47 -14.73 -7.66
N GLY A 33 22.19 -15.71 -8.52
CA GLY A 33 20.92 -16.47 -8.64
C GLY A 33 19.69 -15.64 -9.01
N GLN A 34 19.84 -14.36 -9.33
CA GLN A 34 18.69 -13.45 -9.61
C GLN A 34 18.27 -13.55 -11.07
N GLU A 35 17.02 -13.16 -11.37
CA GLU A 35 16.48 -13.10 -12.77
C GLU A 35 16.84 -11.76 -13.44
N ILE A 36 17.43 -11.88 -14.62
CA ILE A 36 17.72 -10.83 -15.63
C ILE A 36 16.56 -10.83 -16.63
N TRP A 37 15.92 -9.67 -16.75
CA TRP A 37 14.80 -9.51 -17.68
C TRP A 37 15.44 -9.30 -19.03
N TYR A 38 15.11 -10.18 -19.98
CA TYR A 38 15.61 -10.11 -21.38
C TYR A 38 14.47 -9.67 -22.30
N TYR A 39 14.76 -8.72 -23.16
CA TYR A 39 13.80 -8.19 -24.15
C TYR A 39 14.38 -8.28 -25.57
N GLU A 40 13.50 -8.31 -26.55
CA GLU A 40 13.87 -8.20 -27.97
C GLU A 40 13.15 -6.98 -28.53
N VAL A 41 13.90 -6.07 -29.13
CA VAL A 41 13.33 -4.87 -29.81
C VAL A 41 13.75 -4.93 -31.30
N GLU A 42 12.81 -4.80 -32.24
CA GLU A 42 13.06 -4.90 -33.70
C GLU A 42 12.96 -3.49 -34.28
N ILE A 43 14.07 -2.96 -34.77
CA ILE A 43 14.01 -1.63 -35.41
C ILE A 43 13.56 -1.86 -36.83
N LYS A 44 12.44 -1.25 -37.25
CA LYS A 44 11.81 -1.53 -38.56
C LYS A 44 11.01 -0.34 -39.09
N PRO A 45 10.96 -0.21 -40.44
CA PRO A 45 10.12 0.79 -41.12
C PRO A 45 8.63 0.53 -40.90
N PHE A 46 7.85 1.60 -40.83
CA PHE A 46 6.38 1.50 -40.80
C PHE A 46 5.88 2.84 -41.30
N THR A 47 4.60 2.92 -41.63
CA THR A 47 3.92 4.16 -41.98
C THR A 47 2.89 4.48 -40.89
N HIS A 48 2.63 5.78 -40.64
CA HIS A 48 1.58 6.28 -39.74
C HIS A 48 0.73 7.38 -40.43
N GLN A 49 -0.59 7.21 -40.46
CA GLN A 49 -1.56 8.26 -40.89
C GLN A 49 -1.54 9.36 -39.84
N VAL A 50 -0.71 10.39 -40.02
CA VAL A 50 -0.65 11.53 -39.05
C VAL A 50 -1.83 12.42 -39.39
N TYR A 51 -1.93 12.80 -40.65
CA TYR A 51 -2.91 13.80 -41.17
C TYR A 51 -4.11 13.03 -41.75
N PRO A 52 -5.26 12.95 -41.05
CA PRO A 52 -6.33 12.04 -41.46
C PRO A 52 -6.61 12.10 -42.98
N ASP A 53 -6.60 13.29 -43.60
CA ASP A 53 -7.08 13.52 -45.00
C ASP A 53 -5.91 13.41 -46.00
N LEU A 54 -4.73 12.95 -45.59
CA LEU A 54 -3.54 13.01 -46.48
C LEU A 54 -2.85 11.64 -46.55
N GLY A 55 -1.68 11.62 -47.19
CA GLY A 55 -0.79 10.44 -47.30
C GLY A 55 -0.29 10.02 -45.93
N SER A 56 0.48 8.93 -45.91
CA SER A 56 1.15 8.37 -44.72
C SER A 56 2.52 9.00 -44.53
N ALA A 57 2.99 9.03 -43.27
CA ALA A 57 4.38 9.39 -42.95
C ALA A 57 5.19 8.10 -42.91
N ASP A 58 6.39 8.09 -43.51
CA ASP A 58 7.36 6.97 -43.36
C ASP A 58 8.19 7.21 -42.08
N LEU A 59 8.09 6.29 -41.13
CA LEU A 59 8.90 6.30 -39.90
C LEU A 59 9.72 5.01 -39.82
N VAL A 60 10.68 4.97 -38.91
CA VAL A 60 11.48 3.77 -38.53
C VAL A 60 11.63 3.83 -37.02
N GLY A 61 11.25 2.76 -36.31
CA GLY A 61 11.04 2.76 -34.85
C GLY A 61 11.30 1.44 -34.14
N TYR A 62 11.60 1.55 -32.85
CA TYR A 62 11.60 0.43 -31.89
C TYR A 62 10.24 -0.28 -31.97
N ASP A 63 10.25 -1.58 -32.34
CA ASP A 63 9.08 -2.47 -32.50
C ASP A 63 8.02 -1.83 -33.42
N GLY A 64 8.43 -1.08 -34.44
CA GLY A 64 7.52 -0.56 -35.48
C GLY A 64 6.55 0.50 -34.94
N MET A 65 6.99 1.30 -33.98
CA MET A 65 6.13 2.36 -33.39
C MET A 65 7.00 3.54 -32.89
N SER A 66 6.44 4.74 -32.83
CA SER A 66 7.14 5.94 -32.28
C SER A 66 6.13 6.75 -31.46
N PRO A 67 6.38 7.07 -30.17
CA PRO A 67 7.54 6.60 -29.42
C PRO A 67 7.71 5.07 -29.34
N GLY A 68 8.93 4.63 -29.08
CA GLY A 68 9.15 3.21 -28.77
C GLY A 68 8.20 2.85 -27.64
N PRO A 69 7.99 1.54 -27.44
CA PRO A 69 7.30 1.05 -26.24
C PRO A 69 8.04 1.47 -24.97
N THR A 70 7.26 1.68 -23.91
CA THR A 70 7.75 2.18 -22.61
C THR A 70 8.27 0.98 -21.79
N PHE A 71 9.51 1.11 -21.28
CA PHE A 71 10.12 0.13 -20.37
C PHE A 71 9.78 0.55 -18.95
N GLN A 72 9.51 -0.44 -18.10
CA GLN A 72 9.14 -0.18 -16.68
C GLN A 72 9.90 -1.20 -15.84
N VAL A 73 10.94 -0.71 -15.17
CA VAL A 73 12.00 -1.55 -14.54
C VAL A 73 12.18 -1.15 -13.09
N PRO A 74 12.09 -2.10 -12.14
CA PRO A 74 12.36 -1.81 -10.74
C PRO A 74 13.87 -1.69 -10.54
N ARG A 75 14.32 -0.71 -9.78
CA ARG A 75 15.72 -0.66 -9.29
C ARG A 75 16.17 -2.10 -8.91
N GLY A 76 17.37 -2.50 -9.33
CA GLY A 76 17.97 -3.77 -8.85
C GLY A 76 17.66 -4.97 -9.74
N VAL A 77 16.71 -4.87 -10.68
CA VAL A 77 16.54 -5.86 -11.77
C VAL A 77 17.38 -5.46 -12.99
N GLU A 78 18.47 -6.17 -13.23
CA GLU A 78 19.28 -6.03 -14.45
C GLU A 78 18.38 -6.43 -15.62
N THR A 79 18.51 -5.67 -16.70
CA THR A 79 17.88 -5.96 -18.01
C THR A 79 18.97 -6.20 -19.07
N VAL A 80 18.66 -7.10 -19.99
CA VAL A 80 19.40 -7.23 -21.27
C VAL A 80 18.41 -6.98 -22.41
N VAL A 81 18.73 -6.06 -23.30
CA VAL A 81 17.85 -5.72 -24.45
C VAL A 81 18.60 -5.98 -25.75
N ARG A 82 18.09 -6.91 -26.55
CA ARG A 82 18.60 -7.23 -27.90
C ARG A 82 17.87 -6.31 -28.87
N PHE A 83 18.57 -5.30 -29.36
CA PHE A 83 18.05 -4.31 -30.30
C PHE A 83 18.45 -4.82 -31.68
N ILE A 84 17.46 -5.13 -32.51
CA ILE A 84 17.61 -5.93 -33.75
C ILE A 84 17.35 -5.00 -34.90
N ASN A 85 18.37 -4.78 -35.72
CA ASN A 85 18.29 -3.89 -36.90
C ASN A 85 17.67 -4.67 -38.07
N ASN A 86 16.43 -4.34 -38.38
CA ASN A 86 15.76 -4.77 -39.62
C ASN A 86 15.30 -3.54 -40.40
N ALA A 87 16.11 -2.49 -40.45
CA ALA A 87 15.77 -1.26 -41.20
C ALA A 87 16.83 -1.03 -42.29
N GLU A 88 16.95 0.22 -42.76
CA GLU A 88 17.75 0.61 -43.96
C GLU A 88 19.08 1.27 -43.60
N ALA A 89 19.26 1.72 -42.38
CA ALA A 89 20.51 2.38 -41.94
C ALA A 89 20.90 1.84 -40.58
N PRO A 90 22.18 1.99 -40.20
CA PRO A 90 22.68 1.50 -38.93
C PRO A 90 22.02 2.21 -37.74
N ASN A 91 22.24 1.66 -36.55
CA ASN A 91 21.78 2.22 -35.26
C ASN A 91 22.87 2.00 -34.20
N SER A 92 22.77 2.83 -33.16
CA SER A 92 23.51 2.68 -31.89
C SER A 92 22.56 3.16 -30.82
N VAL A 93 22.26 2.31 -29.83
CA VAL A 93 21.19 2.67 -28.86
C VAL A 93 21.85 3.19 -27.61
N HIS A 94 21.41 4.37 -27.17
CA HIS A 94 21.85 5.02 -25.91
C HIS A 94 20.70 5.05 -24.90
N LEU A 95 20.87 4.38 -23.75
CA LEU A 95 19.98 4.56 -22.55
C LEU A 95 20.44 5.83 -21.79
N HIS A 96 19.79 6.95 -22.11
CA HIS A 96 20.05 8.30 -21.56
C HIS A 96 19.50 8.32 -20.13
N GLY A 97 20.40 8.49 -19.16
CA GLY A 97 20.09 8.47 -17.73
C GLY A 97 20.67 7.27 -17.04
N SER A 98 21.31 6.36 -17.79
CA SER A 98 21.90 5.09 -17.28
C SER A 98 23.45 5.21 -17.21
N PHE A 99 24.09 4.83 -16.09
CA PHE A 99 25.56 4.71 -15.98
C PHE A 99 25.99 3.36 -16.58
N SER A 100 25.52 3.08 -17.80
CA SER A 100 25.80 1.85 -18.55
C SER A 100 27.32 1.80 -18.81
N ARG A 101 27.89 0.59 -18.88
CA ARG A 101 29.31 0.42 -19.26
C ARG A 101 29.49 1.01 -20.65
N ALA A 102 30.73 1.41 -20.96
CA ALA A 102 31.10 2.14 -22.19
C ALA A 102 30.54 1.43 -23.41
N ALA A 103 30.59 0.11 -23.46
CA ALA A 103 30.19 -0.72 -24.62
C ALA A 103 28.69 -0.99 -24.62
N PHE A 104 27.97 -0.54 -23.60
CA PHE A 104 26.50 -0.67 -23.59
C PHE A 104 25.86 0.71 -23.42
N ASP A 105 26.55 1.79 -23.80
CA ASP A 105 26.11 3.18 -23.52
C ASP A 105 25.73 3.85 -24.83
N GLY A 106 25.90 3.21 -25.98
CA GLY A 106 25.49 3.85 -27.25
C GLY A 106 26.56 4.75 -27.83
N TRP A 107 27.84 4.44 -27.64
CA TRP A 107 28.98 5.07 -28.37
C TRP A 107 28.61 5.20 -29.85
N ALA A 108 28.75 6.39 -30.40
CA ALA A 108 28.32 6.73 -31.77
C ALA A 108 28.95 5.81 -32.82
N GLU A 109 30.18 5.31 -32.63
CA GLU A 109 30.87 4.44 -33.63
C GLU A 109 30.47 2.97 -33.38
N ASP A 110 29.83 2.67 -32.25
CA ASP A 110 29.37 1.30 -31.82
C ASP A 110 28.01 0.99 -32.47
N ILE A 111 28.01 0.86 -33.80
CA ILE A 111 26.78 0.73 -34.64
C ILE A 111 26.36 -0.73 -34.84
N THR A 112 25.09 -0.86 -35.17
CA THR A 112 24.48 -2.12 -35.61
C THR A 112 24.06 -1.87 -37.04
N GLU A 113 24.61 -2.61 -37.99
CA GLU A 113 24.21 -2.51 -39.41
C GLU A 113 22.93 -3.30 -39.50
N PRO A 114 22.07 -3.03 -40.49
CA PRO A 114 20.94 -3.90 -40.81
C PRO A 114 21.36 -5.36 -41.05
N GLY A 115 20.54 -6.32 -40.59
CA GLY A 115 20.88 -7.76 -40.55
C GLY A 115 21.72 -8.13 -39.34
N SER A 116 21.99 -7.16 -38.47
CA SER A 116 22.68 -7.40 -37.18
C SER A 116 21.84 -6.93 -35.98
N PHE A 117 22.27 -7.33 -34.79
CA PHE A 117 21.59 -7.07 -33.49
C PHE A 117 22.69 -6.90 -32.45
N LYS A 118 22.44 -6.14 -31.39
CA LYS A 118 23.40 -6.01 -30.28
C LYS A 118 22.62 -6.22 -28.98
N ASP A 119 23.25 -6.91 -28.02
CA ASP A 119 22.74 -7.09 -26.64
C ASP A 119 23.32 -5.97 -25.74
N TYR A 120 22.45 -5.15 -25.17
CA TYR A 120 22.85 -4.10 -24.19
C TYR A 120 22.53 -4.60 -22.79
N TYR A 121 23.51 -4.55 -21.90
CA TYR A 121 23.39 -4.98 -20.51
C TYR A 121 23.29 -3.70 -19.66
N TYR A 122 22.12 -3.47 -19.05
CA TYR A 122 21.82 -2.31 -18.18
C TYR A 122 21.72 -2.70 -16.71
N PRO A 123 22.31 -1.87 -15.82
CA PRO A 123 22.32 -2.14 -14.38
C PRO A 123 21.02 -1.84 -13.58
N ASN A 124 20.34 -0.77 -13.97
CA ASN A 124 19.09 -0.30 -13.32
C ASN A 124 19.33 -0.18 -11.82
N ARG A 125 20.47 0.41 -11.41
CA ARG A 125 20.77 0.55 -9.96
C ARG A 125 20.65 2.02 -9.55
N GLN A 126 20.55 2.97 -10.47
CA GLN A 126 20.52 4.42 -10.10
C GLN A 126 19.20 4.77 -9.41
N SER A 127 19.14 6.00 -8.86
CA SER A 127 17.94 6.61 -8.27
C SER A 127 16.81 6.54 -9.31
N ALA A 128 15.61 6.22 -8.83
CA ALA A 128 14.38 6.22 -9.65
C ALA A 128 14.37 7.52 -10.46
N ARG A 129 14.07 7.43 -11.75
CA ARG A 129 14.16 8.55 -12.72
C ARG A 129 13.44 8.16 -14.01
N THR A 130 13.13 9.15 -14.84
CA THR A 130 12.62 8.97 -16.21
C THR A 130 13.84 8.95 -17.14
N LEU A 131 14.23 7.77 -17.59
CA LEU A 131 15.26 7.60 -18.66
C LEU A 131 14.55 7.57 -20.01
N TRP A 132 15.34 7.67 -21.08
CA TRP A 132 14.83 7.41 -22.43
C TRP A 132 15.93 6.81 -23.27
N TYR A 133 15.53 5.93 -24.16
CA TYR A 133 16.43 5.15 -25.04
C TYR A 133 16.27 5.70 -26.44
N HIS A 134 17.38 5.95 -27.13
CA HIS A 134 17.30 6.59 -28.46
C HIS A 134 18.57 6.33 -29.25
N ASP A 135 18.45 6.55 -30.56
CA ASP A 135 19.55 6.27 -31.50
C ASP A 135 20.66 7.27 -31.26
N HIS A 136 21.92 6.83 -31.40
CA HIS A 136 23.14 7.65 -31.15
C HIS A 136 24.22 7.38 -32.23
N ALA A 137 23.85 6.84 -33.38
CA ALA A 137 24.80 6.43 -34.45
C ALA A 137 25.47 7.65 -35.06
N MET A 138 26.80 7.60 -35.17
CA MET A 138 27.63 8.59 -35.91
C MET A 138 26.90 9.24 -37.11
N HIS A 139 26.73 10.57 -37.04
CA HIS A 139 26.35 11.48 -38.15
C HIS A 139 24.91 11.30 -38.61
N ILE A 140 24.16 10.32 -38.07
CA ILE A 140 22.79 9.98 -38.54
C ILE A 140 21.78 9.96 -37.37
N THR A 141 22.22 10.35 -36.18
CA THR A 141 21.39 10.54 -34.95
C THR A 141 20.15 11.43 -35.24
N ALA A 142 20.30 12.64 -35.77
CA ALA A 142 19.14 13.54 -35.99
C ALA A 142 18.03 12.76 -36.73
N GLU A 143 18.37 12.16 -37.86
CA GLU A 143 17.34 11.55 -38.72
C GLU A 143 16.79 10.29 -38.03
N ASN A 144 17.67 9.54 -37.36
CA ASN A 144 17.23 8.27 -36.72
C ASN A 144 16.27 8.64 -35.58
N ALA A 145 16.52 9.72 -34.83
CA ALA A 145 15.63 10.20 -33.74
C ALA A 145 14.31 10.68 -34.37
N TYR A 146 14.40 11.58 -35.33
CA TYR A 146 13.24 12.27 -35.96
C TYR A 146 12.29 11.25 -36.59
N ARG A 147 12.85 10.16 -37.15
CA ARG A 147 12.09 9.11 -37.87
C ARG A 147 11.51 8.13 -36.85
N GLY A 148 11.93 8.28 -35.59
CA GLY A 148 11.18 7.83 -34.38
C GLY A 148 11.88 6.83 -33.45
N GLN A 149 13.19 6.65 -33.52
CA GLN A 149 13.95 5.81 -32.58
C GLN A 149 14.19 6.58 -31.28
N ALA A 150 13.14 6.71 -30.46
CA ALA A 150 13.19 7.19 -29.05
C ALA A 150 11.96 6.65 -28.30
N GLY A 151 12.15 6.13 -27.10
CA GLY A 151 11.08 5.66 -26.21
C GLY A 151 11.44 5.91 -24.75
N LEU A 152 10.47 5.77 -23.82
CA LEU A 152 10.70 6.05 -22.37
C LEU A 152 11.22 4.78 -21.68
N TYR A 153 11.91 4.99 -20.56
CA TYR A 153 12.40 3.87 -19.72
C TYR A 153 12.33 4.36 -18.27
N MET A 154 11.33 3.87 -17.54
CA MET A 154 10.98 4.33 -16.16
C MET A 154 11.71 3.43 -15.15
N LEU A 155 12.66 3.99 -14.41
CA LEU A 155 13.36 3.26 -13.33
C LEU A 155 12.60 3.57 -12.05
N THR A 156 11.97 2.53 -11.45
CA THR A 156 11.03 2.62 -10.29
C THR A 156 11.72 2.10 -9.04
N ASP A 157 11.40 2.74 -7.92
CA ASP A 157 11.85 2.44 -6.53
C ASP A 157 10.61 2.40 -5.64
N PRO A 158 10.31 1.26 -4.97
CA PRO A 158 9.26 1.22 -3.92
C PRO A 158 9.34 2.36 -2.88
N ALA A 159 10.54 2.84 -2.56
CA ALA A 159 10.75 4.03 -1.71
C ALA A 159 10.05 5.25 -2.32
N GLU A 160 10.24 5.52 -3.62
CA GLU A 160 9.55 6.66 -4.30
C GLU A 160 8.05 6.41 -4.15
N ASP A 161 7.61 5.16 -4.21
CA ASP A 161 6.17 4.77 -4.22
C ASP A 161 5.51 5.11 -2.87
N ALA A 162 6.27 5.05 -1.78
CA ALA A 162 5.82 5.40 -0.41
C ALA A 162 5.67 6.92 -0.23
N LEU A 163 6.08 7.75 -1.19
CA LEU A 163 5.76 9.21 -1.19
C LEU A 163 4.30 9.39 -1.65
N ASN A 164 3.70 8.36 -2.24
CA ASN A 164 2.27 8.42 -2.59
C ASN A 164 2.03 9.59 -3.57
N LEU A 165 2.86 9.71 -4.62
CA LEU A 165 2.65 10.71 -5.71
C LEU A 165 1.56 10.14 -6.61
N PRO A 166 0.84 10.97 -7.40
CA PRO A 166 -0.13 10.41 -8.37
C PRO A 166 0.57 9.32 -9.17
N SER A 167 -0.10 8.19 -9.40
CA SER A 167 0.57 6.95 -9.87
C SER A 167 -0.22 6.23 -10.96
N GLY A 168 0.43 5.23 -11.57
CA GLY A 168 -0.24 4.39 -12.57
C GLY A 168 -0.06 4.95 -13.98
N TYR A 169 0.89 4.33 -14.69
CA TYR A 169 1.18 4.55 -16.13
C TYR A 169 -0.13 4.49 -16.93
N GLY A 170 -0.42 5.53 -17.70
CA GLY A 170 -1.65 5.59 -18.49
C GLY A 170 -2.82 6.12 -17.67
N GLU A 171 -2.70 6.16 -16.34
CA GLU A 171 -3.80 6.60 -15.42
C GLU A 171 -3.58 8.05 -14.96
N PHE A 172 -2.78 8.24 -13.90
CA PHE A 172 -2.48 9.55 -13.29
C PHE A 172 -0.97 9.82 -13.40
N ASP A 173 -0.25 8.93 -14.07
CA ASP A 173 1.20 9.07 -14.36
C ASP A 173 1.39 8.99 -15.87
N ILE A 174 1.47 10.15 -16.53
CA ILE A 174 1.36 10.32 -18.01
C ILE A 174 2.72 10.69 -18.60
N PRO A 175 3.23 9.90 -19.59
CA PRO A 175 4.39 10.30 -20.38
C PRO A 175 4.01 11.47 -21.29
N MET A 176 4.91 12.47 -21.34
CA MET A 176 4.67 13.69 -22.17
C MET A 176 5.85 13.92 -23.10
N ILE A 177 5.99 13.09 -24.14
CA ILE A 177 7.24 13.08 -24.97
C ILE A 177 7.03 14.08 -26.08
N LEU A 178 7.75 15.19 -26.04
CA LEU A 178 7.52 16.33 -26.97
C LEU A 178 8.47 16.18 -28.13
N THR A 179 7.91 16.39 -29.34
CA THR A 179 8.63 16.53 -30.60
C THR A 179 8.03 17.68 -31.41
N SER A 180 8.86 18.20 -32.32
CA SER A 180 8.64 19.38 -33.19
C SER A 180 9.10 18.95 -34.59
N LYS A 181 8.15 18.72 -35.52
CA LYS A 181 8.43 18.21 -36.88
C LYS A 181 7.78 19.09 -37.95
N GLN A 182 8.06 18.76 -39.21
CA GLN A 182 7.49 19.42 -40.39
C GLN A 182 7.02 18.33 -41.35
N TYR A 183 5.89 18.56 -41.99
CA TYR A 183 5.27 17.64 -42.97
C TYR A 183 5.18 18.31 -44.36
N THR A 184 5.21 17.47 -45.40
CA THR A 184 4.98 17.82 -46.84
C THR A 184 3.48 18.01 -47.07
N ALA A 185 3.08 18.43 -48.26
CA ALA A 185 1.68 18.69 -48.64
C ALA A 185 0.88 17.39 -48.54
N ASN A 186 1.54 16.26 -48.80
CA ASN A 186 0.98 14.89 -48.90
C ASN A 186 1.04 14.22 -47.50
N GLY A 187 1.61 14.93 -46.50
CA GLY A 187 1.60 14.56 -45.07
C GLY A 187 2.62 13.50 -44.70
N ASN A 188 3.70 13.39 -45.46
CA ASN A 188 4.93 12.64 -45.07
C ASN A 188 5.82 13.61 -44.28
N LEU A 189 6.83 13.08 -43.57
CA LEU A 189 7.85 13.93 -42.90
C LEU A 189 8.78 14.64 -43.90
N VAL A 190 9.03 15.92 -43.64
CA VAL A 190 10.21 16.59 -44.25
C VAL A 190 11.47 16.05 -43.55
N THR A 191 12.43 15.50 -44.31
CA THR A 191 13.71 14.94 -43.77
C THR A 191 14.51 16.06 -43.09
N THR A 192 15.32 15.72 -42.08
CA THR A 192 16.34 16.64 -41.49
C THR A 192 17.64 16.55 -42.28
N ASN A 193 17.77 15.61 -43.22
CA ASN A 193 19.00 15.35 -44.03
C ASN A 193 19.38 16.62 -44.78
N GLY A 194 20.68 16.94 -44.73
CA GLY A 194 21.28 18.18 -45.30
C GLY A 194 20.99 19.47 -44.53
N GLU A 195 20.25 19.45 -43.42
CA GLU A 195 20.13 20.63 -42.50
C GLU A 195 21.38 20.68 -41.58
N LEU A 196 22.00 21.85 -41.47
CA LEU A 196 23.30 22.02 -40.76
C LEU A 196 23.23 23.09 -39.66
N ASN A 197 22.22 23.98 -39.60
CA ASN A 197 22.05 24.98 -38.50
C ASN A 197 21.15 24.40 -37.39
N SER A 198 19.83 24.30 -37.66
CA SER A 198 18.78 23.72 -36.78
C SER A 198 17.53 23.28 -37.57
N PHE A 199 16.87 22.22 -37.09
CA PHE A 199 15.56 21.76 -37.62
C PHE A 199 14.48 22.01 -36.58
N TRP A 200 13.88 23.19 -36.61
CA TRP A 200 12.92 23.60 -35.57
C TRP A 200 11.64 22.74 -35.62
N GLY A 201 11.03 22.59 -36.80
CA GLY A 201 9.69 21.99 -36.94
C GLY A 201 8.59 22.98 -36.60
N ASP A 202 7.44 22.90 -37.24
CA ASP A 202 6.31 23.85 -37.05
C ASP A 202 5.08 23.11 -36.50
N VAL A 203 5.18 21.79 -36.30
CA VAL A 203 4.08 20.93 -35.79
C VAL A 203 4.51 20.35 -34.44
N ILE A 204 3.80 20.69 -33.37
CA ILE A 204 4.11 20.13 -32.03
C ILE A 204 3.37 18.81 -31.84
N HIS A 205 4.09 17.78 -31.38
CA HIS A 205 3.57 16.44 -31.03
C HIS A 205 3.80 16.18 -29.55
N VAL A 206 2.86 15.50 -28.91
CA VAL A 206 3.03 14.75 -27.63
C VAL A 206 2.82 13.28 -27.94
N ASN A 207 3.74 12.42 -27.49
CA ASN A 207 3.79 10.96 -27.77
C ASN A 207 3.49 10.66 -29.24
N GLY A 208 4.08 11.40 -30.18
CA GLY A 208 4.03 11.11 -31.63
C GLY A 208 2.81 11.69 -32.32
N GLN A 209 1.87 12.25 -31.58
CA GLN A 209 0.58 12.79 -32.09
C GLN A 209 0.58 14.32 -32.11
N PRO A 210 0.38 14.99 -33.28
CA PRO A 210 0.21 16.43 -33.34
C PRO A 210 -0.93 16.89 -32.44
N TRP A 211 -0.67 17.96 -31.67
CA TRP A 211 -1.67 18.79 -30.98
C TRP A 211 -2.84 17.92 -30.50
N PRO A 212 -2.57 17.01 -29.55
CA PRO A 212 -3.63 16.14 -29.03
C PRO A 212 -4.51 16.82 -27.95
N PHE A 213 -5.59 16.14 -27.55
CA PHE A 213 -6.34 16.42 -26.30
C PHE A 213 -6.29 15.20 -25.37
N LYS A 214 -6.42 15.46 -24.07
CA LYS A 214 -6.72 14.41 -23.09
C LYS A 214 -7.84 14.87 -22.17
N ASN A 215 -8.83 14.01 -21.96
CA ASN A 215 -9.93 14.12 -20.96
C ASN A 215 -9.34 13.78 -19.59
N VAL A 216 -9.39 14.67 -18.62
CA VAL A 216 -8.74 14.37 -17.32
C VAL A 216 -9.79 14.55 -16.24
N GLU A 217 -9.59 13.94 -15.07
CA GLU A 217 -10.46 14.14 -13.90
C GLU A 217 -9.92 15.36 -13.17
N PRO A 218 -10.74 16.15 -12.45
CA PRO A 218 -10.24 17.32 -11.73
C PRO A 218 -9.49 16.88 -10.47
N ARG A 219 -8.27 16.39 -10.66
CA ARG A 219 -7.37 15.89 -9.59
C ARG A 219 -5.92 16.01 -10.05
N LYS A 220 -4.96 15.60 -9.22
CA LYS A 220 -3.52 15.74 -9.50
C LYS A 220 -3.10 14.67 -10.53
N TYR A 221 -2.28 15.07 -11.50
CA TYR A 221 -1.64 14.12 -12.45
C TYR A 221 -0.12 14.33 -12.35
N ARG A 222 0.60 13.21 -12.49
CA ARG A 222 2.08 13.23 -12.62
C ARG A 222 2.37 13.24 -14.11
N PHE A 223 3.01 14.30 -14.61
CA PHE A 223 3.42 14.46 -16.02
C PHE A 223 4.94 14.31 -16.14
N ARG A 224 5.35 13.34 -16.96
CA ARG A 224 6.77 13.05 -17.24
C ARG A 224 7.20 13.70 -18.54
N PHE A 225 7.63 14.95 -18.48
CA PHE A 225 8.02 15.74 -19.67
C PHE A 225 9.41 15.33 -20.18
N LEU A 226 9.48 14.99 -21.46
CA LEU A 226 10.77 14.77 -22.18
C LEU A 226 10.76 15.54 -23.50
N ASP A 227 11.76 16.37 -23.73
CA ASP A 227 11.97 17.03 -25.04
C ASP A 227 12.80 16.06 -25.89
N ALA A 228 12.11 15.29 -26.73
CA ALA A 228 12.72 14.33 -27.68
C ALA A 228 12.94 15.02 -29.04
N ALA A 229 12.62 16.31 -29.17
CA ALA A 229 12.75 17.03 -30.45
C ALA A 229 14.20 17.07 -30.93
N VAL A 230 14.39 17.25 -32.23
CA VAL A 230 15.74 17.48 -32.82
C VAL A 230 16.35 18.80 -32.31
N SER A 231 15.64 19.93 -32.36
CA SER A 231 16.24 21.29 -32.13
C SER A 231 15.36 22.23 -31.30
N ARG A 232 14.07 21.91 -31.08
CA ARG A 232 13.15 22.85 -30.39
C ARG A 232 13.33 22.75 -28.86
N SER A 233 13.71 23.88 -28.23
CA SER A 233 13.64 24.16 -26.77
C SER A 233 12.27 24.78 -26.49
N PHE A 234 11.70 24.54 -25.30
CA PHE A 234 10.32 24.98 -24.91
C PHE A 234 10.37 25.77 -23.60
N GLY A 235 9.38 26.65 -23.45
CA GLY A 235 8.96 27.29 -22.19
C GLY A 235 7.52 26.93 -21.88
N LEU A 236 7.30 25.83 -21.15
CA LEU A 236 5.94 25.27 -21.00
C LEU A 236 5.20 26.04 -19.92
N TYR A 237 3.92 26.32 -20.14
CA TYR A 237 2.99 26.84 -19.11
C TYR A 237 1.61 26.35 -19.49
N PHE A 238 0.70 26.34 -18.51
CA PHE A 238 -0.71 25.91 -18.61
C PHE A 238 -1.54 27.16 -18.36
N ALA A 239 -2.60 27.32 -19.16
CA ALA A 239 -3.59 28.41 -19.08
C ALA A 239 -4.98 27.83 -19.34
N ASP A 240 -5.96 28.27 -18.54
CA ASP A 240 -7.40 28.10 -18.83
C ASP A 240 -7.66 28.72 -20.19
N THR A 241 -8.52 28.13 -21.03
CA THR A 241 -8.83 28.64 -22.38
C THR A 241 -9.57 29.98 -22.26
N ASP A 242 -10.23 30.21 -21.12
CA ASP A 242 -10.92 31.46 -20.70
C ASP A 242 -9.92 32.60 -20.57
N ALA A 243 -8.64 32.28 -20.33
CA ALA A 243 -7.57 33.27 -20.04
C ALA A 243 -6.21 32.70 -20.45
N ILE A 244 -5.93 32.60 -21.76
CA ILE A 244 -4.78 31.79 -22.28
C ILE A 244 -3.44 32.45 -21.93
N ASP A 245 -3.43 33.63 -21.32
CA ASP A 245 -2.17 34.33 -20.96
C ASP A 245 -1.95 34.21 -19.46
N THR A 246 -2.94 33.68 -18.73
CA THR A 246 -2.90 33.53 -17.26
C THR A 246 -2.27 32.16 -16.99
N ARG A 247 -1.03 32.14 -16.52
CA ARG A 247 -0.23 30.93 -16.23
C ARG A 247 -0.64 30.36 -14.89
N LEU A 248 -1.00 29.07 -14.93
CA LEU A 248 -1.48 28.29 -13.77
C LEU A 248 -0.29 27.66 -13.06
N PRO A 249 -0.22 27.74 -11.71
CA PRO A 249 0.89 27.14 -10.97
C PRO A 249 0.84 25.60 -11.02
N PHE A 250 2.02 24.99 -10.92
CA PHE A 250 2.30 23.53 -10.81
C PHE A 250 3.60 23.36 -10.01
N LYS A 251 3.98 22.13 -9.72
CA LYS A 251 5.21 21.81 -8.96
C LYS A 251 6.10 20.92 -9.80
N VAL A 252 7.36 21.31 -9.95
CA VAL A 252 8.38 20.37 -10.52
C VAL A 252 8.76 19.41 -9.40
N ILE A 253 8.57 18.09 -9.56
CA ILE A 253 8.99 17.12 -8.49
C ILE A 253 10.30 16.40 -8.84
N ALA A 254 10.79 16.48 -10.08
CA ALA A 254 11.99 15.73 -10.45
C ALA A 254 12.67 16.34 -11.69
N SER A 255 13.98 16.06 -11.83
CA SER A 255 14.81 16.49 -12.99
C SER A 255 15.36 15.21 -13.66
N ASP A 256 16.31 15.34 -14.57
CA ASP A 256 16.88 14.22 -15.35
C ASP A 256 17.19 13.00 -14.47
N SER A 257 17.89 13.20 -13.37
CA SER A 257 18.54 12.15 -12.54
C SER A 257 17.56 11.67 -11.45
N GLY A 258 16.31 12.20 -11.41
CA GLY A 258 15.27 11.88 -10.40
C GLY A 258 14.82 13.07 -9.55
N LEU A 259 14.26 12.76 -8.37
CA LEU A 259 13.48 13.70 -7.53
C LEU A 259 14.33 14.88 -7.06
N LEU A 260 13.74 16.06 -7.03
CA LEU A 260 14.34 17.21 -6.31
C LEU A 260 14.26 16.92 -4.80
N GLU A 261 14.98 17.70 -4.00
CA GLU A 261 15.01 17.60 -2.53
C GLU A 261 13.62 18.06 -2.05
N HIS A 262 13.06 19.06 -2.73
CA HIS A 262 11.74 19.66 -2.46
C HIS A 262 11.10 19.97 -3.81
N PRO A 263 9.76 19.91 -3.93
CA PRO A 263 9.10 20.42 -5.12
C PRO A 263 9.44 21.90 -5.37
N ALA A 264 9.61 22.27 -6.63
CA ALA A 264 9.84 23.66 -7.06
C ALA A 264 8.52 24.22 -7.56
N ASP A 265 7.89 25.14 -6.81
CA ASP A 265 6.63 25.82 -7.21
C ASP A 265 6.97 26.61 -8.48
N THR A 266 6.25 26.38 -9.56
CA THR A 266 6.62 26.90 -10.90
C THR A 266 5.36 27.29 -11.66
N SER A 267 5.45 28.26 -12.56
CA SER A 267 4.37 28.55 -13.53
C SER A 267 4.92 28.56 -14.97
N LEU A 268 6.24 28.53 -15.16
CA LEU A 268 6.92 28.49 -16.48
C LEU A 268 8.06 27.48 -16.40
N LEU A 269 8.00 26.41 -17.20
CA LEU A 269 9.05 25.35 -17.24
C LEU A 269 9.91 25.50 -18.49
N TYR A 270 11.16 25.91 -18.36
CA TYR A 270 12.12 25.81 -19.49
C TYR A 270 12.53 24.34 -19.64
N ILE A 271 12.35 23.78 -20.83
CA ILE A 271 12.87 22.41 -21.15
C ILE A 271 13.48 22.42 -22.55
N SER A 272 14.73 21.99 -22.63
CA SER A 272 15.46 21.83 -23.89
C SER A 272 15.77 20.35 -24.18
N MET A 273 16.32 20.12 -25.36
CA MET A 273 16.47 18.77 -25.97
C MET A 273 17.11 17.85 -24.94
N ALA A 274 16.37 16.80 -24.59
CA ALA A 274 16.79 15.61 -23.81
C ALA A 274 16.62 15.85 -22.32
N GLU A 275 16.14 17.04 -21.94
CA GLU A 275 15.76 17.28 -20.54
C GLU A 275 14.44 16.54 -20.23
N ARG A 276 14.44 15.92 -19.04
CA ARG A 276 13.26 15.29 -18.38
C ARG A 276 12.88 16.08 -17.12
N TYR A 277 11.66 16.62 -17.06
CA TYR A 277 11.11 17.21 -15.82
C TYR A 277 9.79 16.56 -15.49
N GLU A 278 9.64 16.15 -14.24
CA GLU A 278 8.37 15.53 -13.80
C GLU A 278 7.62 16.62 -13.05
N VAL A 279 6.39 16.83 -13.47
CA VAL A 279 5.50 17.89 -12.94
C VAL A 279 4.28 17.22 -12.29
N VAL A 280 3.76 17.77 -11.20
CA VAL A 280 2.38 17.47 -10.71
C VAL A 280 1.50 18.70 -10.99
N PHE A 281 0.47 18.47 -11.80
CA PHE A 281 -0.57 19.48 -12.10
C PHE A 281 -1.87 19.06 -11.38
N ASP A 282 -2.48 20.05 -10.73
CA ASP A 282 -3.75 19.88 -9.98
C ASP A 282 -4.85 20.50 -10.83
N PHE A 283 -5.62 19.65 -11.50
CA PHE A 283 -6.83 20.06 -12.27
C PHE A 283 -8.02 20.36 -11.33
N SER A 284 -7.93 20.15 -10.00
CA SER A 284 -9.11 20.13 -9.09
C SER A 284 -9.82 21.50 -9.07
N ASP A 285 -9.08 22.61 -9.14
CA ASP A 285 -9.61 24.00 -9.27
C ASP A 285 -10.19 24.32 -10.65
N TYR A 286 -10.29 23.37 -11.59
CA TYR A 286 -10.62 23.69 -13.01
C TYR A 286 -11.63 22.67 -13.54
N ALA A 287 -12.37 22.09 -12.61
CA ALA A 287 -13.56 21.28 -12.91
C ALA A 287 -14.37 22.03 -13.97
N GLY A 288 -14.60 21.38 -15.11
CA GLY A 288 -15.48 21.87 -16.20
C GLY A 288 -14.73 22.62 -17.29
N LYS A 289 -13.41 22.83 -17.12
CA LYS A 289 -12.62 23.74 -18.00
C LYS A 289 -11.75 22.93 -18.99
N THR A 290 -11.32 23.63 -20.05
CA THR A 290 -10.17 23.21 -20.89
C THR A 290 -8.93 24.00 -20.45
N ILE A 291 -7.88 23.30 -20.01
CA ILE A 291 -6.53 23.85 -19.72
C ILE A 291 -5.67 23.61 -20.97
N GLU A 292 -5.13 24.64 -21.55
CA GLU A 292 -4.24 24.42 -22.70
C GLU A 292 -2.80 24.40 -22.21
N LEU A 293 -2.04 23.37 -22.56
CA LEU A 293 -0.56 23.41 -22.37
C LEU A 293 0.01 24.28 -23.49
N ARG A 294 0.75 25.32 -23.15
CA ARG A 294 1.31 26.25 -24.15
C ARG A 294 2.83 26.37 -24.07
N ASN A 295 3.42 26.98 -25.12
CA ASN A 295 4.86 27.24 -25.29
C ASN A 295 5.12 28.76 -25.50
N LEU A 296 6.04 29.28 -24.69
CA LEU A 296 6.50 30.69 -24.67
C LEU A 296 7.06 30.98 -26.06
N GLY A 297 6.66 32.10 -26.66
CA GLY A 297 7.11 32.59 -27.98
C GLY A 297 8.30 33.50 -27.79
N GLY A 298 8.71 34.21 -28.84
CA GLY A 298 9.89 35.09 -28.78
C GLY A 298 11.15 34.30 -28.53
N SER A 299 11.26 33.11 -29.17
CA SER A 299 12.35 32.13 -29.00
C SER A 299 12.54 31.91 -27.50
N ILE A 300 11.57 31.24 -26.89
CA ILE A 300 11.58 30.89 -25.44
C ILE A 300 12.00 32.16 -24.69
N GLY A 301 11.27 33.25 -24.94
CA GLY A 301 11.34 34.47 -24.11
C GLY A 301 12.72 35.08 -24.14
N GLY A 302 13.40 35.05 -25.29
CA GLY A 302 14.78 35.59 -25.44
C GLY A 302 15.91 34.73 -24.87
N ILE A 303 15.63 33.52 -24.37
CA ILE A 303 16.66 32.56 -23.90
C ILE A 303 17.24 31.80 -25.09
N GLY A 304 16.42 31.58 -26.12
CA GLY A 304 16.82 30.78 -27.28
C GLY A 304 16.82 31.58 -28.56
N THR A 305 16.98 30.85 -29.69
CA THR A 305 17.00 31.38 -31.09
C THR A 305 15.90 30.69 -31.91
N ASP A 306 15.17 29.75 -31.31
CA ASP A 306 14.22 28.89 -32.07
C ASP A 306 13.25 29.79 -32.81
N THR A 307 12.97 29.44 -34.05
CA THR A 307 11.92 30.04 -34.91
C THR A 307 10.58 29.59 -34.32
N ASP A 308 9.68 30.54 -34.12
CA ASP A 308 8.29 30.25 -33.74
C ASP A 308 7.40 30.33 -34.98
N TYR A 309 6.36 29.49 -35.00
CA TYR A 309 5.40 29.35 -36.12
C TYR A 309 3.98 29.60 -35.58
N ASP A 310 2.98 29.61 -36.46
CA ASP A 310 1.57 29.95 -36.14
C ASP A 310 1.10 29.16 -34.92
N ASN A 311 1.50 27.89 -34.81
CA ASN A 311 0.92 26.97 -33.80
C ASN A 311 1.97 26.38 -32.86
N THR A 312 3.22 26.85 -32.82
CA THR A 312 4.24 26.29 -31.86
C THR A 312 4.04 26.82 -30.42
N ASP A 313 3.12 27.77 -30.21
CA ASP A 313 2.68 28.23 -28.86
C ASP A 313 1.67 27.28 -28.23
N LYS A 314 1.23 26.25 -28.98
CA LYS A 314 0.20 25.28 -28.56
C LYS A 314 0.82 23.89 -28.46
N VAL A 315 0.63 23.21 -27.35
CA VAL A 315 1.12 21.80 -27.21
C VAL A 315 -0.09 20.86 -27.29
N MET A 316 -1.04 20.95 -26.36
CA MET A 316 -2.21 20.04 -26.31
C MET A 316 -3.25 20.61 -25.35
N ARG A 317 -4.43 20.00 -25.29
CA ARG A 317 -5.54 20.45 -24.39
C ARG A 317 -5.97 19.34 -23.43
N PHE A 318 -6.26 19.75 -22.20
CA PHE A 318 -6.82 18.92 -21.09
C PHE A 318 -8.27 19.35 -20.89
N VAL A 319 -9.23 18.51 -21.27
CA VAL A 319 -10.70 18.71 -21.03
C VAL A 319 -11.06 18.14 -19.64
N VAL A 320 -11.21 18.99 -18.62
CA VAL A 320 -11.36 18.57 -17.18
C VAL A 320 -12.83 18.27 -16.86
N ALA A 321 -13.10 17.03 -16.44
CA ALA A 321 -14.42 16.51 -16.06
C ALA A 321 -14.90 17.21 -14.77
N ASP A 322 -16.21 17.15 -14.50
CA ASP A 322 -16.88 17.87 -13.38
C ASP A 322 -16.47 17.24 -12.04
N ASP A 323 -16.12 15.95 -12.07
CA ASP A 323 -15.88 15.16 -10.85
C ASP A 323 -14.86 14.06 -11.09
N THR A 324 -14.19 13.63 -10.00
CA THR A 324 -13.38 12.38 -9.92
C THR A 324 -14.33 11.16 -9.88
N THR A 325 -13.85 10.00 -10.29
CA THR A 325 -14.57 8.71 -10.17
C THR A 325 -14.61 8.30 -8.71
N GLN A 326 -13.49 8.53 -8.03
CA GLN A 326 -13.26 8.23 -6.60
C GLN A 326 -12.23 9.23 -6.10
N PRO A 327 -12.09 9.40 -4.77
CA PRO A 327 -11.22 10.44 -4.22
C PRO A 327 -9.78 10.31 -4.74
N ASP A 328 -9.20 11.48 -4.97
CA ASP A 328 -7.73 11.67 -5.11
C ASP A 328 -7.10 11.55 -3.73
N THR A 329 -6.39 10.44 -3.51
CA THR A 329 -5.64 10.17 -2.25
C THR A 329 -4.13 10.46 -2.36
N SER A 330 -3.66 10.91 -3.53
CA SER A 330 -2.23 11.22 -3.73
C SER A 330 -1.91 12.55 -3.05
N VAL A 331 -0.63 12.74 -2.71
CA VAL A 331 -0.05 14.03 -2.22
C VAL A 331 1.26 14.37 -2.94
N VAL A 332 1.86 15.49 -2.57
CA VAL A 332 3.21 15.90 -3.04
C VAL A 332 3.96 16.37 -1.82
N PRO A 333 4.76 15.52 -1.17
CA PRO A 333 5.43 15.93 0.05
C PRO A 333 6.40 17.10 -0.17
N ALA A 334 6.49 17.94 0.85
CA ALA A 334 7.42 19.08 0.88
C ALA A 334 8.84 18.52 0.80
N ASN A 335 9.04 17.30 1.29
CA ASN A 335 10.39 16.67 1.34
C ASN A 335 10.33 15.37 0.57
N LEU A 336 11.00 15.29 -0.59
CA LEU A 336 10.88 14.10 -1.48
C LEU A 336 12.04 13.14 -1.22
N ARG A 337 13.28 13.64 -1.09
CA ARG A 337 14.47 12.77 -0.88
C ARG A 337 15.68 13.63 -0.55
N ASP A 338 16.70 13.03 0.08
CA ASP A 338 18.09 13.54 0.14
C ASP A 338 18.77 13.26 -1.21
N VAL A 339 19.07 14.32 -1.94
CA VAL A 339 19.73 14.23 -3.28
C VAL A 339 21.20 13.92 -3.05
N PRO A 340 21.74 12.86 -3.66
CA PRO A 340 23.16 12.53 -3.47
C PRO A 340 24.06 13.44 -4.31
N PHE A 341 24.13 14.72 -3.91
CA PHE A 341 24.97 15.76 -4.54
C PHE A 341 26.44 15.38 -4.42
N PRO A 342 27.29 15.74 -5.40
CA PRO A 342 28.68 15.34 -5.32
C PRO A 342 29.32 16.16 -4.19
N SER A 343 30.38 15.65 -3.56
CA SER A 343 31.20 16.45 -2.61
C SER A 343 31.83 17.63 -3.35
N PRO A 344 31.54 18.90 -2.95
CA PRO A 344 32.12 20.06 -3.62
C PRO A 344 33.67 20.08 -3.72
N THR A 345 34.17 20.49 -4.89
CA THR A 345 35.61 20.57 -5.21
C THR A 345 35.99 22.05 -5.30
N THR A 346 37.23 22.37 -4.99
CA THR A 346 37.86 23.71 -5.17
C THR A 346 38.86 23.65 -6.33
N ASN A 347 39.16 22.45 -6.85
CA ASN A 347 39.98 22.26 -8.07
C ASN A 347 39.44 23.15 -9.19
N THR A 348 40.36 23.70 -9.98
CA THR A 348 40.03 24.73 -10.99
C THR A 348 39.24 24.02 -12.08
N PRO A 349 38.10 24.57 -12.54
CA PRO A 349 37.27 23.88 -13.52
C PRO A 349 37.93 23.68 -14.89
N ARG A 350 37.55 22.64 -15.64
CA ARG A 350 37.83 22.61 -17.10
C ARG A 350 36.83 23.48 -17.87
N GLN A 351 37.30 23.99 -19.00
CA GLN A 351 36.53 24.84 -19.92
C GLN A 351 36.27 24.07 -21.21
N PHE A 352 35.00 24.08 -21.64
CA PHE A 352 34.51 23.53 -22.93
C PHE A 352 33.65 24.65 -23.55
N ARG A 353 34.04 25.02 -24.76
CA ARG A 353 33.44 26.11 -25.56
CA ARG A 353 33.47 26.11 -25.57
C ARG A 353 32.72 25.50 -26.76
N PHE A 354 31.42 25.72 -26.80
CA PHE A 354 30.47 25.17 -27.78
C PHE A 354 30.21 26.24 -28.82
N GLY A 355 30.78 26.11 -30.00
CA GLY A 355 30.71 27.13 -31.04
C GLY A 355 30.93 26.50 -32.39
N ARG A 356 31.50 27.30 -33.30
CA ARG A 356 31.66 26.96 -34.72
C ARG A 356 33.12 27.12 -35.12
N THR A 357 33.53 26.26 -36.05
CA THR A 357 34.82 26.28 -36.78
C THR A 357 34.40 26.14 -38.25
N GLY A 358 34.22 27.29 -38.91
CA GLY A 358 33.63 27.40 -40.26
C GLY A 358 32.19 26.86 -40.31
N PRO A 359 31.94 25.79 -41.09
CA PRO A 359 30.56 25.28 -41.26
C PRO A 359 30.16 24.26 -40.18
N THR A 360 31.09 23.90 -39.31
CA THR A 360 30.99 22.77 -38.36
C THR A 360 30.77 23.27 -36.90
N TRP A 361 29.77 22.70 -36.23
CA TRP A 361 29.59 22.90 -34.76
C TRP A 361 30.63 22.07 -34.03
N THR A 362 31.36 22.71 -33.10
CA THR A 362 32.55 22.12 -32.39
C THR A 362 32.52 22.35 -30.89
N ILE A 363 33.31 21.55 -30.18
CA ILE A 363 33.68 21.73 -28.74
C ILE A 363 35.16 22.08 -28.76
N ASN A 364 35.58 23.24 -28.24
CA ASN A 364 37.02 23.65 -28.22
C ASN A 364 37.64 23.57 -29.63
N GLY A 365 36.85 23.88 -30.65
CA GLY A 365 37.29 23.84 -32.06
C GLY A 365 37.61 22.44 -32.57
N VAL A 366 37.06 21.42 -31.94
CA VAL A 366 37.24 20.00 -32.37
C VAL A 366 35.89 19.40 -32.73
N ALA A 367 35.89 18.60 -33.82
CA ALA A 367 34.75 17.83 -34.38
C ALA A 367 34.90 16.37 -33.95
N PHE A 368 33.79 15.71 -33.67
CA PHE A 368 33.83 14.36 -33.10
C PHE A 368 34.54 13.43 -34.09
N ALA A 369 34.39 13.65 -35.40
CA ALA A 369 35.00 12.75 -36.43
C ALA A 369 36.53 12.79 -36.36
N ASP A 370 37.09 13.88 -35.82
CA ASP A 370 38.55 14.11 -35.65
C ASP A 370 39.00 13.30 -34.44
N VAL A 371 39.09 12.00 -34.63
CA VAL A 371 39.46 10.99 -33.59
C VAL A 371 40.73 11.42 -32.84
N GLN A 372 41.74 11.88 -33.56
CA GLN A 372 43.02 12.38 -33.01
C GLN A 372 42.82 13.35 -31.82
N ASN A 373 41.77 14.17 -31.89
CA ASN A 373 41.70 15.45 -31.17
C ASN A 373 40.51 15.48 -30.20
N ARG A 374 39.61 14.50 -30.28
CA ARG A 374 38.25 14.56 -29.71
C ARG A 374 38.25 14.08 -28.26
N LEU A 375 39.27 13.35 -27.77
CA LEU A 375 39.34 12.95 -26.34
C LEU A 375 39.82 14.15 -25.54
N LEU A 376 38.91 14.90 -24.93
CA LEU A 376 39.24 16.24 -24.38
C LEU A 376 39.54 16.13 -22.88
N ALA A 377 39.34 15.00 -22.21
CA ALA A 377 39.67 14.93 -20.76
C ALA A 377 39.87 13.50 -20.25
N ASN A 378 40.82 13.37 -19.32
CA ASN A 378 41.12 12.14 -18.56
C ASN A 378 40.83 12.44 -17.09
N VAL A 379 39.86 11.73 -16.55
CA VAL A 379 39.38 11.94 -15.17
C VAL A 379 39.56 10.63 -14.43
N PRO A 380 40.37 10.57 -13.36
CA PRO A 380 40.43 9.37 -12.52
C PRO A 380 39.05 9.07 -11.88
N VAL A 381 38.57 7.83 -12.01
CA VAL A 381 37.30 7.34 -11.39
C VAL A 381 37.36 7.73 -9.90
N GLY A 382 36.27 8.31 -9.41
CA GLY A 382 36.16 8.82 -8.04
C GLY A 382 36.26 10.31 -8.02
N THR A 383 36.84 10.95 -9.03
CA THR A 383 37.16 12.39 -8.97
C THR A 383 35.86 13.19 -9.06
N VAL A 384 35.77 14.27 -8.31
CA VAL A 384 34.73 15.31 -8.55
C VAL A 384 35.39 16.41 -9.35
N GLU A 385 34.72 16.90 -10.38
CA GLU A 385 35.22 17.95 -11.31
C GLU A 385 34.06 18.90 -11.67
N ARG A 386 34.41 20.17 -11.74
CA ARG A 386 33.57 21.26 -12.29
C ARG A 386 33.98 21.43 -13.75
N TRP A 387 33.02 21.29 -14.68
CA TRP A 387 33.15 21.75 -16.07
C TRP A 387 32.37 23.04 -16.25
N GLU A 388 33.04 24.05 -16.81
CA GLU A 388 32.46 25.34 -17.23
C GLU A 388 32.14 25.22 -18.72
N LEU A 389 30.84 25.06 -19.01
CA LEU A 389 30.19 24.91 -20.34
C LEU A 389 29.83 26.32 -20.80
N ILE A 390 30.49 26.77 -21.87
CA ILE A 390 30.52 28.17 -22.40
C ILE A 390 29.83 28.23 -23.77
N ASN A 391 28.76 29.01 -23.88
CA ASN A 391 28.18 29.43 -25.18
C ASN A 391 28.45 30.92 -25.25
N ALA A 392 29.45 31.34 -26.06
CA ALA A 392 29.83 32.75 -26.30
C ALA A 392 28.86 33.39 -27.30
N GLY A 393 28.06 32.56 -27.99
CA GLY A 393 27.29 32.93 -29.19
C GLY A 393 25.95 33.51 -28.82
N ASN A 394 25.45 34.42 -29.66
CA ASN A 394 24.06 34.95 -29.52
C ASN A 394 23.13 34.19 -30.48
N GLY A 395 23.66 33.52 -31.50
CA GLY A 395 22.85 32.96 -32.60
C GLY A 395 22.64 31.45 -32.53
N TRP A 396 23.07 30.80 -31.44
CA TRP A 396 22.85 29.35 -31.18
C TRP A 396 22.68 29.13 -29.67
N THR A 397 21.92 28.09 -29.30
CA THR A 397 21.80 27.58 -27.91
C THR A 397 22.10 26.08 -27.88
N HIS A 398 22.60 25.61 -26.73
CA HIS A 398 23.27 24.27 -26.66
C HIS A 398 22.93 23.62 -25.35
N PRO A 399 21.99 22.66 -25.38
CA PRO A 399 21.75 21.78 -24.24
C PRO A 399 22.84 20.69 -24.18
N ILE A 400 23.71 20.82 -23.18
CA ILE A 400 24.90 19.95 -23.10
C ILE A 400 24.55 18.75 -22.26
N HIS A 401 24.81 17.58 -22.83
CA HIS A 401 24.72 16.24 -22.22
C HIS A 401 26.12 15.68 -21.93
N ILE A 402 26.37 15.26 -20.68
CA ILE A 402 27.53 14.41 -20.29
C ILE A 402 27.02 13.00 -19.99
N HIS A 403 27.52 11.98 -20.70
CA HIS A 403 27.22 10.56 -20.42
C HIS A 403 27.83 10.19 -19.06
N LEU A 404 27.39 9.06 -18.47
CA LEU A 404 27.87 8.40 -17.22
C LEU A 404 27.28 9.10 -16.00
N VAL A 405 27.47 10.41 -15.89
CA VAL A 405 27.37 11.11 -14.59
C VAL A 405 25.96 11.69 -14.40
N ASP A 406 25.68 12.03 -13.15
CA ASP A 406 24.64 13.01 -12.75
C ASP A 406 25.42 14.22 -12.27
N PHE A 407 25.01 15.45 -12.60
CA PHE A 407 25.70 16.68 -12.12
C PHE A 407 24.74 17.66 -11.43
N LYS A 408 25.33 18.49 -10.58
CA LYS A 408 24.69 19.68 -9.97
C LYS A 408 25.04 20.90 -10.82
N VAL A 409 24.03 21.65 -11.26
CA VAL A 409 24.20 22.97 -11.91
C VAL A 409 24.66 23.92 -10.81
N ILE A 410 25.93 24.32 -10.81
CA ILE A 410 26.52 25.20 -9.76
C ILE A 410 26.17 26.66 -10.06
N SER A 411 26.12 27.07 -11.33
CA SER A 411 25.98 28.50 -11.68
C SER A 411 25.65 28.64 -13.18
N ARG A 412 24.87 29.68 -13.51
CA ARG A 412 24.64 30.17 -14.89
C ARG A 412 24.88 31.69 -14.90
N THR A 413 25.75 32.17 -15.79
CA THR A 413 25.84 33.60 -16.24
C THR A 413 25.21 33.74 -17.63
N SER A 414 24.69 34.93 -17.94
CA SER A 414 24.04 35.28 -19.22
C SER A 414 24.56 36.65 -19.77
N GLY A 415 25.21 36.68 -20.94
CA GLY A 415 25.59 37.96 -21.59
C GLY A 415 24.40 38.82 -22.01
N ASN A 416 23.16 38.31 -21.96
CA ASN A 416 21.96 39.17 -22.16
C ASN A 416 21.25 39.36 -20.82
N ASN A 417 21.91 38.97 -19.72
CA ASN A 417 21.45 39.28 -18.34
C ASN A 417 20.03 38.73 -18.11
N ALA A 418 19.75 37.53 -18.63
CA ALA A 418 18.37 37.03 -18.87
C ALA A 418 17.91 36.16 -17.69
N ARG A 419 18.81 35.39 -17.09
CA ARG A 419 18.50 34.45 -16.01
C ARG A 419 19.81 33.94 -15.39
N THR A 420 19.66 33.25 -14.26
CA THR A 420 20.73 32.50 -13.59
C THR A 420 20.23 31.06 -13.51
N VAL A 421 20.54 30.36 -12.42
CA VAL A 421 20.12 28.96 -12.12
C VAL A 421 18.62 28.96 -11.80
N MET A 422 17.83 27.98 -12.32
CA MET A 422 16.35 27.91 -12.16
C MET A 422 16.03 27.00 -10.97
N PRO A 423 14.91 27.23 -10.28
CA PRO A 423 14.63 26.47 -9.08
C PRO A 423 14.60 24.98 -9.37
N TYR A 424 14.15 24.55 -10.55
CA TYR A 424 13.98 23.11 -10.91
C TYR A 424 15.32 22.47 -11.36
N GLU A 425 16.37 23.28 -11.47
CA GLU A 425 17.80 22.85 -11.60
C GLU A 425 18.46 22.72 -10.19
N SER A 426 17.70 22.58 -9.11
CA SER A 426 18.24 22.55 -7.73
C SER A 426 18.81 21.16 -7.39
N GLY A 427 18.54 20.15 -8.22
CA GLY A 427 18.89 18.74 -7.95
C GLY A 427 20.01 18.24 -8.84
N LEU A 428 19.83 17.04 -9.39
CA LEU A 428 20.83 16.37 -10.23
C LEU A 428 20.24 16.18 -11.63
N LYS A 429 21.09 16.41 -12.62
CA LYS A 429 20.68 16.55 -14.02
C LYS A 429 21.78 15.90 -14.86
N ASP A 430 21.52 15.62 -16.14
CA ASP A 430 22.57 15.07 -17.05
C ASP A 430 22.59 15.88 -18.34
N VAL A 431 21.62 16.77 -18.52
CA VAL A 431 21.57 17.83 -19.56
C VAL A 431 21.44 19.19 -18.89
N VAL A 432 22.16 20.21 -19.37
CA VAL A 432 21.92 21.62 -18.96
C VAL A 432 21.95 22.57 -20.17
N TRP A 433 20.96 23.46 -20.25
CA TRP A 433 20.71 24.33 -21.43
C TRP A 433 21.55 25.61 -21.33
N LEU A 434 22.49 25.78 -22.29
CA LEU A 434 23.19 27.06 -22.53
C LEU A 434 22.33 27.85 -23.51
N GLY A 435 21.52 28.76 -22.99
CA GLY A 435 20.81 29.74 -23.82
C GLY A 435 21.80 30.72 -24.43
N ARG A 436 21.29 31.70 -25.18
CA ARG A 436 22.12 32.79 -25.76
C ARG A 436 23.13 33.33 -24.73
N ARG A 437 24.42 33.21 -25.06
CA ARG A 437 25.55 33.90 -24.37
C ARG A 437 25.61 33.39 -22.92
N GLU A 438 25.23 32.13 -22.70
CA GLU A 438 25.14 31.55 -21.35
C GLU A 438 26.33 30.67 -21.12
N THR A 439 26.94 30.82 -19.95
CA THR A 439 27.96 29.94 -19.36
C THR A 439 27.37 29.26 -18.11
N VAL A 440 27.51 27.95 -18.01
CA VAL A 440 26.99 27.16 -16.86
C VAL A 440 28.12 26.32 -16.34
N VAL A 441 28.39 26.37 -15.03
CA VAL A 441 29.33 25.42 -14.36
C VAL A 441 28.46 24.30 -13.78
N VAL A 442 28.81 23.07 -14.13
CA VAL A 442 28.25 21.82 -13.53
C VAL A 442 29.34 21.18 -12.70
N GLU A 443 28.91 20.36 -11.72
CA GLU A 443 29.79 19.62 -10.80
C GLU A 443 29.31 18.15 -10.80
N ALA A 444 30.24 17.26 -11.12
CA ALA A 444 29.93 15.82 -11.18
C ALA A 444 31.03 15.00 -10.51
N HIS A 445 30.57 13.93 -9.86
CA HIS A 445 31.33 12.72 -9.48
C HIS A 445 31.44 11.73 -10.66
N TYR A 446 32.63 11.67 -11.27
CA TYR A 446 33.01 10.76 -12.39
C TYR A 446 33.24 9.34 -11.83
N ALA A 447 32.11 8.65 -11.70
CA ALA A 447 31.96 7.38 -10.97
C ALA A 447 30.64 6.72 -11.37
N PRO A 448 30.49 5.40 -11.17
CA PRO A 448 31.58 4.55 -10.63
C PRO A 448 32.40 3.69 -11.60
N PHE A 449 32.14 3.77 -12.90
CA PHE A 449 32.74 2.83 -13.88
C PHE A 449 33.81 3.56 -14.71
N PRO A 450 34.98 2.90 -14.93
CA PRO A 450 35.94 3.41 -15.90
C PRO A 450 35.38 3.12 -17.29
N GLY A 451 35.73 3.99 -18.24
CA GLY A 451 35.36 3.84 -19.64
C GLY A 451 35.52 5.13 -20.40
N VAL A 452 35.59 5.01 -21.70
CA VAL A 452 35.48 6.15 -22.65
C VAL A 452 34.00 6.36 -22.92
N TYR A 453 33.57 7.62 -22.78
CA TYR A 453 32.16 8.08 -22.75
C TYR A 453 32.07 9.37 -23.55
N MET A 454 30.86 9.69 -24.02
CA MET A 454 30.59 10.85 -24.89
C MET A 454 30.08 12.02 -24.05
N PHE A 455 30.31 13.21 -24.58
CA PHE A 455 29.56 14.39 -24.15
C PHE A 455 29.41 15.27 -25.37
N HIS A 456 28.33 16.04 -25.37
CA HIS A 456 27.93 16.77 -26.59
C HIS A 456 26.72 17.66 -26.35
N CYS A 457 26.40 18.42 -27.38
CA CYS A 457 25.15 19.16 -27.51
C CYS A 457 24.06 18.17 -27.96
N HIS A 458 22.81 18.33 -27.48
CA HIS A 458 21.67 17.42 -27.78
C HIS A 458 20.68 18.09 -28.72
N ASN A 459 20.95 19.31 -29.23
CA ASN A 459 20.49 19.73 -30.58
C ASN A 459 21.08 18.75 -31.62
N LEU A 460 20.28 17.84 -32.15
CA LEU A 460 20.81 16.65 -32.84
C LEU A 460 21.47 17.09 -34.14
N ILE A 461 21.02 18.22 -34.72
CA ILE A 461 21.68 18.84 -35.91
C ILE A 461 23.14 19.13 -35.53
N HIS A 462 23.39 19.82 -34.43
CA HIS A 462 24.73 20.25 -33.98
C HIS A 462 25.57 19.00 -33.64
N GLU A 463 24.99 18.07 -32.88
CA GLU A 463 25.62 16.78 -32.49
C GLU A 463 26.19 16.13 -33.75
N ASP A 464 25.42 16.07 -34.85
CA ASP A 464 25.73 15.30 -36.07
C ASP A 464 26.77 16.02 -36.91
N HIS A 465 26.95 17.33 -36.73
CA HIS A 465 27.85 18.19 -37.55
C HIS A 465 28.53 19.31 -36.75
N ASP A 466 29.38 19.03 -35.74
CA ASP A 466 29.75 17.72 -35.25
C ASP A 466 30.18 17.94 -33.77
N MET A 467 29.28 18.53 -32.99
CA MET A 467 29.53 19.09 -31.64
C MET A 467 29.43 17.96 -30.60
N MET A 468 30.37 17.03 -30.67
CA MET A 468 30.49 15.90 -29.72
C MET A 468 31.98 15.68 -29.43
N ALA A 469 32.31 15.15 -28.26
CA ALA A 469 33.70 14.81 -27.86
C ALA A 469 33.63 13.67 -26.82
N ALA A 470 34.75 13.30 -26.23
CA ALA A 470 34.89 12.09 -25.39
C ALA A 470 35.69 12.49 -24.16
N PHE A 471 35.40 11.83 -23.05
CA PHE A 471 36.27 11.80 -21.87
C PHE A 471 36.58 10.34 -21.51
N ASN A 472 37.70 10.13 -20.86
CA ASN A 472 38.09 8.80 -20.36
C ASN A 472 38.02 8.86 -18.84
N ALA A 473 37.10 8.13 -18.23
CA ALA A 473 37.05 7.95 -16.76
C ALA A 473 38.02 6.79 -16.44
N THR A 474 39.17 7.10 -15.82
CA THR A 474 40.41 6.27 -15.86
C THR A 474 40.64 5.54 -14.54
N VAL A 475 41.34 4.41 -14.66
CA VAL A 475 41.82 3.60 -13.52
C VAL A 475 43.19 3.06 -13.87
N LEU A 476 43.90 2.68 -12.82
CA LEU A 476 45.22 2.04 -12.90
C LEU A 476 44.99 0.54 -13.13
N PRO A 477 45.94 -0.14 -13.80
CA PRO A 477 45.77 -1.55 -14.17
C PRO A 477 45.42 -2.50 -13.01
N ASP A 478 45.86 -2.21 -11.78
CA ASP A 478 45.50 -2.93 -10.52
C ASP A 478 44.03 -2.74 -10.06
N TYR A 479 43.19 -1.97 -10.76
CA TYR A 479 41.77 -1.71 -10.36
C TYR A 479 40.96 -3.03 -10.34
N GLY A 480 41.25 -3.91 -11.31
CA GLY A 480 40.46 -5.12 -11.62
C GLY A 480 39.05 -4.79 -12.06
N TYR A 481 38.07 -5.48 -11.47
CA TYR A 481 36.64 -5.57 -11.90
C TYR A 481 36.56 -5.79 -13.41
N ASN A 482 37.47 -6.59 -13.98
CA ASN A 482 37.49 -6.82 -15.44
C ASN A 482 37.50 -5.49 -16.22
N ALA A 483 38.04 -4.41 -15.68
CA ALA A 483 38.05 -3.08 -16.36
C ALA A 483 38.62 -3.22 -17.78
N THR A 484 39.61 -4.09 -18.01
CA THR A 484 40.23 -4.25 -19.35
C THR A 484 39.17 -4.62 -20.40
N VAL A 485 38.02 -5.22 -20.09
CA VAL A 485 37.08 -5.55 -21.22
C VAL A 485 35.91 -4.58 -21.25
N PHE A 486 35.84 -3.60 -20.35
CA PHE A 486 34.67 -2.69 -20.27
C PHE A 486 35.04 -1.22 -20.53
N VAL A 487 36.34 -0.86 -20.68
CA VAL A 487 36.79 0.56 -20.91
C VAL A 487 36.65 0.97 -22.39
N ASP A 488 36.86 0.05 -23.34
CA ASP A 488 36.79 0.39 -24.78
C ASP A 488 35.38 0.14 -25.31
N PRO A 489 34.63 1.17 -25.77
CA PRO A 489 33.27 0.93 -26.23
C PRO A 489 33.18 -0.09 -27.37
N MET A 490 34.26 -0.29 -28.14
CA MET A 490 34.22 -1.07 -29.40
C MET A 490 34.76 -2.48 -29.13
N GLU A 491 34.94 -2.85 -27.86
CA GLU A 491 35.38 -4.21 -27.46
C GLU A 491 34.58 -5.26 -28.25
N GLU A 492 35.35 -6.13 -28.90
CA GLU A 492 34.90 -7.25 -29.76
C GLU A 492 33.78 -8.04 -29.04
N LEU A 493 33.98 -8.38 -27.78
CA LEU A 493 33.04 -9.23 -27.00
C LEU A 493 31.64 -8.65 -27.08
N TRP A 494 31.47 -7.32 -27.13
CA TRP A 494 30.12 -6.72 -26.98
C TRP A 494 29.62 -6.12 -28.29
N GLN A 495 30.32 -6.41 -29.39
CA GLN A 495 29.95 -5.91 -30.73
C GLN A 495 28.67 -6.59 -31.19
N ALA A 496 27.95 -5.89 -32.05
CA ALA A 496 26.81 -6.44 -32.81
C ALA A 496 27.26 -7.76 -33.42
N ARG A 497 26.29 -8.66 -33.63
CA ARG A 497 26.43 -9.95 -34.36
C ARG A 497 25.40 -9.95 -35.47
N PRO A 498 25.66 -10.61 -36.60
CA PRO A 498 24.60 -10.84 -37.58
C PRO A 498 23.63 -11.94 -37.13
N TYR A 499 22.44 -11.88 -37.70
CA TYR A 499 21.33 -12.85 -37.57
C TYR A 499 20.58 -12.94 -38.91
N GLU A 500 19.71 -13.94 -39.03
CA GLU A 500 18.83 -14.12 -40.21
C GLU A 500 17.41 -13.93 -39.73
N LEU A 501 16.55 -13.33 -40.57
CA LEU A 501 15.17 -12.92 -40.22
C LEU A 501 14.38 -14.15 -39.71
N GLY A 502 14.63 -15.31 -40.36
CA GLY A 502 13.97 -16.59 -40.06
C GLY A 502 14.27 -17.09 -38.66
N GLU A 503 15.53 -17.02 -38.22
CA GLU A 503 16.00 -17.29 -36.83
C GLU A 503 15.20 -16.43 -35.84
N PHE A 504 14.99 -15.15 -36.16
CA PHE A 504 14.35 -14.18 -35.24
C PHE A 504 12.86 -14.49 -35.11
N GLN A 505 12.14 -14.73 -36.23
CA GLN A 505 10.66 -14.95 -36.25
C GLN A 505 10.28 -16.31 -35.68
N ALA A 506 11.14 -17.30 -35.84
CA ALA A 506 10.94 -18.71 -35.42
C ALA A 506 11.47 -18.94 -33.99
N GLN A 507 12.32 -18.03 -33.47
CA GLN A 507 12.87 -18.03 -32.10
C GLN A 507 13.80 -19.23 -31.96
N SER A 508 14.68 -19.35 -32.96
CA SER A 508 15.62 -20.48 -33.18
C SER A 508 17.03 -19.94 -33.40
N GLY A 509 18.02 -20.84 -33.49
CA GLY A 509 19.44 -20.52 -33.42
C GLY A 509 19.80 -19.66 -32.23
N GLN A 510 20.31 -18.47 -32.55
CA GLN A 510 20.70 -17.36 -31.64
C GLN A 510 19.55 -16.87 -30.76
N PHE A 511 18.30 -17.05 -31.22
CA PHE A 511 17.07 -16.67 -30.48
C PHE A 511 16.40 -17.88 -29.83
N SER A 512 17.01 -19.08 -29.78
CA SER A 512 16.46 -20.19 -28.95
C SER A 512 16.47 -19.72 -27.50
N VAL A 513 15.56 -20.23 -26.67
CA VAL A 513 15.62 -19.99 -25.20
C VAL A 513 17.04 -20.32 -24.74
N GLN A 514 17.55 -21.45 -25.25
CA GLN A 514 18.84 -22.08 -24.83
C GLN A 514 19.99 -21.12 -25.15
N ALA A 515 20.05 -20.60 -26.39
CA ALA A 515 21.18 -19.73 -26.83
C ALA A 515 21.11 -18.43 -26.04
N VAL A 516 19.94 -17.79 -26.05
CA VAL A 516 19.70 -16.55 -25.27
C VAL A 516 20.13 -16.81 -23.83
N THR A 517 19.81 -17.97 -23.25
CA THR A 517 20.17 -18.24 -21.85
C THR A 517 21.70 -18.25 -21.72
N GLU A 518 22.38 -19.08 -22.52
CA GLU A 518 23.88 -19.25 -22.54
C GLU A 518 24.56 -17.88 -22.72
N ARG A 519 24.09 -17.11 -23.70
CA ARG A 519 24.70 -15.81 -24.07
C ARG A 519 24.62 -14.87 -22.87
N ILE A 520 23.50 -14.82 -22.17
CA ILE A 520 23.32 -13.80 -21.10
C ILE A 520 24.04 -14.24 -19.83
N GLN A 521 24.19 -15.56 -19.61
CA GLN A 521 24.86 -16.17 -18.43
C GLN A 521 26.36 -15.93 -18.56
N THR A 522 26.85 -16.04 -19.80
CA THR A 522 28.25 -15.72 -20.19
C THR A 522 28.52 -14.22 -19.92
N MET A 523 27.69 -13.33 -20.46
CA MET A 523 27.79 -11.88 -20.18
C MET A 523 27.87 -11.64 -18.67
N ALA A 524 27.02 -12.31 -17.90
CA ALA A 524 26.82 -12.00 -16.47
C ALA A 524 28.09 -12.33 -15.67
N GLU A 525 28.84 -13.37 -16.07
CA GLU A 525 30.06 -13.87 -15.38
CA GLU A 525 30.05 -13.84 -15.35
C GLU A 525 31.15 -12.78 -15.36
N TYR A 526 31.19 -11.88 -16.37
CA TYR A 526 32.18 -10.76 -16.45
C TYR A 526 31.86 -9.71 -15.38
N ARG A 527 30.65 -9.71 -14.86
CA ARG A 527 30.30 -8.87 -13.68
C ARG A 527 30.48 -7.39 -14.05
N PRO A 528 29.79 -6.88 -15.12
CA PRO A 528 29.97 -5.49 -15.56
C PRO A 528 29.73 -4.40 -14.48
N TYR A 529 28.83 -4.64 -13.55
CA TYR A 529 28.26 -3.58 -12.66
C TYR A 529 28.60 -3.86 -11.19
N ALA A 530 29.44 -4.85 -10.88
CA ALA A 530 29.84 -5.26 -9.51
C ALA A 530 30.30 -4.05 -8.71
N ALA A 531 31.15 -3.18 -9.27
CA ALA A 531 31.77 -2.05 -8.53
C ALA A 531 30.70 -1.09 -8.00
N ALA A 532 29.48 -1.15 -8.48
CA ALA A 532 28.41 -0.30 -7.94
C ALA A 532 27.80 -0.93 -6.67
N ASP A 533 27.73 -2.28 -6.59
CA ASP A 533 27.17 -3.08 -5.46
C ASP A 533 27.55 -2.30 -4.19
N GLU A 534 26.59 -2.12 -3.27
CA GLU A 534 26.73 -1.23 -2.07
C GLU A 534 26.29 -2.00 -0.82
N VAL B 1 33.03 -28.69 34.14
CA VAL B 1 33.42 -28.67 35.58
C VAL B 1 32.33 -27.98 36.41
N ALA B 2 32.41 -28.06 37.74
CA ALA B 2 31.37 -27.53 38.65
C ALA B 2 31.26 -26.01 38.47
N GLN B 3 30.02 -25.51 38.42
CA GLN B 3 29.69 -24.08 38.46
C GLN B 3 30.22 -23.48 39.77
N ILE B 4 30.85 -22.31 39.67
CA ILE B 4 31.44 -21.57 40.82
C ILE B 4 30.41 -20.53 41.28
N SER B 5 29.85 -19.73 40.37
CA SER B 5 28.80 -18.74 40.69
C SER B 5 27.67 -19.44 41.42
N PRO B 6 26.82 -18.70 42.18
CA PRO B 6 25.69 -19.30 42.90
C PRO B 6 24.71 -19.97 41.94
N GLN B 7 23.97 -20.97 42.43
CA GLN B 7 22.82 -21.61 41.74
C GLN B 7 21.87 -20.48 41.33
N TYR B 8 21.50 -20.41 40.05
CA TYR B 8 20.53 -19.44 39.51
C TYR B 8 19.23 -20.18 39.20
N PRO B 9 18.04 -19.51 39.33
CA PRO B 9 16.77 -20.10 38.92
C PRO B 9 16.67 -19.98 37.40
N MET B 10 17.13 -21.02 36.70
CA MET B 10 17.19 -21.11 35.22
C MET B 10 15.80 -20.88 34.64
N PHE B 11 15.70 -20.06 33.58
CA PHE B 11 14.54 -20.00 32.65
C PHE B 11 13.28 -19.44 33.33
N THR B 12 13.46 -18.57 34.36
CA THR B 12 12.35 -18.02 35.19
C THR B 12 12.08 -16.57 34.83
N VAL B 13 13.11 -15.81 34.44
CA VAL B 13 13.00 -14.35 34.19
C VAL B 13 12.85 -14.14 32.67
N PRO B 14 11.84 -13.39 32.17
CA PRO B 14 11.67 -13.20 30.72
C PRO B 14 12.87 -12.52 30.07
N LEU B 15 13.10 -12.75 28.77
CA LEU B 15 14.25 -12.13 28.03
C LEU B 15 14.01 -10.62 27.94
N PRO B 16 14.90 -9.81 28.53
CA PRO B 16 14.78 -8.38 28.37
C PRO B 16 15.12 -7.95 26.94
N ILE B 17 14.70 -6.75 26.57
CA ILE B 17 14.92 -6.12 25.24
C ILE B 17 15.50 -4.76 25.57
N PRO B 18 16.73 -4.44 25.13
CA PRO B 18 17.26 -3.11 25.35
C PRO B 18 16.30 -2.09 24.73
N PRO B 19 16.03 -0.94 25.40
CA PRO B 19 15.15 0.08 24.82
C PRO B 19 15.88 0.80 23.67
N VAL B 20 15.16 1.12 22.60
CA VAL B 20 15.62 2.04 21.51
C VAL B 20 16.14 3.35 22.14
N LYS B 21 17.31 3.82 21.70
CA LYS B 21 17.88 5.14 22.08
C LYS B 21 17.35 6.17 21.09
N GLN B 22 16.68 7.21 21.59
CA GLN B 22 16.12 8.29 20.76
C GLN B 22 17.15 9.42 20.64
N PRO B 23 17.29 10.08 19.48
CA PRO B 23 18.07 11.31 19.41
C PRO B 23 17.51 12.35 20.40
N ARG B 24 18.34 13.30 20.84
CA ARG B 24 17.94 14.42 21.74
C ARG B 24 17.27 15.47 20.86
N LEU B 25 17.91 15.77 19.72
CA LEU B 25 17.42 16.71 18.69
C LEU B 25 18.12 16.35 17.38
N THR B 26 17.72 16.98 16.27
CA THR B 26 18.37 16.89 14.94
C THR B 26 19.03 18.26 14.69
N VAL B 27 19.93 18.38 13.70
CA VAL B 27 20.77 19.58 13.49
C VAL B 27 21.11 19.67 12.01
N THR B 28 20.64 20.70 11.31
CA THR B 28 20.82 20.90 9.86
C THR B 28 22.31 20.87 9.56
N ASN B 29 22.66 20.31 8.41
CA ASN B 29 24.05 20.29 7.91
C ASN B 29 24.17 21.43 6.90
N PRO B 30 25.08 22.40 7.12
CA PRO B 30 25.27 23.49 6.18
C PRO B 30 25.69 23.02 4.78
N VAL B 31 26.43 21.90 4.69
CA VAL B 31 27.16 21.49 3.45
C VAL B 31 26.18 21.01 2.37
N ASN B 32 25.02 20.45 2.74
CA ASN B 32 24.17 19.65 1.80
C ASN B 32 22.67 19.81 2.03
N GLY B 33 22.23 20.16 3.25
CA GLY B 33 20.81 20.49 3.56
C GLY B 33 20.18 19.46 4.47
N GLN B 34 20.79 18.26 4.54
CA GLN B 34 20.33 17.03 5.26
C GLN B 34 20.48 17.20 6.78
N GLU B 35 19.63 16.53 7.58
CA GLU B 35 19.65 16.56 9.08
C GLU B 35 20.67 15.55 9.62
N ILE B 36 21.19 15.82 10.81
CA ILE B 36 22.18 14.98 11.53
C ILE B 36 21.54 14.62 12.88
N TRP B 37 21.37 13.35 13.21
CA TRP B 37 20.82 12.99 14.54
C TRP B 37 21.93 13.08 15.61
N TYR B 38 21.71 13.94 16.61
CA TYR B 38 22.57 14.13 17.80
C TYR B 38 21.97 13.32 18.95
N TYR B 39 22.82 12.52 19.57
CA TYR B 39 22.51 11.77 20.81
C TYR B 39 23.51 12.15 21.90
N GLU B 40 23.08 11.96 23.15
CA GLU B 40 23.88 12.12 24.39
C GLU B 40 23.73 10.83 25.19
N VAL B 41 24.85 10.15 25.42
CA VAL B 41 24.88 8.89 26.20
C VAL B 41 25.67 9.20 27.47
N GLU B 42 25.16 8.78 28.62
CA GLU B 42 25.86 9.02 29.90
C GLU B 42 26.46 7.70 30.38
N ILE B 43 27.78 7.58 30.31
CA ILE B 43 28.51 6.42 30.93
C ILE B 43 28.45 6.68 32.43
N LYS B 44 27.79 5.80 33.21
CA LYS B 44 27.65 5.98 34.67
C LYS B 44 27.54 4.65 35.39
N PRO B 45 27.97 4.55 36.68
CA PRO B 45 27.72 3.35 37.48
C PRO B 45 26.24 3.19 37.87
N PHE B 46 25.86 1.94 38.18
CA PHE B 46 24.50 1.50 38.58
C PHE B 46 24.61 0.09 39.20
N THR B 47 23.51 -0.42 39.72
CA THR B 47 23.45 -1.79 40.29
C THR B 47 22.26 -2.53 39.68
N HIS B 48 22.36 -3.86 39.54
CA HIS B 48 21.23 -4.69 39.02
C HIS B 48 21.00 -5.87 39.96
N GLN B 49 19.74 -6.09 40.31
CA GLN B 49 19.29 -7.27 41.07
C GLN B 49 19.32 -8.48 40.14
N VAL B 50 20.51 -9.01 39.85
CA VAL B 50 20.72 -10.12 38.87
C VAL B 50 20.18 -11.44 39.46
N TYR B 51 20.69 -11.82 40.63
CA TYR B 51 20.15 -12.93 41.45
C TYR B 51 19.05 -12.36 42.36
N PRO B 52 17.79 -12.87 42.34
CA PRO B 52 16.74 -12.40 43.24
C PRO B 52 17.11 -12.39 44.73
N ASP B 53 17.64 -13.51 45.25
CA ASP B 53 17.76 -13.77 46.70
C ASP B 53 19.05 -13.19 47.28
N LEU B 54 20.00 -12.76 46.45
CA LEU B 54 21.35 -12.31 46.93
C LEU B 54 21.46 -10.78 46.82
N GLY B 55 22.65 -10.26 47.10
CA GLY B 55 22.99 -8.84 46.88
C GLY B 55 22.86 -8.42 45.41
N SER B 56 23.23 -7.16 45.13
CA SER B 56 23.25 -6.57 43.78
C SER B 56 24.66 -6.64 43.19
N ALA B 57 24.77 -6.37 41.89
CA ALA B 57 26.01 -6.41 41.09
C ALA B 57 26.29 -5.00 40.62
N ASP B 58 27.52 -4.53 40.80
CA ASP B 58 27.95 -3.15 40.43
C ASP B 58 28.37 -3.09 38.95
N LEU B 59 27.67 -2.28 38.16
CA LEU B 59 27.89 -2.20 36.70
C LEU B 59 28.24 -0.75 36.35
N VAL B 60 28.63 -0.53 35.10
CA VAL B 60 28.92 0.79 34.48
C VAL B 60 28.51 0.61 33.02
N GLY B 61 27.65 1.50 32.55
CA GLY B 61 26.80 1.25 31.37
C GLY B 61 26.51 2.54 30.64
N TYR B 62 26.35 2.44 29.33
CA TYR B 62 25.71 3.47 28.49
C TYR B 62 24.29 3.68 29.07
N ASP B 63 23.98 4.93 29.45
CA ASP B 63 22.70 5.41 30.10
C ASP B 63 22.31 4.55 31.32
N GLY B 64 23.30 4.07 32.06
CA GLY B 64 23.08 3.28 33.29
C GLY B 64 22.22 2.04 33.00
N MET B 65 22.52 1.36 31.90
CA MET B 65 22.01 0.00 31.63
C MET B 65 23.08 -0.81 30.88
N SER B 66 23.06 -2.13 31.09
CA SER B 66 23.77 -3.17 30.30
C SER B 66 22.72 -4.19 29.87
N PRO B 67 22.58 -4.50 28.55
CA PRO B 67 23.25 -3.77 27.48
C PRO B 67 22.87 -2.28 27.38
N GLY B 68 23.71 -1.51 26.70
CA GLY B 68 23.41 -0.12 26.38
C GLY B 68 22.15 -0.05 25.52
N PRO B 69 21.53 1.14 25.35
CA PRO B 69 20.30 1.25 24.58
C PRO B 69 20.65 1.00 23.11
N THR B 70 19.70 0.44 22.35
CA THR B 70 19.90 0.01 20.95
C THR B 70 19.76 1.25 20.10
N PHE B 71 20.75 1.56 19.25
CA PHE B 71 20.63 2.59 18.20
C PHE B 71 19.92 1.98 17.00
N GLN B 72 19.11 2.78 16.32
CA GLN B 72 18.37 2.39 15.08
C GLN B 72 18.48 3.57 14.09
N VAL B 73 19.36 3.44 13.12
CA VAL B 73 19.76 4.54 12.20
C VAL B 73 19.60 4.05 10.77
N PRO B 74 18.82 4.73 9.90
CA PRO B 74 18.65 4.28 8.52
C PRO B 74 19.87 4.77 7.74
N ARG B 75 20.30 4.01 6.73
CA ARG B 75 21.48 4.36 5.90
C ARG B 75 21.32 5.81 5.46
N GLY B 76 22.40 6.58 5.36
CA GLY B 76 22.40 7.94 4.79
C GLY B 76 22.32 9.06 5.82
N VAL B 77 21.60 8.86 6.94
CA VAL B 77 21.51 9.84 8.07
C VAL B 77 22.77 9.77 8.93
N GLU B 78 23.65 10.79 8.82
CA GLU B 78 24.84 10.95 9.70
C GLU B 78 24.36 11.02 11.15
N THR B 79 25.14 10.47 12.07
CA THR B 79 24.91 10.64 13.53
C THR B 79 26.15 11.26 14.19
N VAL B 80 25.90 12.00 15.28
CA VAL B 80 26.92 12.58 16.20
C VAL B 80 26.53 12.13 17.60
N VAL B 81 27.31 11.28 18.26
CA VAL B 81 26.95 10.79 19.62
C VAL B 81 27.95 11.39 20.61
N ARG B 82 27.43 12.01 21.66
CA ARG B 82 28.23 12.65 22.71
C ARG B 82 28.28 11.66 23.85
N PHE B 83 29.38 10.93 23.93
CA PHE B 83 29.64 9.97 25.02
C PHE B 83 30.26 10.78 26.14
N ILE B 84 29.62 10.72 27.32
CA ILE B 84 29.88 11.59 28.50
C ILE B 84 30.31 10.68 29.64
N ASN B 85 31.56 10.80 30.07
CA ASN B 85 32.15 9.94 31.13
C ASN B 85 31.82 10.58 32.47
N ASN B 86 30.75 10.09 33.08
CA ASN B 86 30.34 10.35 34.48
C ASN B 86 30.55 9.04 35.26
N ALA B 87 31.77 8.48 35.17
CA ALA B 87 32.11 7.15 35.72
C ALA B 87 33.48 7.24 36.40
N GLU B 88 34.07 6.10 36.79
CA GLU B 88 35.23 5.98 37.72
C GLU B 88 36.54 5.74 36.93
N ALA B 89 36.49 5.13 35.74
CA ALA B 89 37.65 4.85 34.84
C ALA B 89 37.46 5.53 33.49
N PRO B 90 38.54 5.76 32.70
CA PRO B 90 38.37 6.29 31.34
C PRO B 90 37.67 5.34 30.35
N ASN B 91 37.25 5.88 29.20
CA ASN B 91 36.50 5.16 28.12
C ASN B 91 37.02 5.61 26.74
N SER B 92 36.87 4.73 25.74
CA SER B 92 37.04 4.99 24.28
C SER B 92 35.97 4.19 23.54
N VAL B 93 35.00 4.84 22.91
CA VAL B 93 33.85 4.13 22.28
C VAL B 93 34.25 3.78 20.86
N HIS B 94 34.06 2.52 20.49
CA HIS B 94 34.21 2.11 19.07
C HIS B 94 32.90 1.49 18.61
N LEU B 95 32.37 2.05 17.52
CA LEU B 95 31.24 1.47 16.75
C LEU B 95 31.86 0.42 15.83
N HIS B 96 31.74 -0.83 16.26
CA HIS B 96 32.23 -2.04 15.57
C HIS B 96 31.23 -2.35 14.44
N GLY B 97 31.73 -2.34 13.21
CA GLY B 97 30.89 -2.42 12.00
C GLY B 97 31.10 -1.23 11.09
N SER B 98 31.48 -0.09 11.65
CA SER B 98 31.41 1.26 11.01
C SER B 98 32.77 1.60 10.39
N PHE B 99 32.83 2.12 9.17
CA PHE B 99 34.09 2.65 8.58
C PHE B 99 34.25 4.12 9.00
N SER B 100 34.17 4.32 10.31
CA SER B 100 34.36 5.59 11.04
C SER B 100 35.76 6.08 10.72
N ARG B 101 36.01 7.40 10.83
CA ARG B 101 37.36 7.99 10.66
C ARG B 101 38.23 7.58 11.86
N ALA B 102 39.54 7.61 11.68
CA ALA B 102 40.52 7.28 12.74
C ALA B 102 40.01 7.83 14.08
N ALA B 103 39.68 9.12 14.12
CA ALA B 103 39.42 9.89 15.37
C ALA B 103 38.07 9.54 15.99
N PHE B 104 37.23 8.74 15.32
CA PHE B 104 35.84 8.42 15.78
C PHE B 104 35.65 6.91 15.88
N ASP B 105 36.74 6.17 15.75
CA ASP B 105 36.74 4.68 15.64
C ASP B 105 36.99 3.98 16.98
N GLY B 106 37.41 4.70 18.03
CA GLY B 106 37.68 4.14 19.36
C GLY B 106 39.13 3.68 19.53
N TRP B 107 40.07 4.41 18.91
CA TRP B 107 41.52 4.19 19.11
C TRP B 107 41.73 4.02 20.61
N ALA B 108 42.48 3.01 21.02
CA ALA B 108 42.59 2.59 22.43
C ALA B 108 43.16 3.74 23.28
N GLU B 109 44.13 4.47 22.76
CA GLU B 109 44.79 5.61 23.43
C GLU B 109 43.92 6.89 23.37
N ASP B 110 42.90 6.96 22.50
CA ASP B 110 42.00 8.13 22.32
C ASP B 110 40.94 8.06 23.43
N ILE B 111 41.34 8.34 24.66
CA ILE B 111 40.47 8.11 25.85
C ILE B 111 39.72 9.41 26.20
N THR B 112 38.65 9.25 26.97
CA THR B 112 37.84 10.30 27.61
C THR B 112 37.94 10.08 29.12
N GLU B 113 38.48 11.04 29.87
CA GLU B 113 38.62 10.87 31.34
C GLU B 113 37.26 11.11 31.99
N PRO B 114 36.97 10.59 33.20
CA PRO B 114 35.83 11.10 33.98
C PRO B 114 35.78 12.64 34.01
N GLY B 115 34.58 13.20 33.80
CA GLY B 115 34.35 14.67 33.76
C GLY B 115 34.67 15.22 32.38
N SER B 116 35.02 14.36 31.44
CA SER B 116 35.09 14.74 30.01
C SER B 116 34.02 14.00 29.22
N PHE B 117 33.75 14.53 28.02
CA PHE B 117 32.91 13.93 26.95
C PHE B 117 33.70 14.01 25.65
N LYS B 118 33.33 13.18 24.67
CA LYS B 118 33.83 13.28 23.28
C LYS B 118 32.65 13.13 22.32
N ASP B 119 32.64 13.95 21.27
CA ASP B 119 31.68 13.94 20.14
C ASP B 119 32.16 12.97 19.03
N TYR B 120 31.34 11.93 18.82
CA TYR B 120 31.60 10.88 17.81
C TYR B 120 30.64 11.12 16.65
N TYR B 121 31.23 11.41 15.50
CA TYR B 121 30.58 11.61 14.18
C TYR B 121 30.63 10.28 13.39
N TYR B 122 29.46 9.65 13.14
CA TYR B 122 29.35 8.34 12.45
C TYR B 122 28.74 8.54 11.06
N PRO B 123 29.21 7.81 10.02
CA PRO B 123 28.71 8.03 8.65
C PRO B 123 27.38 7.31 8.33
N ASN B 124 27.19 6.10 8.86
CA ASN B 124 25.99 5.25 8.59
C ASN B 124 25.71 5.22 7.08
N ARG B 125 26.74 4.91 6.28
CA ARG B 125 26.67 4.80 4.81
C ARG B 125 26.91 3.37 4.35
N GLN B 126 27.29 2.43 5.22
CA GLN B 126 27.67 1.06 4.79
C GLN B 126 26.37 0.26 4.61
N SER B 127 26.44 -0.96 4.05
CA SER B 127 25.30 -1.90 3.94
C SER B 127 24.59 -2.15 5.29
N ALA B 128 23.28 -2.38 5.27
CA ALA B 128 22.50 -2.70 6.50
C ALA B 128 23.15 -3.89 7.23
N ARG B 129 23.20 -3.82 8.55
CA ARG B 129 24.10 -4.71 9.34
C ARG B 129 23.83 -4.44 10.82
N THR B 130 23.94 -5.49 11.63
CA THR B 130 23.98 -5.33 13.09
C THR B 130 25.38 -4.79 13.47
N LEU B 131 25.52 -3.50 13.75
CA LEU B 131 26.72 -2.98 14.44
C LEU B 131 26.51 -3.17 15.93
N TRP B 132 27.57 -2.88 16.67
CA TRP B 132 27.51 -2.75 18.14
C TRP B 132 28.58 -1.75 18.51
N TYR B 133 28.27 -1.00 19.56
CA TYR B 133 29.18 0.03 20.12
C TYR B 133 29.59 -0.55 21.46
N HIS B 134 30.89 -0.48 21.79
CA HIS B 134 31.43 -0.96 23.09
C HIS B 134 32.71 -0.23 23.44
N ASP B 135 33.22 -0.44 24.65
CA ASP B 135 34.48 0.23 25.08
C ASP B 135 35.73 -0.45 24.45
N HIS B 136 36.78 0.35 24.25
CA HIS B 136 38.04 -0.05 23.59
C HIS B 136 39.25 0.63 24.26
N ALA B 137 39.06 1.15 25.47
CA ALA B 137 40.08 1.94 26.21
C ALA B 137 41.28 1.05 26.52
N MET B 138 42.48 1.58 26.29
CA MET B 138 43.77 0.87 26.45
C MET B 138 43.86 0.21 27.84
N HIS B 139 44.30 -1.05 27.87
CA HIS B 139 44.50 -1.96 29.04
C HIS B 139 43.22 -2.22 29.87
N ILE B 140 42.06 -1.63 29.60
CA ILE B 140 40.89 -1.79 30.52
C ILE B 140 39.61 -2.22 29.78
N THR B 141 39.74 -2.66 28.53
CA THR B 141 38.60 -2.99 27.63
C THR B 141 37.80 -4.17 28.21
N ALA B 142 38.51 -5.22 28.67
CA ALA B 142 37.86 -6.44 29.18
C ALA B 142 36.91 -6.02 30.30
N GLU B 143 37.39 -5.27 31.29
CA GLU B 143 36.60 -4.89 32.49
C GLU B 143 35.48 -3.90 32.09
N ASN B 144 35.79 -2.85 31.34
CA ASN B 144 34.75 -1.86 30.91
C ASN B 144 33.62 -2.58 30.16
N ALA B 145 33.99 -3.51 29.29
CA ALA B 145 32.98 -4.26 28.51
C ALA B 145 32.20 -5.20 29.44
N TYR B 146 32.94 -5.97 30.24
CA TYR B 146 32.40 -6.93 31.23
C TYR B 146 31.41 -6.23 32.17
N ARG B 147 31.75 -5.02 32.65
CA ARG B 147 30.90 -4.24 33.58
C ARG B 147 29.77 -3.53 32.82
N GLY B 148 29.81 -3.42 31.48
CA GLY B 148 28.58 -3.31 30.68
C GLY B 148 28.57 -2.22 29.60
N GLN B 149 29.72 -1.69 29.21
CA GLN B 149 29.84 -0.74 28.08
C GLN B 149 29.83 -1.50 26.75
N ALA B 150 28.66 -2.01 26.36
CA ALA B 150 28.37 -2.60 25.03
C ALA B 150 26.89 -2.43 24.71
N GLY B 151 26.56 -2.00 23.49
CA GLY B 151 25.15 -1.99 23.02
C GLY B 151 25.02 -2.21 21.53
N LEU B 152 23.79 -2.52 21.08
CA LEU B 152 23.51 -2.72 19.63
C LEU B 152 23.35 -1.37 18.90
N TYR B 153 23.57 -1.39 17.60
CA TYR B 153 23.46 -0.21 16.73
C TYR B 153 23.09 -0.79 15.37
N MET B 154 21.79 -0.79 15.03
CA MET B 154 21.25 -1.37 13.77
C MET B 154 21.24 -0.30 12.67
N LEU B 155 21.86 -0.63 11.56
CA LEU B 155 21.94 0.23 10.37
C LEU B 155 20.96 -0.38 9.37
N THR B 156 19.84 0.31 9.15
CA THR B 156 18.69 -0.20 8.36
C THR B 156 18.77 0.42 6.96
N ASP B 157 18.09 -0.19 6.00
CA ASP B 157 18.01 0.28 4.60
C ASP B 157 16.60 -0.03 4.08
N PRO B 158 15.94 0.94 3.43
CA PRO B 158 14.68 0.69 2.75
C PRO B 158 14.76 -0.57 1.90
N ALA B 159 15.86 -0.77 1.16
CA ALA B 159 16.04 -1.91 0.23
C ALA B 159 15.78 -3.24 0.97
N GLU B 160 16.42 -3.43 2.11
CA GLU B 160 16.40 -4.72 2.87
C GLU B 160 15.00 -4.89 3.47
N ASP B 161 14.28 -3.80 3.72
CA ASP B 161 12.99 -3.84 4.47
C ASP B 161 11.97 -4.55 3.55
N ALA B 162 12.12 -4.34 2.25
CA ALA B 162 11.27 -4.88 1.16
C ALA B 162 11.48 -6.39 0.98
N LEU B 163 12.52 -6.99 1.58
CA LEU B 163 12.73 -8.48 1.56
C LEU B 163 11.61 -9.14 2.36
N ASN B 164 10.99 -8.39 3.27
CA ASN B 164 9.91 -8.89 4.15
C ASN B 164 10.47 -10.06 5.00
N LEU B 165 11.68 -9.88 5.54
CA LEU B 165 12.19 -10.74 6.64
C LEU B 165 11.35 -10.42 7.86
N PRO B 166 11.19 -11.38 8.79
CA PRO B 166 10.61 -11.07 10.11
C PRO B 166 11.13 -9.71 10.60
N SER B 167 10.23 -8.87 11.10
CA SER B 167 10.50 -7.45 11.44
C SER B 167 9.82 -7.06 12.75
N GLY B 168 10.09 -5.84 13.19
CA GLY B 168 9.63 -5.35 14.49
C GLY B 168 10.62 -5.68 15.60
N TYR B 169 11.45 -4.69 15.93
CA TYR B 169 12.42 -4.76 17.03
C TYR B 169 11.64 -5.04 18.33
N GLY B 170 11.75 -6.27 18.84
CA GLY B 170 11.09 -6.71 20.08
C GLY B 170 9.89 -7.58 19.80
N GLU B 171 9.39 -7.50 18.57
CA GLU B 171 8.30 -8.37 18.08
C GLU B 171 8.92 -9.61 17.41
N PHE B 172 9.31 -9.52 16.14
CA PHE B 172 9.83 -10.70 15.39
C PHE B 172 11.30 -10.49 15.02
N ASP B 173 11.89 -9.39 15.49
CA ASP B 173 13.31 -9.02 15.26
C ASP B 173 13.95 -8.82 16.64
N ILE B 174 14.67 -9.83 17.10
CA ILE B 174 15.03 -9.96 18.53
C ILE B 174 16.55 -9.91 18.65
N PRO B 175 17.09 -8.97 19.46
CA PRO B 175 18.50 -9.01 19.81
C PRO B 175 18.78 -10.22 20.72
N MET B 176 19.98 -10.77 20.58
CA MET B 176 20.50 -11.96 21.29
C MET B 176 21.98 -11.69 21.60
N ILE B 177 22.19 -10.68 22.42
CA ILE B 177 23.53 -10.25 22.89
C ILE B 177 23.95 -11.26 23.95
N LEU B 178 24.91 -12.12 23.64
CA LEU B 178 25.32 -13.20 24.57
C LEU B 178 26.55 -12.71 25.36
N THR B 179 26.58 -12.94 26.68
CA THR B 179 27.79 -12.74 27.52
C THR B 179 27.99 -13.95 28.45
N SER B 180 29.17 -14.07 29.02
CA SER B 180 29.58 -15.18 29.92
C SER B 180 30.40 -14.58 31.06
N LYS B 181 29.78 -14.53 32.25
CA LYS B 181 30.31 -13.81 33.44
C LYS B 181 30.31 -14.75 34.65
N GLN B 182 30.88 -14.25 35.74
CA GLN B 182 31.01 -15.00 37.01
C GLN B 182 30.61 -14.08 38.17
N TYR B 183 29.91 -14.68 39.14
CA TYR B 183 29.25 -14.00 40.26
C TYR B 183 29.86 -14.60 41.54
N THR B 184 29.96 -13.73 42.55
CA THR B 184 30.39 -14.02 43.94
C THR B 184 29.20 -14.60 44.70
N ALA B 185 29.44 -15.19 45.88
CA ALA B 185 28.39 -15.83 46.72
C ALA B 185 27.29 -14.81 47.06
N ASN B 186 27.59 -13.49 47.04
CA ASN B 186 26.65 -12.38 47.34
C ASN B 186 26.13 -11.73 46.03
N GLY B 187 26.27 -12.40 44.89
CA GLY B 187 25.60 -12.07 43.61
C GLY B 187 26.14 -10.81 42.95
N ASN B 188 27.33 -10.36 43.34
CA ASN B 188 28.12 -9.34 42.59
C ASN B 188 28.96 -10.04 41.49
N LEU B 189 29.42 -9.28 40.50
CA LEU B 189 30.36 -9.76 39.46
C LEU B 189 31.74 -10.07 40.08
N VAL B 190 32.35 -11.20 39.69
CA VAL B 190 33.81 -11.43 39.83
C VAL B 190 34.51 -10.57 38.77
N THR B 191 35.38 -9.65 39.19
CA THR B 191 36.21 -8.77 38.31
C THR B 191 37.05 -9.64 37.37
N THR B 192 37.29 -9.15 36.15
CA THR B 192 38.28 -9.70 35.18
C THR B 192 39.68 -9.18 35.49
N ASN B 193 39.80 -8.03 36.16
CA ASN B 193 41.10 -7.43 36.56
C ASN B 193 42.03 -8.54 37.10
N GLY B 194 43.31 -8.47 36.71
CA GLY B 194 44.37 -9.44 37.06
C GLY B 194 44.39 -10.72 36.22
N GLU B 195 43.33 -11.06 35.47
CA GLU B 195 43.27 -12.28 34.62
C GLU B 195 44.03 -12.02 33.31
N LEU B 196 44.90 -12.95 32.90
CA LEU B 196 45.84 -12.82 31.74
C LEU B 196 45.74 -14.00 30.74
N ASN B 197 44.91 -15.01 31.00
CA ASN B 197 44.77 -16.21 30.11
C ASN B 197 43.46 -16.09 29.31
N SER B 198 42.33 -16.26 29.99
CA SER B 198 40.95 -16.04 29.48
C SER B 198 40.03 -15.92 30.70
N PHE B 199 38.97 -15.12 30.54
CA PHE B 199 37.86 -15.04 31.51
C PHE B 199 36.64 -15.73 30.89
N TRP B 200 36.51 -17.04 31.13
CA TRP B 200 35.45 -17.91 30.53
C TRP B 200 34.06 -17.49 31.04
N GLY B 201 33.86 -17.44 32.35
CA GLY B 201 32.52 -17.25 32.94
C GLY B 201 31.73 -18.56 32.95
N ASP B 202 30.83 -18.72 33.93
CA ASP B 202 30.06 -19.97 34.11
C ASP B 202 28.56 -19.63 34.06
N VAL B 203 28.18 -18.36 33.95
CA VAL B 203 26.76 -17.96 33.82
C VAL B 203 26.52 -17.32 32.44
N ILE B 204 25.67 -17.96 31.64
CA ILE B 204 25.36 -17.49 30.27
C ILE B 204 24.22 -16.45 30.34
N HIS B 205 24.47 -15.27 29.79
CA HIS B 205 23.48 -14.16 29.73
C HIS B 205 23.04 -13.92 28.28
N VAL B 206 21.76 -13.60 28.10
CA VAL B 206 21.23 -13.00 26.86
C VAL B 206 20.70 -11.60 27.27
N ASN B 207 21.27 -10.54 26.70
CA ASN B 207 20.79 -9.15 26.85
C ASN B 207 20.88 -8.73 28.32
N GLY B 208 21.98 -9.11 28.99
CA GLY B 208 22.24 -8.81 30.41
C GLY B 208 21.50 -9.71 31.41
N GLN B 209 20.65 -10.63 30.94
CA GLN B 209 19.85 -11.56 31.79
C GLN B 209 20.48 -12.96 31.80
N PRO B 210 20.75 -13.59 32.97
CA PRO B 210 21.05 -15.02 32.99
C PRO B 210 19.88 -15.91 32.52
N TRP B 211 20.20 -16.95 31.74
CA TRP B 211 19.30 -18.07 31.38
C TRP B 211 17.85 -17.63 31.35
N PRO B 212 17.50 -16.65 30.49
CA PRO B 212 16.12 -16.21 30.33
C PRO B 212 15.24 -17.19 29.54
N PHE B 213 13.92 -16.96 29.51
CA PHE B 213 12.95 -17.62 28.62
C PHE B 213 12.20 -16.55 27.81
N LYS B 214 11.55 -16.96 26.73
CA LYS B 214 10.69 -16.05 25.94
C LYS B 214 9.49 -16.81 25.37
N ASN B 215 8.29 -16.35 25.68
CA ASN B 215 7.04 -16.80 25.01
C ASN B 215 7.16 -16.36 23.55
N VAL B 216 6.93 -17.28 22.62
CA VAL B 216 7.06 -17.03 21.15
C VAL B 216 5.86 -17.68 20.46
N GLU B 217 5.33 -17.04 19.40
CA GLU B 217 4.31 -17.59 18.46
C GLU B 217 4.94 -18.66 17.58
N PRO B 218 4.19 -19.69 17.16
CA PRO B 218 4.72 -20.72 16.24
C PRO B 218 4.92 -20.20 14.81
N ARG B 219 5.82 -19.23 14.65
CA ARG B 219 6.12 -18.61 13.35
C ARG B 219 7.61 -18.25 13.28
N LYS B 220 7.99 -17.49 12.26
CA LYS B 220 9.40 -17.19 11.94
C LYS B 220 9.85 -15.96 12.73
N TYR B 221 11.03 -16.04 13.32
CA TYR B 221 11.67 -14.96 14.10
C TYR B 221 13.06 -14.69 13.51
N ARG B 222 13.40 -13.41 13.41
CA ARG B 222 14.76 -12.91 13.11
C ARG B 222 15.48 -12.70 14.44
N PHE B 223 16.67 -13.27 14.58
CA PHE B 223 17.46 -13.29 15.83
C PHE B 223 18.86 -12.74 15.51
N ARG B 224 19.31 -11.73 16.26
CA ARG B 224 20.58 -11.04 15.98
C ARG B 224 21.55 -11.42 17.08
N PHE B 225 22.31 -12.46 16.82
CA PHE B 225 23.32 -13.00 17.77
C PHE B 225 24.57 -12.15 17.72
N LEU B 226 24.98 -11.64 18.87
CA LEU B 226 26.28 -10.99 19.04
C LEU B 226 26.99 -11.69 20.19
N ASP B 227 28.23 -12.11 19.99
CA ASP B 227 29.04 -12.64 21.11
C ASP B 227 29.79 -11.47 21.75
N ALA B 228 29.16 -10.83 22.75
CA ALA B 228 29.79 -9.73 23.53
C ALA B 228 30.54 -10.30 24.75
N ALA B 229 30.83 -11.61 24.82
CA ALA B 229 31.60 -12.18 25.94
C ALA B 229 33.03 -11.64 25.92
N VAL B 230 33.67 -11.71 27.10
CA VAL B 230 35.11 -11.39 27.27
C VAL B 230 35.90 -12.49 26.55
N SER B 231 35.59 -13.77 26.80
CA SER B 231 36.42 -14.88 26.24
C SER B 231 35.58 -16.05 25.67
N ARG B 232 34.28 -16.15 25.92
CA ARG B 232 33.57 -17.41 25.58
C ARG B 232 33.13 -17.39 24.12
N SER B 233 33.57 -18.39 23.36
CA SER B 233 33.06 -18.69 22.01
C SER B 233 31.92 -19.69 22.16
N PHE B 234 31.01 -19.75 21.19
CA PHE B 234 29.85 -20.66 21.25
C PHE B 234 29.72 -21.51 19.99
N GLY B 235 29.06 -22.66 20.20
CA GLY B 235 28.37 -23.49 19.20
C GLY B 235 26.88 -23.52 19.47
N LEU B 236 26.13 -22.58 18.89
CA LEU B 236 24.68 -22.47 19.14
C LEU B 236 23.95 -23.54 18.33
N TYR B 237 22.98 -24.19 18.98
CA TYR B 237 21.94 -24.98 18.31
C TYR B 237 20.65 -24.91 19.13
N PHE B 238 19.53 -25.27 18.49
CA PHE B 238 18.14 -25.30 19.03
C PHE B 238 17.73 -26.78 19.16
N ALA B 239 17.11 -27.15 20.28
CA ALA B 239 16.57 -28.51 20.44
C ALA B 239 15.28 -28.46 21.25
N ASP B 240 14.27 -29.23 20.80
CA ASP B 240 13.02 -29.52 21.55
C ASP B 240 13.46 -30.13 22.88
N THR B 241 12.93 -29.63 24.00
CA THR B 241 13.22 -30.22 25.34
C THR B 241 12.89 -31.72 25.33
N ASP B 242 12.05 -32.21 24.40
CA ASP B 242 11.75 -33.65 24.20
C ASP B 242 12.97 -34.45 23.71
N ALA B 243 13.80 -33.88 22.82
CA ALA B 243 15.06 -34.49 22.33
C ALA B 243 16.20 -33.46 22.44
N ILE B 244 16.71 -33.21 23.64
CA ILE B 244 17.65 -32.06 23.85
C ILE B 244 18.94 -32.23 23.01
N ASP B 245 19.29 -33.40 22.47
CA ASP B 245 20.56 -33.53 21.69
C ASP B 245 20.31 -33.37 20.18
N THR B 246 19.05 -33.40 19.72
CA THR B 246 18.65 -33.41 18.28
C THR B 246 18.57 -31.97 17.73
N ARG B 247 19.52 -31.58 16.90
CA ARG B 247 19.68 -30.16 16.49
C ARG B 247 18.55 -29.78 15.52
N LEU B 248 18.00 -28.56 15.61
CA LEU B 248 16.87 -28.11 14.75
C LEU B 248 17.40 -27.19 13.66
N PRO B 249 16.96 -27.37 12.40
CA PRO B 249 17.50 -26.58 11.30
C PRO B 249 17.09 -25.12 11.46
N PHE B 250 17.95 -24.23 11.00
CA PHE B 250 17.65 -22.79 10.84
C PHE B 250 18.39 -22.26 9.63
N LYS B 251 18.21 -20.97 9.34
CA LYS B 251 18.89 -20.23 8.24
C LYS B 251 19.65 -19.05 8.84
N VAL B 252 20.96 -18.95 8.56
CA VAL B 252 21.75 -17.69 8.74
C VAL B 252 21.45 -16.82 7.52
N ILE B 253 21.06 -15.55 7.73
CA ILE B 253 20.73 -14.57 6.65
C ILE B 253 21.79 -13.48 6.56
N ALA B 254 22.64 -13.30 7.58
CA ALA B 254 23.58 -12.15 7.68
C ALA B 254 24.77 -12.49 8.59
N SER B 255 25.93 -11.98 8.22
CA SER B 255 27.18 -11.99 8.98
C SER B 255 27.49 -10.55 9.49
N ASP B 256 28.71 -10.29 9.96
CA ASP B 256 29.18 -9.01 10.54
C ASP B 256 28.80 -7.80 9.68
N SER B 257 29.10 -7.86 8.38
CA SER B 257 29.07 -6.72 7.43
C SER B 257 27.69 -6.61 6.76
N GLY B 258 26.76 -7.55 7.05
CA GLY B 258 25.41 -7.55 6.46
C GLY B 258 24.99 -8.90 5.88
N LEU B 259 23.95 -8.87 5.05
CA LEU B 259 23.23 -10.03 4.48
C LEU B 259 24.22 -10.90 3.70
N LEU B 260 24.03 -12.22 3.79
CA LEU B 260 24.68 -13.16 2.85
C LEU B 260 24.04 -13.03 1.46
N GLU B 261 24.67 -13.54 0.43
CA GLU B 261 24.09 -13.65 -0.93
C GLU B 261 22.79 -14.47 -0.85
N HIS B 262 22.85 -15.59 -0.12
CA HIS B 262 21.74 -16.56 0.07
C HIS B 262 21.72 -17.04 1.53
N PRO B 263 20.53 -17.44 2.03
CA PRO B 263 20.45 -18.17 3.28
C PRO B 263 21.34 -19.43 3.28
N ALA B 264 22.07 -19.58 4.39
CA ALA B 264 22.88 -20.76 4.76
C ALA B 264 22.07 -21.59 5.76
N ASP B 265 21.41 -22.67 5.28
CA ASP B 265 20.77 -23.74 6.08
C ASP B 265 21.82 -24.33 7.00
N THR B 266 21.58 -24.31 8.30
CA THR B 266 22.57 -24.52 9.37
C THR B 266 21.83 -25.21 10.52
N SER B 267 22.44 -26.19 11.19
CA SER B 267 21.89 -26.76 12.45
C SER B 267 22.82 -26.42 13.63
N LEU B 268 24.06 -26.01 13.36
CA LEU B 268 25.06 -25.60 14.37
C LEU B 268 25.70 -24.30 13.91
N LEU B 269 25.71 -23.30 14.79
CA LEU B 269 26.30 -21.98 14.48
C LEU B 269 27.49 -21.75 15.42
N TYR B 270 28.71 -21.76 14.86
CA TYR B 270 29.91 -21.24 15.53
C TYR B 270 29.81 -19.71 15.58
N ILE B 271 30.04 -19.17 16.77
CA ILE B 271 30.12 -17.68 16.92
C ILE B 271 31.10 -17.38 18.06
N SER B 272 32.11 -16.58 17.75
CA SER B 272 33.20 -16.26 18.70
C SER B 272 33.10 -14.75 18.96
N MET B 273 33.95 -14.22 19.84
CA MET B 273 33.80 -12.89 20.46
C MET B 273 33.68 -11.80 19.37
N ALA B 274 32.61 -11.01 19.41
CA ALA B 274 32.39 -9.86 18.51
C ALA B 274 31.78 -10.24 17.16
N GLU B 275 31.68 -11.52 16.80
CA GLU B 275 30.92 -11.92 15.59
C GLU B 275 29.41 -11.62 15.75
N ARG B 276 28.80 -11.19 14.64
CA ARG B 276 27.34 -11.05 14.50
C ARG B 276 26.90 -12.01 13.39
N TYR B 277 25.89 -12.81 13.69
CA TYR B 277 25.14 -13.66 12.73
C TYR B 277 23.66 -13.41 13.01
N GLU B 278 22.89 -13.08 11.98
CA GLU B 278 21.43 -12.96 12.11
C GLU B 278 20.87 -14.26 11.53
N VAL B 279 19.94 -14.84 12.27
CA VAL B 279 19.33 -16.18 12.04
C VAL B 279 17.83 -15.99 11.97
N VAL B 280 17.19 -16.68 11.02
CA VAL B 280 15.73 -16.87 11.06
C VAL B 280 15.45 -18.30 11.56
N PHE B 281 14.71 -18.40 12.65
CA PHE B 281 14.20 -19.69 13.18
C PHE B 281 12.67 -19.72 13.01
N ASP B 282 12.18 -20.80 12.38
CA ASP B 282 10.73 -21.06 12.12
C ASP B 282 10.23 -22.02 13.20
N PHE B 283 9.47 -21.45 14.14
CA PHE B 283 8.87 -22.16 15.29
C PHE B 283 7.57 -22.86 14.90
N SER B 284 7.15 -22.79 13.62
CA SER B 284 5.84 -23.31 13.15
C SER B 284 5.75 -24.83 13.43
N ASP B 285 6.74 -25.61 13.01
CA ASP B 285 6.66 -27.09 13.12
C ASP B 285 6.66 -27.49 14.62
N TYR B 286 6.90 -26.56 15.55
CA TYR B 286 7.11 -26.86 17.01
C TYR B 286 6.01 -26.22 17.87
N ALA B 287 4.78 -26.10 17.32
CA ALA B 287 3.58 -25.62 18.05
C ALA B 287 3.46 -26.33 19.41
N GLY B 288 3.39 -25.57 20.51
CA GLY B 288 3.11 -26.11 21.87
C GLY B 288 4.33 -26.68 22.59
N LYS B 289 5.51 -26.72 21.94
CA LYS B 289 6.76 -27.31 22.51
C LYS B 289 7.65 -26.21 23.10
N THR B 290 8.70 -26.59 23.83
CA THR B 290 9.73 -25.68 24.42
C THR B 290 11.08 -26.02 23.75
N ILE B 291 11.67 -25.02 23.10
CA ILE B 291 12.95 -25.12 22.32
C ILE B 291 14.03 -24.45 23.16
N GLU B 292 15.07 -25.20 23.53
CA GLU B 292 16.27 -24.70 24.26
C GLU B 292 17.36 -24.32 23.25
N LEU B 293 17.75 -23.04 23.27
CA LEU B 293 19.02 -22.59 22.65
C LEU B 293 20.11 -23.18 23.51
N ARG B 294 21.00 -23.96 22.92
CA ARG B 294 22.08 -24.66 23.66
C ARG B 294 23.44 -24.27 23.07
N ASN B 295 24.48 -24.70 23.79
CA ASN B 295 25.91 -24.38 23.53
C ASN B 295 26.70 -25.71 23.49
N LEU B 296 27.31 -25.99 22.36
CA LEU B 296 28.16 -27.19 22.19
C LEU B 296 29.18 -27.20 23.34
N GLY B 297 29.39 -28.36 23.97
CA GLY B 297 30.49 -28.58 24.95
C GLY B 297 31.72 -29.17 24.29
N GLY B 298 32.64 -29.71 25.11
CA GLY B 298 33.95 -30.16 24.60
C GLY B 298 34.78 -28.99 24.04
N SER B 299 34.64 -27.80 24.60
CA SER B 299 35.29 -26.55 24.12
C SER B 299 34.90 -26.34 22.65
N ILE B 300 33.65 -25.98 22.43
CA ILE B 300 32.98 -25.84 21.11
C ILE B 300 33.41 -26.99 20.17
N GLY B 301 33.07 -28.23 20.54
CA GLY B 301 33.33 -29.44 19.71
C GLY B 301 34.78 -29.56 19.28
N GLY B 302 35.75 -29.23 20.13
CA GLY B 302 37.18 -29.33 19.76
C GLY B 302 37.69 -28.18 18.90
N ILE B 303 36.90 -27.13 18.61
CA ILE B 303 37.42 -25.96 17.84
C ILE B 303 38.16 -25.03 18.80
N GLY B 304 37.75 -25.04 20.06
CA GLY B 304 38.18 -24.05 21.08
C GLY B 304 38.89 -24.73 22.22
N THR B 305 39.30 -23.92 23.20
CA THR B 305 39.95 -24.36 24.47
C THR B 305 39.07 -23.98 25.67
N ASP B 306 37.88 -23.39 25.44
CA ASP B 306 37.09 -22.71 26.51
C ASP B 306 36.73 -23.74 27.58
N THR B 307 36.65 -23.32 28.85
CA THR B 307 36.25 -24.21 29.97
C THR B 307 34.72 -24.32 29.96
N ASP B 308 34.20 -25.55 30.07
CA ASP B 308 32.77 -25.90 30.17
C ASP B 308 32.34 -26.10 31.65
N TYR B 309 31.24 -25.46 32.08
CA TYR B 309 30.65 -25.61 33.44
C TYR B 309 29.27 -26.25 33.32
N ASP B 310 28.70 -26.66 34.47
CA ASP B 310 27.45 -27.47 34.56
C ASP B 310 26.33 -26.90 33.66
N ASN B 311 26.27 -25.56 33.45
CA ASN B 311 25.13 -24.92 32.75
C ASN B 311 25.56 -24.03 31.58
N THR B 312 26.84 -24.02 31.19
CA THR B 312 27.28 -23.27 29.97
C THR B 312 26.78 -23.96 28.69
N ASP B 313 26.17 -25.15 28.77
CA ASP B 313 25.46 -25.85 27.68
C ASP B 313 24.10 -25.20 27.41
N LYS B 314 23.58 -24.40 28.34
CA LYS B 314 22.24 -23.76 28.27
C LYS B 314 22.38 -22.25 28.01
N VAL B 315 21.47 -21.69 27.22
CA VAL B 315 21.46 -20.23 26.89
C VAL B 315 20.11 -19.65 27.25
N MET B 316 19.04 -20.13 26.63
CA MET B 316 17.64 -19.70 26.95
C MET B 316 16.62 -20.70 26.36
N ARG B 317 15.36 -20.59 26.82
CA ARG B 317 14.23 -21.42 26.34
C ARG B 317 13.24 -20.51 25.64
N PHE B 318 12.63 -21.05 24.58
CA PHE B 318 11.52 -20.44 23.82
C PHE B 318 10.29 -21.31 24.07
N VAL B 319 9.29 -20.75 24.74
CA VAL B 319 8.01 -21.45 25.00
C VAL B 319 7.07 -21.09 23.85
N VAL B 320 6.64 -22.10 23.06
CA VAL B 320 5.95 -21.93 21.75
C VAL B 320 4.45 -22.18 21.94
N ALA B 321 3.65 -21.11 21.82
CA ALA B 321 2.18 -21.12 21.80
C ALA B 321 1.69 -22.14 20.74
N ASP B 322 0.44 -22.62 20.85
CA ASP B 322 -0.15 -23.62 19.92
C ASP B 322 -0.59 -22.94 18.63
N ASP B 323 -0.84 -21.61 18.66
CA ASP B 323 -1.39 -20.81 17.54
C ASP B 323 -0.74 -19.42 17.51
N THR B 324 -0.74 -18.76 16.35
CA THR B 324 -0.27 -17.36 16.13
C THR B 324 -1.44 -16.40 16.32
N THR B 325 -1.22 -15.27 17.00
CA THR B 325 -2.12 -14.08 16.91
C THR B 325 -2.52 -13.92 15.44
N GLN B 326 -1.56 -13.49 14.60
CA GLN B 326 -1.80 -13.09 13.19
C GLN B 326 -1.00 -14.01 12.28
N PRO B 327 -1.53 -14.40 11.10
CA PRO B 327 -0.79 -15.20 10.15
C PRO B 327 0.55 -14.55 9.77
N ASP B 328 1.60 -15.36 9.79
CA ASP B 328 2.98 -15.03 9.35
C ASP B 328 3.03 -14.79 7.84
N THR B 329 3.19 -13.54 7.42
CA THR B 329 3.28 -13.19 5.97
C THR B 329 4.74 -13.00 5.58
N SER B 330 5.67 -13.11 6.55
CA SER B 330 7.14 -12.94 6.37
C SER B 330 7.71 -14.12 5.56
N VAL B 331 8.76 -13.85 4.79
CA VAL B 331 9.49 -14.85 3.94
C VAL B 331 10.98 -14.79 4.27
N VAL B 332 11.72 -15.85 3.95
CA VAL B 332 13.20 -15.76 3.82
C VAL B 332 13.50 -15.98 2.35
N PRO B 333 13.65 -14.93 1.53
CA PRO B 333 14.07 -15.11 0.13
C PRO B 333 15.36 -15.94 -0.05
N ALA B 334 15.38 -16.80 -1.06
CA ALA B 334 16.56 -17.53 -1.60
C ALA B 334 17.70 -16.55 -1.93
N ASN B 335 17.38 -15.41 -2.54
CA ASN B 335 18.35 -14.36 -2.93
C ASN B 335 18.11 -13.15 -2.04
N LEU B 336 19.14 -12.74 -1.30
CA LEU B 336 19.08 -11.65 -0.31
C LEU B 336 19.67 -10.34 -0.87
N ARG B 337 20.83 -10.40 -1.52
CA ARG B 337 21.52 -9.17 -1.99
C ARG B 337 22.69 -9.55 -2.90
N ASP B 338 23.27 -8.54 -3.52
CA ASP B 338 24.53 -8.68 -4.26
C ASP B 338 25.63 -8.33 -3.28
N VAL B 339 26.33 -9.33 -2.70
CA VAL B 339 27.39 -9.04 -1.69
C VAL B 339 28.53 -8.31 -2.40
N PRO B 340 28.94 -7.14 -1.87
CA PRO B 340 29.98 -6.34 -2.50
C PRO B 340 31.39 -6.83 -2.21
N PHE B 341 31.76 -8.00 -2.72
CA PHE B 341 33.11 -8.60 -2.56
C PHE B 341 34.13 -7.68 -3.16
N PRO B 342 35.34 -7.57 -2.55
CA PRO B 342 36.41 -6.82 -3.18
C PRO B 342 36.85 -7.56 -4.44
N SER B 343 37.44 -6.88 -5.40
CA SER B 343 38.00 -7.48 -6.62
C SER B 343 39.25 -8.27 -6.23
N PRO B 344 39.30 -9.58 -6.49
CA PRO B 344 40.38 -10.42 -5.99
C PRO B 344 41.80 -9.99 -6.36
N THR B 345 42.74 -10.21 -5.43
CA THR B 345 44.20 -10.02 -5.66
C THR B 345 44.90 -11.38 -5.71
N THR B 346 46.00 -11.41 -6.46
CA THR B 346 46.93 -12.57 -6.55
C THR B 346 48.17 -12.22 -5.71
N ASN B 347 48.26 -10.98 -5.23
CA ASN B 347 49.41 -10.51 -4.39
C ASN B 347 49.54 -11.34 -3.11
N THR B 348 50.75 -11.87 -2.95
CA THR B 348 51.22 -12.69 -1.80
C THR B 348 50.64 -12.04 -0.53
N PRO B 349 49.95 -12.81 0.34
CA PRO B 349 49.40 -12.27 1.58
C PRO B 349 50.49 -11.93 2.60
N ARG B 350 50.26 -10.86 3.37
CA ARG B 350 50.96 -10.55 4.64
C ARG B 350 50.62 -11.59 5.69
N GLN B 351 51.61 -11.95 6.50
CA GLN B 351 51.42 -12.94 7.58
C GLN B 351 51.35 -12.23 8.94
N PHE B 352 50.36 -12.59 9.75
CA PHE B 352 50.21 -12.15 11.17
C PHE B 352 50.14 -13.40 12.06
N ARG B 353 51.08 -13.51 13.01
CA ARG B 353 51.15 -14.65 13.96
C ARG B 353 50.65 -14.20 15.33
N PHE B 354 49.61 -14.90 15.78
CA PHE B 354 48.85 -14.67 17.03
C PHE B 354 49.28 -15.72 18.06
N GLY B 355 50.14 -15.29 18.98
CA GLY B 355 50.80 -16.16 19.98
C GLY B 355 51.19 -15.38 21.20
N ARG B 356 52.29 -15.82 21.84
CA ARG B 356 52.76 -15.31 23.17
CA ARG B 356 52.75 -15.27 23.15
C ARG B 356 54.26 -15.02 23.12
N THR B 357 54.69 -13.98 23.84
CA THR B 357 56.10 -13.56 24.05
C THR B 357 56.32 -13.49 25.56
N GLY B 358 56.85 -14.56 26.14
CA GLY B 358 56.79 -14.81 27.59
C GLY B 358 55.34 -14.76 28.06
N PRO B 359 55.00 -13.90 29.05
CA PRO B 359 53.63 -13.83 29.58
C PRO B 359 52.59 -13.13 28.68
N THR B 360 53.05 -12.31 27.71
CA THR B 360 52.23 -11.30 26.99
C THR B 360 51.66 -11.93 25.71
N TRP B 361 50.38 -11.70 25.42
CA TRP B 361 49.80 -12.13 24.12
C TRP B 361 50.26 -11.14 23.06
N THR B 362 50.69 -11.62 21.88
CA THR B 362 51.29 -10.75 20.84
C THR B 362 50.86 -11.09 19.40
N ILE B 363 51.00 -10.08 18.53
CA ILE B 363 50.95 -10.20 17.04
C ILE B 363 52.37 -10.07 16.51
N ASN B 364 52.95 -11.12 15.94
CA ASN B 364 54.32 -11.07 15.34
C ASN B 364 55.33 -10.65 16.42
N GLY B 365 55.19 -11.20 17.63
CA GLY B 365 56.06 -10.93 18.78
C GLY B 365 55.88 -9.52 19.32
N VAL B 366 54.93 -8.77 18.79
CA VAL B 366 54.76 -7.35 19.15
C VAL B 366 53.55 -7.20 20.08
N ALA B 367 53.73 -6.38 21.11
CA ALA B 367 52.71 -5.94 22.08
C ALA B 367 52.23 -4.53 21.69
N PHE B 368 50.95 -4.24 21.81
CA PHE B 368 50.40 -2.94 21.33
C PHE B 368 51.03 -1.77 22.09
N ALA B 369 51.32 -1.97 23.36
CA ALA B 369 51.84 -0.88 24.21
C ALA B 369 53.21 -0.44 23.66
N ASP B 370 53.87 -1.32 22.87
CA ASP B 370 55.22 -1.05 22.31
C ASP B 370 55.03 -0.29 21.01
N VAL B 371 54.73 0.99 21.17
CA VAL B 371 54.41 1.97 20.11
C VAL B 371 55.42 1.94 18.96
N GLN B 372 56.70 1.92 19.28
CA GLN B 372 57.83 1.91 18.30
C GLN B 372 57.61 0.79 17.27
N ASN B 373 57.00 -0.33 17.67
CA ASN B 373 57.00 -1.56 16.84
C ASN B 373 55.58 -2.05 16.46
N ARG B 374 54.52 -1.43 16.95
CA ARG B 374 53.16 -2.02 16.79
C ARG B 374 52.49 -1.61 15.46
N LEU B 375 53.10 -0.79 14.62
CA LEU B 375 52.49 -0.47 13.31
C LEU B 375 53.00 -1.48 12.28
N LEU B 376 52.17 -2.46 11.91
CA LEU B 376 52.67 -3.71 11.27
C LEU B 376 52.43 -3.70 9.76
N ALA B 377 51.57 -2.80 9.27
CA ALA B 377 51.34 -2.64 7.81
C ALA B 377 51.05 -1.16 7.42
N ASN B 378 51.66 -0.71 6.32
CA ASN B 378 51.14 0.42 5.51
C ASN B 378 50.48 -0.11 4.24
N VAL B 379 49.21 0.27 4.08
CA VAL B 379 48.32 -0.15 2.97
C VAL B 379 47.87 1.14 2.29
N PRO B 380 48.19 1.34 0.99
CA PRO B 380 47.67 2.50 0.27
C PRO B 380 46.14 2.38 0.11
N VAL B 381 45.38 3.44 0.37
CA VAL B 381 43.88 3.43 0.24
C VAL B 381 43.52 2.96 -1.17
N GLY B 382 42.56 2.03 -1.28
CA GLY B 382 42.10 1.44 -2.56
C GLY B 382 42.74 0.12 -2.83
N THR B 383 43.82 -0.19 -2.12
CA THR B 383 44.50 -1.50 -2.22
C THR B 383 43.53 -2.56 -1.70
N VAL B 384 43.34 -3.64 -2.47
CA VAL B 384 42.82 -4.94 -1.97
C VAL B 384 44.04 -5.77 -1.54
N GLU B 385 44.09 -6.16 -0.27
CA GLU B 385 45.14 -7.05 0.29
C GLU B 385 44.51 -8.30 0.89
N ARG B 386 45.29 -9.39 0.87
CA ARG B 386 44.99 -10.63 1.60
C ARG B 386 45.93 -10.70 2.78
N TRP B 387 45.40 -10.99 3.98
CA TRP B 387 46.15 -11.21 5.24
C TRP B 387 46.03 -12.71 5.61
N GLU B 388 47.16 -13.41 5.75
CA GLU B 388 47.19 -14.74 6.38
C GLU B 388 47.33 -14.57 7.91
N LEU B 389 46.29 -14.99 8.64
CA LEU B 389 46.17 -14.87 10.10
C LEU B 389 46.36 -16.27 10.71
N ILE B 390 47.47 -16.46 11.43
CA ILE B 390 48.00 -17.77 11.89
C ILE B 390 47.88 -17.88 13.42
N ASN B 391 47.21 -18.92 13.86
CA ASN B 391 47.27 -19.45 15.23
C ASN B 391 48.01 -20.78 15.14
N ALA B 392 49.28 -20.80 15.55
CA ALA B 392 50.10 -22.03 15.64
C ALA B 392 49.77 -22.77 16.94
N GLY B 393 48.96 -22.14 17.80
CA GLY B 393 48.65 -22.67 19.14
C GLY B 393 47.51 -23.65 19.15
N ASN B 394 47.62 -24.68 20.02
CA ASN B 394 46.52 -25.58 20.46
C ASN B 394 45.87 -25.03 21.75
N GLY B 395 46.58 -24.15 22.48
CA GLY B 395 46.28 -23.75 23.86
C GLY B 395 45.52 -22.45 23.95
N TRP B 396 45.34 -21.78 22.80
CA TRP B 396 44.49 -20.56 22.67
C TRP B 396 43.78 -20.54 21.31
N THR B 397 42.67 -19.81 21.25
CA THR B 397 41.96 -19.48 19.99
C THR B 397 41.78 -17.97 19.99
N HIS B 398 41.76 -17.38 18.79
CA HIS B 398 41.78 -15.92 18.55
C HIS B 398 40.77 -15.56 17.47
N PRO B 399 39.65 -14.90 17.85
CA PRO B 399 38.78 -14.23 16.90
C PRO B 399 39.38 -12.86 16.54
N ILE B 400 39.88 -12.75 15.31
CA ILE B 400 40.72 -11.62 14.84
C ILE B 400 39.81 -10.59 14.20
N HIS B 401 39.97 -9.34 14.63
CA HIS B 401 39.20 -8.17 14.16
C HIS B 401 40.14 -7.16 13.52
N ILE B 402 39.83 -6.76 12.28
CA ILE B 402 40.44 -5.60 11.55
C ILE B 402 39.40 -4.47 11.55
N HIS B 403 39.81 -3.29 11.99
CA HIS B 403 39.06 -2.00 11.88
C HIS B 403 39.02 -1.48 10.43
N LEU B 404 38.10 -0.54 10.16
CA LEU B 404 37.82 0.11 8.84
C LEU B 404 37.13 -0.86 7.86
N VAL B 405 37.71 -2.04 7.66
CA VAL B 405 37.40 -2.92 6.49
C VAL B 405 36.24 -3.89 6.77
N ASP B 406 35.67 -4.33 5.65
CA ASP B 406 34.86 -5.57 5.49
C ASP B 406 35.74 -6.49 4.65
N PHE B 407 35.87 -7.76 5.04
CA PHE B 407 36.69 -8.77 4.32
C PHE B 407 35.81 -10.00 3.96
N LYS B 408 36.28 -10.72 2.95
CA LYS B 408 35.80 -12.07 2.54
C LYS B 408 36.74 -13.11 3.15
N VAL B 409 36.23 -14.18 3.74
CA VAL B 409 37.04 -15.33 4.26
C VAL B 409 37.40 -16.20 3.06
N ILE B 410 38.69 -16.36 2.75
CA ILE B 410 39.18 -17.02 1.50
C ILE B 410 39.33 -18.54 1.79
N SER B 411 40.07 -18.85 2.87
CA SER B 411 40.49 -20.21 3.29
C SER B 411 40.62 -20.33 4.81
N ARG B 412 40.41 -21.55 5.31
CA ARG B 412 40.73 -21.94 6.70
C ARG B 412 41.35 -23.32 6.61
N THR B 413 42.56 -23.47 7.17
CA THR B 413 43.19 -24.78 7.48
C THR B 413 43.15 -24.97 9.01
N SER B 414 43.19 -26.23 9.45
CA SER B 414 43.16 -26.63 10.88
C SER B 414 44.27 -27.65 11.08
N GLY B 415 45.20 -27.41 12.00
CA GLY B 415 46.22 -28.42 12.32
C GLY B 415 45.59 -29.61 13.05
N ASN B 416 44.29 -29.56 13.39
CA ASN B 416 43.50 -30.68 13.97
C ASN B 416 42.47 -31.19 12.96
N ASN B 417 42.58 -30.76 11.71
CA ASN B 417 41.73 -31.23 10.61
C ASN B 417 40.27 -31.23 11.06
N ALA B 418 39.85 -30.19 11.76
CA ALA B 418 38.50 -30.02 12.35
C ALA B 418 37.51 -29.41 11.32
N ARG B 419 38.01 -28.49 10.49
CA ARG B 419 37.13 -27.73 9.58
C ARG B 419 37.94 -26.84 8.63
N THR B 420 37.21 -26.29 7.65
CA THR B 420 37.65 -25.28 6.65
C THR B 420 36.66 -24.12 6.76
N VAL B 421 36.34 -23.43 5.67
CA VAL B 421 35.41 -22.27 5.72
C VAL B 421 33.99 -22.78 6.02
N MET B 422 33.26 -22.05 6.86
CA MET B 422 31.84 -22.39 7.18
C MET B 422 30.90 -21.70 6.18
N PRO B 423 29.73 -22.30 5.87
CA PRO B 423 28.82 -21.74 4.85
C PRO B 423 28.28 -20.35 5.16
N TYR B 424 28.35 -19.95 6.44
CA TYR B 424 27.88 -18.66 7.00
C TYR B 424 29.04 -17.65 6.98
N GLU B 425 30.23 -18.10 6.56
CA GLU B 425 31.39 -17.19 6.34
C GLU B 425 31.54 -16.87 4.84
N SER B 426 30.50 -17.10 4.03
CA SER B 426 30.41 -16.97 2.54
C SER B 426 30.34 -15.50 2.12
N GLY B 427 29.86 -14.64 3.03
CA GLY B 427 29.62 -13.20 2.78
C GLY B 427 30.81 -12.33 3.15
N LEU B 428 30.54 -11.20 3.82
CA LEU B 428 31.57 -10.24 4.27
C LEU B 428 31.50 -10.15 5.80
N LYS B 429 32.67 -10.04 6.42
CA LYS B 429 32.83 -10.18 7.88
C LYS B 429 33.83 -9.11 8.34
N ASP B 430 33.95 -8.85 9.65
CA ASP B 430 35.08 -8.03 10.19
C ASP B 430 35.74 -8.71 11.40
N VAL B 431 35.25 -9.88 11.80
CA VAL B 431 35.86 -10.82 12.78
C VAL B 431 35.91 -12.23 12.13
N VAL B 432 37.00 -12.97 12.33
CA VAL B 432 37.08 -14.39 11.92
C VAL B 432 37.73 -15.19 13.03
N TRP B 433 37.18 -16.36 13.34
CA TRP B 433 37.66 -17.18 14.48
C TRP B 433 38.83 -18.09 14.03
N LEU B 434 40.02 -17.79 14.54
CA LEU B 434 41.15 -18.73 14.50
C LEU B 434 40.96 -19.72 15.67
N GLY B 435 40.37 -20.87 15.37
CA GLY B 435 40.26 -22.02 16.28
C GLY B 435 41.61 -22.67 16.48
N ARG B 436 41.65 -23.79 17.19
CA ARG B 436 42.91 -24.45 17.60
C ARG B 436 43.70 -24.72 16.32
N ARG B 437 44.93 -24.22 16.26
CA ARG B 437 45.89 -24.53 15.17
C ARG B 437 45.27 -24.16 13.81
N GLU B 438 44.44 -23.11 13.76
CA GLU B 438 43.76 -22.67 12.52
C GLU B 438 44.50 -21.48 11.92
N THR B 439 44.71 -21.47 10.61
CA THR B 439 45.21 -20.33 9.81
C THR B 439 44.07 -19.83 8.90
N VAL B 440 43.80 -18.53 8.84
CA VAL B 440 42.71 -18.05 7.94
C VAL B 440 43.28 -16.95 7.04
N VAL B 441 42.90 -16.97 5.76
CA VAL B 441 43.22 -15.90 4.81
C VAL B 441 41.95 -15.09 4.55
N VAL B 442 42.08 -13.78 4.73
CA VAL B 442 40.99 -12.79 4.50
C VAL B 442 41.48 -11.84 3.40
N GLU B 443 40.54 -11.34 2.63
CA GLU B 443 40.80 -10.43 1.48
C GLU B 443 39.96 -9.19 1.74
N ALA B 444 40.60 -8.04 1.91
CA ALA B 444 39.89 -6.79 2.19
C ALA B 444 40.31 -5.67 1.24
N HIS B 445 39.35 -4.80 0.92
CA HIS B 445 39.55 -3.49 0.27
C HIS B 445 39.86 -2.47 1.39
N TYR B 446 41.06 -1.89 1.38
CA TYR B 446 41.49 -0.90 2.39
C TYR B 446 40.98 0.46 1.92
N ALA B 447 39.71 0.73 2.13
CA ALA B 447 38.99 1.87 1.52
C ALA B 447 37.85 2.27 2.43
N PRO B 448 37.26 3.49 2.27
CA PRO B 448 37.81 4.53 1.40
C PRO B 448 38.64 5.59 2.14
N PHE B 449 38.79 5.46 3.45
CA PHE B 449 39.32 6.51 4.36
C PHE B 449 40.76 6.23 4.79
N PRO B 450 41.68 7.20 4.62
CA PRO B 450 43.04 7.05 5.12
C PRO B 450 43.02 7.23 6.64
N GLY B 451 43.96 6.63 7.34
CA GLY B 451 43.91 6.61 8.81
C GLY B 451 44.73 5.50 9.42
N VAL B 452 45.03 5.65 10.70
CA VAL B 452 45.70 4.64 11.56
C VAL B 452 44.60 3.97 12.40
N TYR B 453 44.48 2.66 12.23
CA TYR B 453 43.29 1.84 12.61
C TYR B 453 43.85 0.64 13.35
N MET B 454 43.09 0.08 14.28
CA MET B 454 43.55 -1.10 15.04
C MET B 454 43.23 -2.41 14.28
N PHE B 455 43.94 -3.46 14.68
CA PHE B 455 43.50 -4.85 14.46
C PHE B 455 44.06 -5.68 15.61
N HIS B 456 43.33 -6.71 15.99
CA HIS B 456 43.59 -7.39 17.27
C HIS B 456 42.73 -8.65 17.40
N CYS B 457 43.13 -9.48 18.34
CA CYS B 457 42.28 -10.53 18.90
C CYS B 457 41.21 -9.88 19.77
N HIS B 458 39.97 -10.37 19.64
CA HIS B 458 38.76 -9.83 20.32
C HIS B 458 38.40 -10.71 21.53
N ASN B 459 39.32 -11.57 21.97
CA ASN B 459 39.27 -12.10 23.37
C ASN B 459 39.78 -10.93 24.21
N LEU B 460 38.97 -10.35 25.06
CA LEU B 460 39.34 -9.00 25.55
C LEU B 460 40.49 -9.11 26.55
N ILE B 461 40.67 -10.31 27.13
CA ILE B 461 41.81 -10.63 28.04
C ILE B 461 43.07 -10.56 27.18
N HIS B 462 43.08 -11.26 26.05
CA HIS B 462 44.18 -11.24 25.06
C HIS B 462 44.43 -9.81 24.58
N GLU B 463 43.36 -9.11 24.26
CA GLU B 463 43.40 -7.75 23.69
C GLU B 463 44.10 -6.80 24.66
N ASP B 464 43.84 -6.92 25.97
CA ASP B 464 44.41 -5.99 26.99
C ASP B 464 45.90 -6.31 27.26
N HIS B 465 46.39 -7.54 27.04
CA HIS B 465 47.77 -7.99 27.41
C HIS B 465 48.37 -8.99 26.40
N ASP B 466 48.50 -8.59 25.12
CA ASP B 466 48.39 -7.23 24.61
C ASP B 466 48.28 -7.40 23.09
N MET B 467 47.37 -8.29 22.67
CA MET B 467 47.29 -8.90 21.33
C MET B 467 46.61 -7.92 20.35
N MET B 468 47.29 -6.80 20.10
CA MET B 468 46.74 -5.72 19.27
C MET B 468 47.89 -5.03 18.55
N ALA B 469 47.59 -4.44 17.41
CA ALA B 469 48.54 -3.73 16.53
C ALA B 469 47.73 -2.78 15.64
N ALA B 470 48.42 -1.99 14.83
CA ALA B 470 47.77 -0.98 13.99
C ALA B 470 48.28 -1.16 12.56
N PHE B 471 47.44 -0.77 11.61
CA PHE B 471 47.84 -0.53 10.20
C PHE B 471 47.59 0.94 9.90
N ASN B 472 48.28 1.44 8.88
CA ASN B 472 48.05 2.79 8.31
C ASN B 472 47.49 2.63 6.91
N ALA B 473 46.22 2.97 6.72
CA ALA B 473 45.62 3.17 5.37
C ALA B 473 46.12 4.50 4.78
N THR B 474 47.22 4.49 4.01
CA THR B 474 47.97 5.70 3.57
C THR B 474 47.40 6.35 2.29
N VAL B 475 47.74 7.65 2.12
CA VAL B 475 47.50 8.49 0.91
C VAL B 475 48.70 9.41 0.69
N LEU B 476 48.79 9.98 -0.51
CA LEU B 476 49.82 10.99 -0.89
C LEU B 476 49.36 12.34 -0.37
N PRO B 477 50.27 13.32 -0.20
CA PRO B 477 49.87 14.61 0.39
C PRO B 477 48.86 15.38 -0.46
N ASP B 478 48.74 15.07 -1.77
CA ASP B 478 47.82 15.75 -2.74
C ASP B 478 46.39 15.18 -2.71
N TYR B 479 46.14 14.09 -1.95
CA TYR B 479 44.82 13.38 -1.92
C TYR B 479 43.67 14.34 -1.50
N GLY B 480 43.91 15.34 -0.63
CA GLY B 480 42.86 16.32 -0.25
C GLY B 480 41.97 15.83 0.88
N TYR B 481 40.64 15.97 0.73
CA TYR B 481 39.55 15.55 1.67
C TYR B 481 39.95 15.79 3.14
N ASN B 482 40.65 16.88 3.42
CA ASN B 482 41.02 17.28 4.80
C ASN B 482 41.69 16.07 5.48
N ALA B 483 42.44 15.29 4.70
CA ALA B 483 43.16 14.09 5.16
C ALA B 483 44.09 14.47 6.34
N THR B 484 44.80 15.60 6.26
CA THR B 484 45.76 16.07 7.30
C THR B 484 45.11 16.01 8.69
N VAL B 485 43.83 16.40 8.86
CA VAL B 485 43.20 16.42 10.23
C VAL B 485 42.38 15.14 10.50
N PHE B 486 42.34 14.16 9.60
CA PHE B 486 41.55 12.92 9.87
C PHE B 486 42.39 11.64 9.93
N VAL B 487 43.72 11.68 9.74
CA VAL B 487 44.56 10.44 9.61
C VAL B 487 45.04 9.94 10.97
N ASP B 488 45.08 10.83 11.97
CA ASP B 488 45.70 10.59 13.31
C ASP B 488 44.56 10.56 14.33
N PRO B 489 44.34 9.42 15.03
CA PRO B 489 43.19 9.29 15.91
C PRO B 489 43.22 10.35 17.03
N MET B 490 44.42 10.80 17.41
CA MET B 490 44.62 11.67 18.60
C MET B 490 44.60 13.16 18.20
N GLU B 491 44.30 13.49 16.94
CA GLU B 491 44.16 14.89 16.45
C GLU B 491 43.27 15.69 17.41
N GLU B 492 43.72 16.90 17.74
CA GLU B 492 43.21 17.73 18.86
C GLU B 492 41.78 18.19 18.54
N LEU B 493 41.49 18.49 17.26
CA LEU B 493 40.13 18.95 16.89
C LEU B 493 39.08 18.02 17.51
N TRP B 494 39.34 16.72 17.57
CA TRP B 494 38.31 15.69 17.87
C TRP B 494 38.47 15.18 19.31
N GLN B 495 39.53 15.60 20.00
CA GLN B 495 39.84 15.15 21.39
C GLN B 495 38.68 15.43 22.35
N ALA B 496 38.61 14.66 23.44
CA ALA B 496 37.65 14.78 24.56
C ALA B 496 37.77 16.18 25.15
N ARG B 497 36.71 16.62 25.83
CA ARG B 497 36.60 17.97 26.45
C ARG B 497 36.00 17.86 27.85
N PRO B 498 36.51 18.67 28.80
CA PRO B 498 35.89 18.73 30.12
C PRO B 498 34.47 19.31 30.06
N TYR B 499 33.62 18.87 30.99
CA TYR B 499 32.25 19.39 31.23
C TYR B 499 32.00 19.42 32.75
N GLU B 500 30.99 20.16 33.19
CA GLU B 500 30.56 20.13 34.61
C GLU B 500 29.18 19.47 34.66
N LEU B 501 28.94 18.62 35.67
CA LEU B 501 27.72 17.77 35.75
C LEU B 501 26.47 18.64 35.56
N GLY B 502 26.43 19.83 36.20
CA GLY B 502 25.35 20.84 36.12
C GLY B 502 24.94 21.21 34.69
N GLU B 503 25.90 21.61 33.84
CA GLU B 503 25.70 21.97 32.41
C GLU B 503 24.88 20.90 31.68
N PHE B 504 25.17 19.62 31.92
CA PHE B 504 24.55 18.45 31.22
C PHE B 504 23.10 18.29 31.69
N GLN B 505 22.91 18.19 33.01
CA GLN B 505 21.60 18.09 33.70
C GLN B 505 20.74 19.31 33.36
N ALA B 506 21.35 20.49 33.25
CA ALA B 506 20.67 21.78 32.98
C ALA B 506 20.48 22.00 31.48
N GLN B 507 21.28 21.33 30.65
CA GLN B 507 21.24 21.43 29.16
C GLN B 507 21.51 22.87 28.78
N SER B 508 22.71 23.35 29.09
CA SER B 508 23.13 24.76 28.92
C SER B 508 24.60 24.83 28.48
N GLY B 509 25.03 26.03 28.07
CA GLY B 509 26.43 26.32 27.73
C GLY B 509 26.92 25.41 26.63
N GLN B 510 27.73 24.40 26.99
CA GLN B 510 28.29 23.37 26.06
C GLN B 510 27.17 22.45 25.56
N PHE B 511 26.19 22.14 26.41
CA PHE B 511 25.01 21.25 26.14
C PHE B 511 23.76 22.04 25.71
N SER B 512 23.80 23.37 25.58
CA SER B 512 22.68 24.21 25.06
C SER B 512 22.37 23.81 23.61
N VAL B 513 21.12 23.94 23.18
CA VAL B 513 20.67 23.60 21.80
C VAL B 513 21.53 24.35 20.78
N GLN B 514 22.05 25.52 21.15
CA GLN B 514 22.74 26.46 20.23
C GLN B 514 24.23 26.10 20.15
N ALA B 515 24.86 25.84 21.29
CA ALA B 515 26.29 25.43 21.39
C ALA B 515 26.49 24.12 20.60
N VAL B 516 25.73 23.09 20.96
CA VAL B 516 25.75 21.74 20.30
C VAL B 516 25.53 21.92 18.79
N THR B 517 24.59 22.79 18.41
CA THR B 517 24.26 23.07 17.00
C THR B 517 25.51 23.63 16.31
N GLU B 518 26.24 24.51 16.99
CA GLU B 518 27.41 25.19 16.35
C GLU B 518 28.53 24.17 16.25
N ARG B 519 28.63 23.28 17.25
CA ARG B 519 29.70 22.25 17.38
C ARG B 519 29.57 21.27 16.22
N ILE B 520 28.40 20.64 16.07
CA ILE B 520 28.09 19.70 14.95
C ILE B 520 28.27 20.40 13.59
N GLN B 521 27.73 21.61 13.43
CA GLN B 521 27.77 22.36 12.15
C GLN B 521 29.22 22.53 11.73
N THR B 522 30.09 22.78 12.71
CA THR B 522 31.56 22.94 12.55
C THR B 522 32.16 21.60 12.09
N MET B 523 31.98 20.54 12.87
CA MET B 523 32.52 19.18 12.55
C MET B 523 32.14 18.84 11.09
N ALA B 524 30.87 19.03 10.74
CA ALA B 524 30.29 18.73 9.40
C ALA B 524 31.06 19.43 8.28
N GLU B 525 31.55 20.65 8.49
CA GLU B 525 32.20 21.51 7.44
C GLU B 525 33.57 20.95 7.02
N TYR B 526 34.21 20.15 7.88
CA TYR B 526 35.49 19.45 7.56
C TYR B 526 35.20 18.27 6.61
N ARG B 527 33.94 17.82 6.52
CA ARG B 527 33.42 16.81 5.55
C ARG B 527 34.14 15.47 5.76
N PRO B 528 34.09 14.90 6.99
CA PRO B 528 34.86 13.71 7.34
C PRO B 528 34.67 12.52 6.37
N TYR B 529 33.43 12.32 5.92
CA TYR B 529 32.97 11.08 5.24
C TYR B 529 32.74 11.34 3.74
N ALA B 530 33.35 12.37 3.16
CA ALA B 530 33.02 12.85 1.79
C ALA B 530 33.43 11.82 0.72
N ALA B 531 34.49 11.03 0.94
CA ALA B 531 35.01 10.07 -0.08
C ALA B 531 34.12 8.83 -0.21
N ALA B 532 33.21 8.57 0.75
CA ALA B 532 32.14 7.53 0.73
C ALA B 532 30.94 7.91 -0.14
N ASP B 533 30.69 9.21 -0.34
CA ASP B 533 29.64 9.81 -1.22
C ASP B 533 29.61 9.10 -2.58
N GLU B 534 28.50 8.46 -2.96
CA GLU B 534 28.38 7.82 -4.30
C GLU B 534 27.37 8.63 -5.15
N VAL C 1 -16.39 27.06 39.70
CA VAL C 1 -16.24 27.10 41.21
C VAL C 1 -14.93 26.43 41.65
N ALA C 2 -14.56 26.59 42.93
CA ALA C 2 -13.33 26.01 43.50
C ALA C 2 -13.31 24.51 43.21
N GLN C 3 -12.20 24.03 42.64
CA GLN C 3 -11.80 22.61 42.63
C GLN C 3 -11.87 22.06 44.06
N ILE C 4 -12.41 20.85 44.17
CA ILE C 4 -12.60 20.06 45.43
C ILE C 4 -11.46 19.04 45.52
N SER C 5 -11.26 18.31 44.42
CA SER C 5 -10.17 17.32 44.23
C SER C 5 -8.83 18.00 44.54
N PRO C 6 -7.81 17.26 45.03
CA PRO C 6 -6.53 17.89 45.36
C PRO C 6 -5.91 18.48 44.08
N GLN C 7 -5.01 19.45 44.22
CA GLN C 7 -4.31 20.07 43.07
C GLN C 7 -3.59 18.99 42.26
N TYR C 8 -3.76 18.93 40.93
CA TYR C 8 -3.06 17.94 40.08
C TYR C 8 -1.97 18.63 39.27
N PRO C 9 -0.75 18.05 39.14
CA PRO C 9 0.31 18.56 38.24
C PRO C 9 -0.12 18.49 36.76
N MET C 10 -0.58 19.64 36.24
CA MET C 10 -1.29 19.75 34.94
C MET C 10 -0.29 19.51 33.81
N PHE C 11 -0.63 18.59 32.90
CA PHE C 11 0.07 18.36 31.61
C PHE C 11 1.53 17.89 31.80
N THR C 12 1.79 16.96 32.74
CA THR C 12 3.16 16.46 33.05
C THR C 12 3.30 14.96 32.77
N VAL C 13 2.20 14.20 32.77
CA VAL C 13 2.12 12.74 32.44
C VAL C 13 1.69 12.56 30.97
N PRO C 14 2.35 11.71 30.16
CA PRO C 14 1.97 11.56 28.76
C PRO C 14 0.66 10.78 28.64
N LEU C 15 -0.11 11.03 27.57
CA LEU C 15 -1.42 10.38 27.26
C LEU C 15 -1.26 8.88 27.13
N PRO C 16 -1.85 8.07 28.03
CA PRO C 16 -1.77 6.63 27.94
C PRO C 16 -2.54 6.18 26.70
N ILE C 17 -2.29 4.95 26.21
CA ILE C 17 -3.01 4.33 25.06
C ILE C 17 -3.40 2.91 25.44
N PRO C 18 -4.70 2.62 25.65
CA PRO C 18 -5.14 1.29 26.05
C PRO C 18 -4.51 0.31 25.05
N PRO C 19 -3.96 -0.82 25.52
CA PRO C 19 -3.33 -1.77 24.62
C PRO C 19 -4.47 -2.38 23.82
N VAL C 20 -4.17 -2.94 22.65
CA VAL C 20 -5.13 -3.74 21.85
C VAL C 20 -5.33 -5.06 22.60
N LYS C 21 -6.59 -5.49 22.70
CA LYS C 21 -7.02 -6.79 23.26
C LYS C 21 -6.85 -7.85 22.16
N GLN C 22 -6.00 -8.85 22.38
CA GLN C 22 -5.78 -9.95 21.40
C GLN C 22 -6.78 -11.08 21.70
N PRO C 23 -7.33 -11.77 20.66
CA PRO C 23 -8.07 -13.02 20.88
C PRO C 23 -7.19 -14.08 21.54
N ARG C 24 -7.79 -14.92 22.37
CA ARG C 24 -7.14 -16.15 22.90
C ARG C 24 -6.89 -17.09 21.72
N LEU C 25 -7.95 -17.40 20.94
CA LEU C 25 -7.92 -18.39 19.83
C LEU C 25 -9.00 -18.04 18.80
N THR C 26 -8.84 -18.53 17.58
CA THR C 26 -9.91 -18.46 16.55
C THR C 26 -10.60 -19.82 16.60
N VAL C 27 -11.83 -19.91 16.09
CA VAL C 27 -12.69 -21.13 16.08
C VAL C 27 -13.49 -21.07 14.79
N THR C 28 -13.59 -22.18 14.07
CA THR C 28 -14.26 -22.22 12.76
C THR C 28 -15.77 -22.32 12.98
N ASN C 29 -16.47 -21.31 12.47
CA ASN C 29 -17.95 -21.30 12.39
C ASN C 29 -18.38 -22.36 11.40
N PRO C 30 -18.98 -23.48 11.85
CA PRO C 30 -19.20 -24.63 10.98
C PRO C 30 -20.41 -24.40 10.06
N VAL C 31 -21.16 -23.33 10.30
CA VAL C 31 -22.30 -22.94 9.40
C VAL C 31 -21.75 -22.25 8.14
N ASN C 32 -20.59 -21.56 8.19
CA ASN C 32 -20.16 -20.74 7.02
C ASN C 32 -18.62 -20.64 6.81
N GLY C 33 -17.81 -21.53 7.40
CA GLY C 33 -16.35 -21.65 7.20
C GLY C 33 -15.53 -20.50 7.76
N GLN C 34 -16.16 -19.50 8.39
CA GLN C 34 -15.53 -18.22 8.80
C GLN C 34 -14.90 -18.34 10.19
N GLU C 35 -13.82 -17.61 10.45
CA GLU C 35 -13.15 -17.66 11.78
C GLU C 35 -13.91 -16.69 12.71
N ILE C 36 -14.36 -17.21 13.86
CA ILE C 36 -14.84 -16.44 15.05
C ILE C 36 -13.62 -16.23 15.96
N TRP C 37 -13.39 -14.98 16.36
CA TRP C 37 -12.33 -14.57 17.31
C TRP C 37 -12.93 -14.67 18.72
N TYR C 38 -12.27 -15.43 19.59
CA TYR C 38 -12.72 -15.70 20.96
C TYR C 38 -11.71 -15.01 21.90
N TYR C 39 -12.27 -14.22 22.80
CA TYR C 39 -11.50 -13.43 23.79
C TYR C 39 -12.00 -13.73 25.20
N GLU C 40 -11.12 -13.62 26.17
CA GLU C 40 -11.49 -13.74 27.61
C GLU C 40 -11.14 -12.42 28.28
N VAL C 41 -12.14 -11.79 28.92
CA VAL C 41 -11.96 -10.54 29.72
C VAL C 41 -12.38 -10.81 31.16
N GLU C 42 -11.44 -10.55 32.09
CA GLU C 42 -11.64 -10.76 33.55
C GLU C 42 -11.96 -9.39 34.14
N ILE C 43 -13.18 -9.20 34.63
CA ILE C 43 -13.53 -7.94 35.37
C ILE C 43 -12.98 -8.14 36.79
N LYS C 44 -12.04 -7.30 37.20
CA LYS C 44 -11.37 -7.47 38.51
C LYS C 44 -10.92 -6.12 39.09
N PRO C 45 -10.90 -6.03 40.45
CA PRO C 45 -10.38 -4.84 41.12
C PRO C 45 -8.87 -4.73 40.95
N PHE C 46 -8.36 -3.51 41.05
CA PHE C 46 -6.92 -3.16 41.04
C PHE C 46 -6.79 -1.74 41.60
N THR C 47 -5.57 -1.24 41.76
CA THR C 47 -5.33 0.16 42.20
C THR C 47 -4.43 0.89 41.20
N HIS C 48 -4.54 2.22 41.12
CA HIS C 48 -3.73 3.07 40.21
C HIS C 48 -3.28 4.31 40.99
N GLN C 49 -1.98 4.63 40.93
CA GLN C 49 -1.43 5.92 41.39
C GLN C 49 -1.84 7.02 40.41
N VAL C 50 -3.04 7.60 40.57
CA VAL C 50 -3.53 8.70 39.70
C VAL C 50 -2.73 9.97 40.02
N TYR C 51 -2.83 10.39 41.28
CA TYR C 51 -2.07 11.50 41.92
C TYR C 51 -0.73 10.95 42.38
N PRO C 52 0.42 11.34 41.76
CA PRO C 52 1.71 10.71 42.08
C PRO C 52 2.09 10.67 43.57
N ASP C 53 1.92 11.77 44.32
CA ASP C 53 2.46 11.89 45.70
C ASP C 53 1.38 11.70 46.78
N LEU C 54 0.21 11.17 46.43
CA LEU C 54 -0.89 10.79 47.38
C LEU C 54 -0.98 9.26 47.46
N GLY C 55 -2.12 8.75 47.96
CA GLY C 55 -2.47 7.32 47.92
C GLY C 55 -2.91 6.86 46.53
N SER C 56 -3.36 5.60 46.46
CA SER C 56 -3.88 4.93 45.23
C SER C 56 -5.41 5.04 45.23
N ALA C 57 -6.00 4.91 44.04
CA ALA C 57 -7.45 4.89 43.75
C ALA C 57 -7.90 3.44 43.48
N ASP C 58 -9.05 3.06 44.01
CA ASP C 58 -9.61 1.68 43.89
C ASP C 58 -10.59 1.62 42.70
N LEU C 59 -10.25 0.79 41.70
CA LEU C 59 -10.88 0.69 40.37
C LEU C 59 -11.31 -0.77 40.20
N VAL C 60 -12.25 -1.00 39.27
CA VAL C 60 -12.68 -2.36 38.82
C VAL C 60 -12.77 -2.22 37.30
N GLY C 61 -11.89 -2.95 36.61
CA GLY C 61 -11.65 -2.84 35.16
C GLY C 61 -11.73 -4.20 34.46
N TYR C 62 -12.04 -4.14 33.17
CA TYR C 62 -11.88 -5.23 32.18
C TYR C 62 -10.37 -5.45 32.08
N ASP C 63 -9.91 -6.68 32.34
CA ASP C 63 -8.46 -7.08 32.45
C ASP C 63 -7.68 -6.19 33.44
N GLY C 64 -8.35 -5.65 34.45
CA GLY C 64 -7.71 -4.90 35.53
C GLY C 64 -7.08 -3.63 34.99
N MET C 65 -7.70 -3.02 33.98
CA MET C 65 -7.25 -1.70 33.51
C MET C 65 -8.46 -0.82 33.27
N SER C 66 -8.25 0.48 33.30
CA SER C 66 -9.23 1.47 32.82
C SER C 66 -8.44 2.52 32.07
N PRO C 67 -8.78 2.83 30.81
CA PRO C 67 -9.82 2.09 30.08
C PRO C 67 -9.54 0.60 29.85
N GLY C 68 -10.61 -0.16 29.59
CA GLY C 68 -10.49 -1.52 29.06
C GLY C 68 -9.52 -1.56 27.88
N PRO C 69 -8.95 -2.74 27.56
CA PRO C 69 -8.02 -2.82 26.44
C PRO C 69 -8.84 -2.62 25.14
N THR C 70 -8.25 -1.98 24.14
CA THR C 70 -8.96 -1.63 22.89
C THR C 70 -9.17 -2.92 22.07
N PHE C 71 -10.39 -3.15 21.58
CA PHE C 71 -10.67 -4.17 20.54
C PHE C 71 -10.38 -3.58 19.15
N GLN C 72 -9.90 -4.42 18.25
CA GLN C 72 -9.83 -4.02 16.83
C GLN C 72 -10.35 -5.21 16.02
N VAL C 73 -11.52 -5.07 15.42
CA VAL C 73 -12.22 -6.19 14.71
C VAL C 73 -12.53 -5.76 13.27
N PRO C 74 -12.09 -6.56 12.28
CA PRO C 74 -12.51 -6.38 10.89
C PRO C 74 -13.99 -6.72 10.65
N ARG C 75 -14.69 -5.86 9.93
CA ARG C 75 -16.08 -6.09 9.51
C ARG C 75 -16.22 -7.53 8.92
N GLY C 76 -17.20 -8.32 9.38
CA GLY C 76 -17.52 -9.66 8.88
C GLY C 76 -16.85 -10.77 9.69
N VAL C 77 -15.95 -10.43 10.59
CA VAL C 77 -15.45 -11.41 11.59
C VAL C 77 -16.36 -11.32 12.83
N GLU C 78 -17.21 -12.35 13.05
CA GLU C 78 -17.97 -12.58 14.31
C GLU C 78 -16.94 -12.77 15.44
N THR C 79 -17.24 -12.15 16.58
CA THR C 79 -16.47 -12.28 17.85
C THR C 79 -17.42 -12.85 18.91
N VAL C 80 -16.82 -13.64 19.81
CA VAL C 80 -17.38 -14.14 21.11
C VAL C 80 -16.41 -13.73 22.20
N VAL C 81 -16.85 -12.87 23.12
CA VAL C 81 -16.04 -12.40 24.28
C VAL C 81 -16.60 -13.01 25.57
N ARG C 82 -15.72 -13.64 26.34
CA ARG C 82 -16.13 -14.27 27.61
C ARG C 82 -15.81 -13.25 28.68
N PHE C 83 -16.88 -12.62 29.20
CA PHE C 83 -16.82 -11.60 30.26
C PHE C 83 -16.98 -12.36 31.57
N ILE C 84 -15.84 -12.50 32.25
CA ILE C 84 -15.64 -13.23 33.53
C ILE C 84 -15.63 -12.18 34.65
N ASN C 85 -16.66 -12.27 35.50
CA ASN C 85 -16.79 -11.50 36.77
C ASN C 85 -16.02 -12.22 37.90
N ASN C 86 -14.85 -11.66 38.26
CA ASN C 86 -14.06 -11.93 39.49
C ASN C 86 -13.93 -10.62 40.28
N ALA C 87 -15.06 -9.95 40.55
CA ALA C 87 -15.14 -8.72 41.35
C ALA C 87 -16.26 -8.84 42.39
N GLU C 88 -16.74 -7.71 42.91
CA GLU C 88 -17.58 -7.66 44.14
C GLU C 88 -19.05 -7.46 43.79
N ALA C 89 -19.33 -6.81 42.66
CA ALA C 89 -20.70 -6.43 42.24
C ALA C 89 -21.01 -7.03 40.87
N PRO C 90 -22.30 -7.32 40.59
CA PRO C 90 -22.68 -7.85 39.28
C PRO C 90 -22.24 -6.91 38.15
N ASN C 91 -22.28 -7.43 36.92
CA ASN C 91 -21.99 -6.67 35.68
C ASN C 91 -23.00 -7.05 34.61
N SER C 92 -23.10 -6.18 33.62
CA SER C 92 -23.84 -6.41 32.36
C SER C 92 -23.15 -5.61 31.27
N VAL C 93 -22.35 -6.28 30.43
CA VAL C 93 -21.60 -5.65 29.31
C VAL C 93 -22.54 -5.39 28.13
N HIS C 94 -22.53 -4.14 27.71
CA HIS C 94 -23.16 -3.63 26.49
C HIS C 94 -22.09 -3.12 25.54
N LEU C 95 -22.10 -3.59 24.28
CA LEU C 95 -21.26 -3.07 23.17
C LEU C 95 -22.05 -1.93 22.51
N HIS C 96 -21.79 -0.70 22.92
CA HIS C 96 -22.51 0.49 22.40
C HIS C 96 -22.09 0.72 20.94
N GLY C 97 -23.10 0.87 20.07
CA GLY C 97 -23.00 0.99 18.61
C GLY C 97 -23.18 -0.32 17.86
N SER C 98 -23.36 -1.47 18.52
CA SER C 98 -23.51 -2.81 17.85
C SER C 98 -24.98 -3.24 17.89
N PHE C 99 -25.52 -3.69 16.74
CA PHE C 99 -26.90 -4.27 16.62
C PHE C 99 -26.90 -5.75 17.08
N SER C 100 -26.33 -5.99 18.26
CA SER C 100 -26.27 -7.29 18.98
C SER C 100 -27.68 -7.87 19.22
N ARG C 101 -27.87 -9.17 19.23
CA ARG C 101 -29.21 -9.70 19.60
C ARG C 101 -29.52 -9.31 21.06
N ALA C 102 -30.80 -9.28 21.46
CA ALA C 102 -31.25 -8.86 22.81
C ALA C 102 -30.40 -9.47 23.95
N ALA C 103 -30.08 -10.76 23.88
CA ALA C 103 -29.35 -11.49 24.97
C ALA C 103 -27.85 -11.23 24.89
N PHE C 104 -27.34 -10.48 23.90
CA PHE C 104 -25.89 -10.15 23.77
C PHE C 104 -25.68 -8.63 23.83
N ASP C 105 -26.72 -7.92 24.26
CA ASP C 105 -26.79 -6.43 24.14
C ASP C 105 -26.44 -5.75 25.48
N GLY C 106 -26.34 -6.47 26.59
CA GLY C 106 -26.11 -5.83 27.91
C GLY C 106 -27.41 -5.35 28.54
N TRP C 107 -28.54 -6.02 28.28
CA TRP C 107 -29.80 -5.73 29.01
C TRP C 107 -29.51 -5.65 30.52
N ALA C 108 -30.08 -4.64 31.18
CA ALA C 108 -29.67 -4.18 32.53
C ALA C 108 -29.97 -5.26 33.59
N GLU C 109 -31.02 -6.07 33.40
CA GLU C 109 -31.33 -7.25 34.24
C GLU C 109 -30.56 -8.50 33.79
N ASP C 110 -29.85 -8.47 32.64
CA ASP C 110 -29.12 -9.66 32.14
C ASP C 110 -27.73 -9.70 32.79
N ILE C 111 -27.67 -9.90 34.10
CA ILE C 111 -26.43 -9.63 34.92
C ILE C 111 -25.64 -10.92 35.04
N THR C 112 -24.35 -10.70 35.32
CA THR C 112 -23.35 -11.70 35.69
C THR C 112 -22.93 -11.35 37.12
N GLU C 113 -23.29 -12.25 38.05
CA GLU C 113 -22.81 -12.27 39.45
C GLU C 113 -21.33 -12.65 39.43
N PRO C 114 -20.54 -12.21 40.43
CA PRO C 114 -19.20 -12.75 40.67
C PRO C 114 -19.10 -14.30 40.76
N GLY C 115 -18.01 -14.87 40.22
CA GLY C 115 -17.85 -16.33 40.08
C GLY C 115 -18.77 -16.88 39.02
N SER C 116 -19.42 -16.02 38.23
CA SER C 116 -20.08 -16.32 36.93
C SER C 116 -19.35 -15.59 35.76
N PHE C 117 -19.54 -16.11 34.53
CA PHE C 117 -19.11 -15.47 33.24
C PHE C 117 -20.27 -15.55 32.27
N LYS C 118 -20.29 -14.67 31.25
CA LYS C 118 -21.28 -14.76 30.13
C LYS C 118 -20.54 -14.70 28.79
N ASP C 119 -20.95 -15.54 27.84
CA ASP C 119 -20.37 -15.54 26.46
C ASP C 119 -21.12 -14.51 25.63
N TYR C 120 -20.43 -13.47 25.16
CA TYR C 120 -21.08 -12.42 24.36
C TYR C 120 -20.70 -12.69 22.90
N TYR C 121 -21.73 -12.89 22.06
CA TYR C 121 -21.70 -13.09 20.59
C TYR C 121 -21.98 -11.76 19.86
N TYR C 122 -20.96 -11.24 19.17
CA TYR C 122 -21.05 -9.97 18.40
C TYR C 122 -20.87 -10.23 16.90
N PRO C 123 -21.80 -9.68 16.06
CA PRO C 123 -21.79 -9.92 14.61
C PRO C 123 -20.71 -9.16 13.83
N ASN C 124 -20.58 -7.86 14.14
CA ASN C 124 -19.54 -6.95 13.58
C ASN C 124 -19.74 -6.81 12.07
N ARG C 125 -20.99 -6.57 11.66
CA ARG C 125 -21.42 -6.51 10.25
C ARG C 125 -21.81 -5.08 9.85
N GLN C 126 -21.92 -4.15 10.80
CA GLN C 126 -22.29 -2.73 10.52
C GLN C 126 -21.08 -1.95 9.93
N SER C 127 -21.33 -0.75 9.39
CA SER C 127 -20.27 0.19 8.92
C SER C 127 -19.15 0.32 9.95
N ALA C 128 -17.89 0.38 9.50
CA ALA C 128 -16.75 0.78 10.35
C ALA C 128 -17.16 1.98 11.21
N ARG C 129 -16.84 1.92 12.49
CA ARG C 129 -17.25 2.94 13.49
C ARG C 129 -16.40 2.71 14.75
N THR C 130 -16.38 3.71 15.64
CA THR C 130 -15.80 3.56 16.99
C THR C 130 -16.92 3.11 17.94
N LEU C 131 -17.03 1.82 18.24
CA LEU C 131 -17.93 1.34 19.33
C LEU C 131 -17.20 1.49 20.66
N TRP C 132 -17.93 1.27 21.75
CA TRP C 132 -17.29 1.18 23.08
C TRP C 132 -18.11 0.19 23.90
N TYR C 133 -17.39 -0.66 24.65
CA TYR C 133 -17.97 -1.68 25.56
C TYR C 133 -17.88 -1.13 27.00
N HIS C 134 -18.97 -1.28 27.77
CA HIS C 134 -19.07 -0.69 29.11
C HIS C 134 -20.21 -1.35 29.88
N ASP C 135 -20.28 -1.11 31.19
CA ASP C 135 -21.27 -1.82 32.07
C ASP C 135 -22.67 -1.18 31.90
N HIS C 136 -23.70 -2.00 32.07
CA HIS C 136 -25.14 -1.63 31.94
C HIS C 136 -26.02 -2.27 33.05
N ALA C 137 -25.42 -2.80 34.13
CA ALA C 137 -26.16 -3.55 35.18
C ALA C 137 -27.10 -2.59 35.94
N MET C 138 -28.37 -3.01 36.10
CA MET C 138 -29.44 -2.27 36.83
C MET C 138 -28.92 -1.61 38.12
N HIS C 139 -29.00 -0.27 38.19
CA HIS C 139 -28.87 0.62 39.40
C HIS C 139 -27.42 0.91 39.77
N ILE C 140 -26.44 0.25 39.17
CA ILE C 140 -25.00 0.33 39.57
C ILE C 140 -24.14 0.63 38.34
N THR C 141 -24.75 0.97 37.22
CA THR C 141 -24.08 1.33 35.94
C THR C 141 -23.18 2.54 36.20
N ALA C 142 -23.72 3.58 36.84
CA ALA C 142 -22.93 4.82 37.03
C ALA C 142 -21.62 4.47 37.73
N GLU C 143 -21.71 3.76 38.85
CA GLU C 143 -20.53 3.42 39.69
C GLU C 143 -19.65 2.41 38.95
N ASN C 144 -20.25 1.41 38.29
CA ASN C 144 -19.48 0.37 37.55
C ASN C 144 -18.70 1.00 36.39
N ALA C 145 -19.30 1.91 35.64
CA ALA C 145 -18.62 2.69 34.57
C ALA C 145 -17.54 3.64 35.14
N TYR C 146 -17.85 4.36 36.23
CA TYR C 146 -16.97 5.34 36.90
C TYR C 146 -15.70 4.65 37.43
N ARG C 147 -15.84 3.46 38.00
CA ARG C 147 -14.71 2.70 38.61
C ARG C 147 -13.89 1.96 37.54
N GLY C 148 -14.25 2.04 36.23
CA GLY C 148 -13.37 1.66 35.09
C GLY C 148 -13.95 0.70 34.04
N GLN C 149 -15.18 0.21 34.17
CA GLN C 149 -15.81 -0.73 33.22
C GLN C 149 -16.36 0.03 31.99
N ALA C 150 -15.41 0.52 31.18
CA ALA C 150 -15.56 1.03 29.80
C ALA C 150 -14.24 0.88 29.03
N GLY C 151 -14.32 0.43 27.78
CA GLY C 151 -13.18 0.28 26.83
C GLY C 151 -13.59 0.58 25.40
N LEU C 152 -12.63 0.67 24.48
CA LEU C 152 -12.90 1.04 23.07
C LEU C 152 -13.00 -0.22 22.22
N TYR C 153 -13.94 -0.26 21.27
CA TYR C 153 -14.10 -1.36 20.30
C TYR C 153 -14.14 -0.70 18.91
N MET C 154 -13.04 -0.81 18.17
CA MET C 154 -12.88 -0.26 16.80
C MET C 154 -13.22 -1.38 15.83
N LEU C 155 -14.32 -1.17 15.10
CA LEU C 155 -14.79 -1.97 13.95
C LEU C 155 -14.24 -1.35 12.66
N THR C 156 -13.19 -1.99 12.12
CA THR C 156 -12.44 -1.61 10.89
C THR C 156 -13.12 -2.15 9.62
N ASP C 157 -12.92 -1.43 8.53
CA ASP C 157 -13.26 -1.92 7.16
C ASP C 157 -12.06 -1.61 6.28
N PRO C 158 -11.41 -2.64 5.68
CA PRO C 158 -10.41 -2.44 4.62
C PRO C 158 -10.87 -1.53 3.47
N ALA C 159 -12.18 -1.50 3.18
CA ALA C 159 -12.84 -0.53 2.27
C ALA C 159 -12.61 0.92 2.71
N GLU C 160 -12.56 1.20 4.03
CA GLU C 160 -12.41 2.56 4.65
C GLU C 160 -10.95 2.96 4.46
N ASP C 161 -10.04 1.97 4.35
CA ASP C 161 -8.56 2.18 4.44
C ASP C 161 -8.06 2.92 3.18
N ALA C 162 -8.76 2.74 2.06
CA ALA C 162 -8.46 3.38 0.77
C ALA C 162 -8.76 4.88 0.83
N LEU C 163 -9.59 5.33 1.76
CA LEU C 163 -9.86 6.79 1.98
C LEU C 163 -8.55 7.50 2.40
N ASN C 164 -7.58 6.74 2.93
CA ASN C 164 -6.18 7.14 3.22
C ASN C 164 -6.20 8.20 4.33
N LEU C 165 -7.08 7.99 5.30
CA LEU C 165 -7.17 8.81 6.52
C LEU C 165 -5.90 8.58 7.33
N PRO C 166 -5.52 9.54 8.21
CA PRO C 166 -4.43 9.30 9.15
C PRO C 166 -4.68 8.01 9.96
N SER C 167 -3.64 7.20 10.18
CA SER C 167 -3.69 5.75 10.53
C SER C 167 -2.67 5.36 11.61
N GLY C 168 -2.72 4.09 12.05
CA GLY C 168 -1.81 3.52 13.06
C GLY C 168 -2.32 3.79 14.46
N TYR C 169 -2.92 2.79 15.12
CA TYR C 169 -3.47 2.94 16.49
C TYR C 169 -2.31 3.35 17.42
N GLY C 170 -2.51 4.45 18.14
CA GLY C 170 -1.46 5.05 18.98
C GLY C 170 -0.34 5.66 18.16
N GLU C 171 -0.49 5.78 16.84
CA GLU C 171 0.50 6.47 15.98
C GLU C 171 -0.12 7.78 15.45
N PHE C 172 -1.03 7.71 14.49
CA PHE C 172 -1.76 8.89 13.95
C PHE C 172 -3.26 8.73 14.17
N ASP C 173 -3.72 7.56 14.62
CA ASP C 173 -5.12 7.29 15.04
C ASP C 173 -5.16 7.22 16.57
N ILE C 174 -5.52 8.31 17.23
CA ILE C 174 -5.46 8.41 18.72
C ILE C 174 -6.84 8.25 19.39
N PRO C 175 -6.98 7.29 20.33
CA PRO C 175 -8.14 7.23 21.21
C PRO C 175 -8.21 8.37 22.23
N MET C 176 -9.39 8.97 22.39
CA MET C 176 -9.63 10.12 23.30
C MET C 176 -10.93 9.88 24.10
N ILE C 177 -10.80 8.95 25.05
CA ILE C 177 -11.84 8.55 26.05
C ILE C 177 -11.84 9.57 27.20
N LEU C 178 -12.81 10.52 27.15
CA LEU C 178 -12.96 11.65 28.11
C LEU C 178 -13.73 11.16 29.33
N THR C 179 -13.23 11.42 30.54
CA THR C 179 -14.03 11.23 31.78
C THR C 179 -13.91 12.48 32.63
N SER C 180 -14.80 12.60 33.62
CA SER C 180 -14.86 13.69 34.63
C SER C 180 -15.18 13.04 35.99
N LYS C 181 -14.21 13.16 36.92
CA LYS C 181 -14.27 12.50 38.24
C LYS C 181 -13.85 13.47 39.34
N GLN C 182 -13.97 13.00 40.58
CA GLN C 182 -13.61 13.75 41.83
C GLN C 182 -12.81 12.81 42.73
N TYR C 183 -11.76 13.32 43.36
CA TYR C 183 -10.89 12.53 44.27
C TYR C 183 -10.94 13.10 45.68
N THR C 184 -10.64 12.25 46.65
CA THR C 184 -10.44 12.65 48.06
C THR C 184 -9.04 13.26 48.21
N ALA C 185 -8.71 13.76 49.40
CA ALA C 185 -7.37 14.29 49.76
C ALA C 185 -6.30 13.18 49.73
N ASN C 186 -6.69 11.91 49.87
CA ASN C 186 -5.80 10.72 49.90
C ASN C 186 -5.54 10.17 48.47
N GLY C 187 -6.16 10.74 47.43
CA GLY C 187 -5.95 10.34 46.01
C GLY C 187 -6.85 9.18 45.57
N ASN C 188 -7.84 8.83 46.39
CA ASN C 188 -8.85 7.81 46.02
C ASN C 188 -10.01 8.53 45.34
N LEU C 189 -10.90 7.76 44.71
CA LEU C 189 -12.11 8.27 44.05
C LEU C 189 -13.20 8.54 45.09
N VAL C 190 -13.95 9.61 44.83
CA VAL C 190 -15.25 9.88 45.50
C VAL C 190 -16.30 9.02 44.78
N THR C 191 -16.95 8.10 45.47
CA THR C 191 -18.01 7.23 44.92
C THR C 191 -19.07 8.12 44.22
N THR C 192 -19.92 7.51 43.40
CA THR C 192 -21.16 8.13 42.82
C THR C 192 -22.40 7.68 43.62
N ASN C 193 -22.25 6.68 44.49
CA ASN C 193 -23.38 6.04 45.20
C ASN C 193 -24.10 7.11 46.03
N GLY C 194 -25.43 7.13 45.97
CA GLY C 194 -26.23 8.14 46.66
C GLY C 194 -26.36 9.44 45.86
N GLU C 195 -25.57 9.68 44.81
CA GLU C 195 -25.85 10.85 43.92
C GLU C 195 -27.06 10.50 43.03
N LEU C 196 -28.06 11.41 43.01
CA LEU C 196 -29.40 11.25 42.34
C LEU C 196 -29.64 12.34 41.29
N ASN C 197 -28.80 13.38 41.24
CA ASN C 197 -28.98 14.54 40.33
C ASN C 197 -28.02 14.37 39.15
N SER C 198 -26.75 14.71 39.35
CA SER C 198 -25.66 14.47 38.37
C SER C 198 -24.36 14.53 39.13
N PHE C 199 -23.38 13.75 38.65
CA PHE C 199 -22.00 13.69 39.18
C PHE C 199 -21.07 14.32 38.13
N TRP C 200 -20.77 15.61 38.29
CA TRP C 200 -20.12 16.41 37.22
C TRP C 200 -18.66 16.01 37.14
N GLY C 201 -18.02 15.77 38.30
CA GLY C 201 -16.58 15.55 38.47
C GLY C 201 -15.85 16.84 38.18
N ASP C 202 -14.67 17.01 38.77
CA ASP C 202 -13.88 18.27 38.65
C ASP C 202 -12.48 17.96 38.10
N VAL C 203 -12.16 16.69 37.86
CA VAL C 203 -10.86 16.29 37.25
C VAL C 203 -11.15 15.67 35.87
N ILE C 204 -10.76 16.37 34.81
CA ILE C 204 -10.88 15.91 33.40
C ILE C 204 -9.71 14.96 33.14
N HIS C 205 -10.03 13.72 32.74
CA HIS C 205 -9.08 12.68 32.26
C HIS C 205 -9.25 12.46 30.75
N VAL C 206 -8.15 12.11 30.07
CA VAL C 206 -8.16 11.43 28.74
C VAL C 206 -7.52 10.04 28.88
N ASN C 207 -8.28 9.01 28.50
CA ASN C 207 -7.83 7.60 28.54
C ASN C 207 -7.40 7.22 29.96
N GLY C 208 -8.12 7.74 30.98
CA GLY C 208 -8.00 7.37 32.41
C GLY C 208 -6.92 8.19 33.13
N GLN C 209 -6.34 9.19 32.46
CA GLN C 209 -5.26 10.01 33.03
C GLN C 209 -5.68 11.47 33.05
N PRO C 210 -5.68 12.14 34.22
CA PRO C 210 -5.97 13.56 34.33
C PRO C 210 -5.01 14.44 33.57
N TRP C 211 -5.57 15.49 32.97
CA TRP C 211 -4.88 16.57 32.23
C TRP C 211 -3.53 16.07 31.72
N PRO C 212 -3.51 15.11 30.75
CA PRO C 212 -2.26 14.68 30.11
C PRO C 212 -1.64 15.67 29.11
N PHE C 213 -0.43 15.36 28.62
CA PHE C 213 0.16 16.00 27.42
C PHE C 213 0.48 14.93 26.37
N LYS C 214 0.53 15.30 25.10
CA LYS C 214 1.14 14.41 24.07
C LYS C 214 2.05 15.17 23.11
N ASN C 215 3.25 14.63 22.90
CA ASN C 215 4.21 15.08 21.85
C ASN C 215 3.63 14.65 20.49
N VAL C 216 3.30 15.64 19.66
CA VAL C 216 2.75 15.38 18.30
C VAL C 216 3.65 16.05 17.25
N GLU C 217 3.55 15.55 16.02
CA GLU C 217 4.30 16.10 14.86
C GLU C 217 3.39 17.07 14.11
N PRO C 218 3.97 18.06 13.39
CA PRO C 218 3.16 19.00 12.65
C PRO C 218 2.60 18.28 11.41
N ARG C 219 1.66 17.36 11.63
CA ARG C 219 0.91 16.68 10.53
C ARG C 219 -0.50 16.35 11.03
N LYS C 220 -1.23 15.50 10.31
CA LYS C 220 -2.68 15.32 10.56
C LYS C 220 -2.80 14.12 11.49
N TYR C 221 -3.63 14.23 12.52
CA TYR C 221 -3.91 13.15 13.49
C TYR C 221 -5.40 12.93 13.48
N ARG C 222 -5.76 11.66 13.65
CA ARG C 222 -7.16 11.23 13.82
C ARG C 222 -7.38 10.99 15.32
N PHE C 223 -8.31 11.76 15.88
CA PHE C 223 -8.74 11.66 17.29
C PHE C 223 -10.16 11.11 17.33
N ARG C 224 -10.28 9.95 17.97
CA ARG C 224 -11.59 9.30 18.29
C ARG C 224 -12.06 9.79 19.66
N PHE C 225 -12.88 10.83 19.67
CA PHE C 225 -13.47 11.42 20.91
C PHE C 225 -14.61 10.55 21.39
N LEU C 226 -14.63 10.22 22.69
CA LEU C 226 -15.72 9.47 23.39
C LEU C 226 -15.94 10.10 24.76
N ASP C 227 -17.13 10.62 25.00
CA ASP C 227 -17.54 11.08 26.33
C ASP C 227 -17.89 9.82 27.16
N ALA C 228 -16.94 9.34 27.96
CA ALA C 228 -17.21 8.15 28.84
C ALA C 228 -17.52 8.62 30.27
N ALA C 229 -17.90 9.89 30.45
CA ALA C 229 -18.15 10.49 31.77
C ALA C 229 -19.49 10.02 32.31
N VAL C 230 -19.64 10.10 33.63
CA VAL C 230 -20.96 9.84 34.31
C VAL C 230 -21.94 10.93 33.89
N SER C 231 -21.58 12.21 33.99
CA SER C 231 -22.56 13.31 33.79
C SER C 231 -22.01 14.48 32.97
N ARG C 232 -20.67 14.58 32.74
CA ARG C 232 -20.10 15.81 32.15
C ARG C 232 -20.25 15.76 30.62
N SER C 233 -20.92 16.78 30.05
CA SER C 233 -21.03 17.12 28.62
C SER C 233 -19.91 18.12 28.31
N PHE C 234 -19.32 18.07 27.11
CA PHE C 234 -18.19 18.96 26.72
C PHE C 234 -18.54 19.79 25.49
N GLY C 235 -17.94 20.97 25.45
CA GLY C 235 -17.80 21.78 24.22
C GLY C 235 -16.32 21.90 23.89
N LEU C 236 -15.83 21.03 23.00
CA LEU C 236 -14.37 20.88 22.72
C LEU C 236 -13.92 21.90 21.68
N TYR C 237 -12.92 22.70 22.03
CA TYR C 237 -12.12 23.46 21.03
C TYR C 237 -10.64 23.26 21.34
N PHE C 238 -9.78 23.54 20.35
CA PHE C 238 -8.31 23.58 20.43
C PHE C 238 -7.90 25.05 20.35
N ALA C 239 -6.90 25.46 21.14
CA ALA C 239 -6.30 26.83 21.11
C ALA C 239 -4.76 26.74 21.31
N ASP C 240 -4.02 27.50 20.52
CA ASP C 240 -2.59 27.76 20.80
C ASP C 240 -2.52 28.46 22.17
N THR C 241 -1.57 28.08 23.03
CA THR C 241 -1.30 28.78 24.32
C THR C 241 -0.88 30.25 24.10
N ASP C 242 -0.38 30.61 22.93
CA ASP C 242 -0.18 32.03 22.52
C ASP C 242 -1.50 32.84 22.61
N ALA C 243 -2.66 32.17 22.55
CA ALA C 243 -4.00 32.77 22.33
C ALA C 243 -5.11 31.77 22.68
N ILE C 244 -5.31 31.49 23.97
CA ILE C 244 -6.14 30.34 24.47
C ILE C 244 -7.64 30.58 24.21
N ASP C 245 -8.05 31.78 23.82
CA ASP C 245 -9.49 32.05 23.52
C ASP C 245 -9.72 32.01 21.99
N THR C 246 -8.68 31.75 21.19
CA THR C 246 -8.80 31.70 19.70
C THR C 246 -8.97 30.22 19.29
N ARG C 247 -10.15 29.88 18.80
CA ARG C 247 -10.48 28.50 18.32
C ARG C 247 -9.78 28.25 16.98
N LEU C 248 -9.00 27.16 16.91
CA LEU C 248 -8.27 26.65 15.70
C LEU C 248 -9.17 25.67 14.98
N PRO C 249 -9.36 25.77 13.64
CA PRO C 249 -10.34 24.95 12.93
C PRO C 249 -9.90 23.48 12.78
N PHE C 250 -10.87 22.59 12.64
CA PHE C 250 -10.61 21.14 12.48
C PHE C 250 -11.75 20.52 11.67
N LYS C 251 -11.69 19.22 11.43
CA LYS C 251 -12.71 18.51 10.62
C LYS C 251 -13.25 17.33 11.41
N VAL C 252 -14.57 17.22 11.50
CA VAL C 252 -15.24 16.03 12.07
C VAL C 252 -15.49 15.08 10.89
N ILE C 253 -14.92 13.88 10.95
CA ILE C 253 -14.98 12.92 9.81
C ILE C 253 -15.99 11.85 10.18
N ALA C 254 -16.29 11.67 11.47
CA ALA C 254 -17.18 10.56 11.88
C ALA C 254 -18.02 10.85 13.12
N SER C 255 -19.24 10.28 13.13
CA SER C 255 -20.22 10.27 14.25
C SER C 255 -20.38 8.83 14.79
N ASP C 256 -21.24 8.66 15.78
CA ASP C 256 -21.48 7.40 16.54
C ASP C 256 -21.43 6.18 15.60
N SER C 257 -22.19 6.21 14.51
CA SER C 257 -22.44 5.05 13.62
C SER C 257 -21.41 4.97 12.49
N GLY C 258 -20.52 5.96 12.35
CA GLY C 258 -19.45 5.91 11.33
C GLY C 258 -19.21 7.25 10.64
N LEU C 259 -18.56 7.21 9.48
CA LEU C 259 -18.16 8.38 8.62
C LEU C 259 -19.40 9.20 8.26
N LEU C 260 -19.27 10.52 8.39
CA LEU C 260 -20.13 11.52 7.70
C LEU C 260 -20.08 11.37 6.16
N GLU C 261 -21.07 11.93 5.46
CA GLU C 261 -21.06 11.95 3.96
CA GLU C 261 -21.09 12.00 3.98
C GLU C 261 -19.81 12.74 3.52
N HIS C 262 -19.54 13.87 4.17
CA HIS C 262 -18.44 14.82 3.92
C HIS C 262 -17.89 15.27 5.26
N PRO C 263 -16.62 15.71 5.34
CA PRO C 263 -16.07 16.21 6.62
C PRO C 263 -16.85 17.45 7.06
N ALA C 264 -17.14 17.63 8.34
CA ALA C 264 -17.77 18.88 8.82
C ALA C 264 -16.67 19.81 9.33
N ASP C 265 -16.54 21.02 8.74
CA ASP C 265 -15.52 22.02 9.21
C ASP C 265 -16.13 22.61 10.46
N THR C 266 -15.32 22.67 11.51
CA THR C 266 -15.75 22.86 12.91
C THR C 266 -14.62 23.52 13.67
N SER C 267 -15.00 24.42 14.59
CA SER C 267 -14.07 25.03 15.59
C SER C 267 -14.55 24.75 17.02
N LEU C 268 -15.78 24.23 17.20
CA LEU C 268 -16.35 23.87 18.54
C LEU C 268 -17.14 22.57 18.40
N LEU C 269 -16.70 21.52 19.10
CA LEU C 269 -17.36 20.20 19.08
C LEU C 269 -18.11 19.97 20.41
N TYR C 270 -19.44 20.09 20.36
CA TYR C 270 -20.36 19.63 21.44
C TYR C 270 -20.35 18.10 21.42
N ILE C 271 -19.94 17.51 22.53
CA ILE C 271 -19.98 16.02 22.73
C ILE C 271 -20.54 15.74 24.13
N SER C 272 -21.58 14.90 24.20
CA SER C 272 -22.27 14.49 25.45
C SER C 272 -22.08 13.00 25.69
N MET C 273 -22.43 12.55 26.90
CA MET C 273 -22.13 11.18 27.41
C MET C 273 -22.51 10.19 26.30
N ALA C 274 -21.56 9.35 25.90
CA ALA C 274 -21.78 8.19 25.00
C ALA C 274 -21.64 8.62 23.53
N GLU C 275 -21.42 9.91 23.23
CA GLU C 275 -21.21 10.39 21.84
C GLU C 275 -19.77 10.05 21.46
N ARG C 276 -19.59 9.51 20.24
CA ARG C 276 -18.28 9.39 19.57
C ARG C 276 -18.30 10.28 18.33
N TYR C 277 -17.23 11.05 18.17
CA TYR C 277 -16.96 11.87 16.96
C TYR C 277 -15.49 11.62 16.67
N GLU C 278 -15.16 11.28 15.43
CA GLU C 278 -13.74 11.21 14.99
C GLU C 278 -13.40 12.50 14.25
N VAL C 279 -12.31 13.11 14.69
CA VAL C 279 -11.82 14.46 14.30
C VAL C 279 -10.49 14.25 13.60
N VAL C 280 -10.21 14.97 12.50
CA VAL C 280 -8.82 15.13 11.98
C VAL C 280 -8.37 16.55 12.34
N PHE C 281 -7.36 16.62 13.21
CA PHE C 281 -6.62 17.88 13.54
C PHE C 281 -5.30 17.88 12.77
N ASP C 282 -4.95 19.05 12.21
CA ASP C 282 -3.76 19.23 11.36
C ASP C 282 -2.83 20.20 12.10
N PHE C 283 -1.77 19.66 12.70
CA PHE C 283 -0.79 20.41 13.54
C PHE C 283 0.25 21.17 12.69
N SER C 284 0.22 21.05 11.35
CA SER C 284 1.36 21.49 10.49
C SER C 284 1.48 23.01 10.52
N ASP C 285 0.41 23.74 10.85
CA ASP C 285 0.40 25.22 10.92
C ASP C 285 0.87 25.68 12.31
N TYR C 286 1.19 24.74 13.20
CA TYR C 286 1.45 25.02 14.64
C TYR C 286 2.75 24.30 15.03
N ALA C 287 3.69 24.09 14.10
CA ALA C 287 5.06 23.60 14.38
C ALA C 287 5.64 24.54 15.43
N GLY C 288 6.21 23.97 16.51
CA GLY C 288 6.84 24.68 17.63
C GLY C 288 5.82 25.23 18.61
N LYS C 289 4.52 25.06 18.37
CA LYS C 289 3.50 25.59 19.29
C LYS C 289 3.10 24.48 20.26
N THR C 290 2.51 24.88 21.38
CA THR C 290 1.69 23.97 22.22
C THR C 290 0.22 24.34 21.98
N ILE C 291 -0.55 23.37 21.56
CA ILE C 291 -2.03 23.48 21.39
C ILE C 291 -2.67 22.83 22.61
N GLU C 292 -3.56 23.53 23.28
CA GLU C 292 -4.35 22.94 24.41
C GLU C 292 -5.76 22.58 23.92
N LEU C 293 -6.18 21.34 24.15
CA LEU C 293 -7.60 20.95 24.03
C LEU C 293 -8.35 21.48 25.26
N ARG C 294 -9.29 22.38 25.00
CA ARG C 294 -10.10 23.07 26.05
C ARG C 294 -11.58 22.68 25.97
N ASN C 295 -12.31 23.05 27.01
CA ASN C 295 -13.73 22.72 27.24
C ASN C 295 -14.46 24.02 27.56
N LEU C 296 -15.52 24.30 26.82
CA LEU C 296 -16.36 25.52 26.95
C LEU C 296 -16.92 25.58 28.37
N GLY C 297 -16.94 26.77 28.96
CA GLY C 297 -17.60 27.05 30.26
C GLY C 297 -19.00 27.61 30.09
N GLY C 298 -19.52 28.22 31.16
CA GLY C 298 -20.93 28.65 31.24
C GLY C 298 -21.84 27.49 30.95
N SER C 299 -21.58 26.32 31.55
CA SER C 299 -22.43 25.11 31.36
C SER C 299 -22.54 24.81 29.88
N ILE C 300 -21.37 24.52 29.25
CA ILE C 300 -21.21 24.26 27.79
C ILE C 300 -21.93 25.37 27.01
N GLY C 301 -21.63 26.63 27.28
CA GLY C 301 -22.12 27.79 26.52
C GLY C 301 -23.64 27.93 26.54
N GLY C 302 -24.30 27.62 27.65
CA GLY C 302 -25.78 27.76 27.79
C GLY C 302 -26.56 26.56 27.27
N ILE C 303 -25.88 25.56 26.72
CA ILE C 303 -26.54 24.33 26.24
C ILE C 303 -26.75 23.42 27.44
N GLY C 304 -25.82 23.43 28.40
CA GLY C 304 -25.83 22.49 29.53
C GLY C 304 -26.38 23.08 30.80
N THR C 305 -26.25 22.34 31.90
CA THR C 305 -26.38 22.79 33.30
C THR C 305 -25.09 22.44 34.08
N ASP C 306 -24.20 21.63 33.51
CA ASP C 306 -23.01 21.10 34.23
C ASP C 306 -22.36 22.23 35.04
N THR C 307 -21.93 21.92 36.26
CA THR C 307 -21.06 22.81 37.07
C THR C 307 -19.72 22.83 36.38
N ASP C 308 -19.16 24.03 36.22
CA ASP C 308 -17.74 24.26 35.83
C ASP C 308 -16.93 24.48 37.12
N TYR C 309 -15.75 23.85 37.18
CA TYR C 309 -14.74 23.99 38.26
C TYR C 309 -13.50 24.68 37.67
N ASP C 310 -12.50 24.98 38.48
CA ASP C 310 -11.35 25.85 38.08
C ASP C 310 -10.64 25.28 36.82
N ASN C 311 -10.50 23.93 36.73
CA ASN C 311 -9.67 23.27 35.67
C ASN C 311 -10.49 22.37 34.73
N THR C 312 -11.83 22.49 34.67
CA THR C 312 -12.65 21.71 33.70
C THR C 312 -12.72 22.46 32.37
N ASP C 313 -12.00 23.57 32.22
CA ASP C 313 -11.76 24.27 30.92
C ASP C 313 -10.56 23.65 30.16
N LYS C 314 -9.85 22.74 30.82
CA LYS C 314 -8.57 22.15 30.36
C LYS C 314 -8.83 20.68 30.12
N VAL C 315 -8.37 20.16 29.01
CA VAL C 315 -8.52 18.71 28.77
C VAL C 315 -7.13 18.13 28.64
N MET C 316 -6.33 18.62 27.67
CA MET C 316 -4.91 18.20 27.55
C MET C 316 -4.16 19.15 26.62
N ARG C 317 -2.87 18.90 26.46
CA ARG C 317 -1.96 19.71 25.63
C ARG C 317 -1.22 18.82 24.63
N PHE C 318 -1.14 19.29 23.39
CA PHE C 318 -0.33 18.74 22.30
C PHE C 318 0.83 19.73 22.17
N VAL C 319 2.04 19.26 22.49
CA VAL C 319 3.35 19.95 22.28
C VAL C 319 3.82 19.59 20.87
N VAL C 320 3.88 20.54 19.95
CA VAL C 320 4.05 20.26 18.49
C VAL C 320 5.54 20.38 18.13
N ALA C 321 6.13 19.30 17.64
CA ALA C 321 7.55 19.28 17.20
C ALA C 321 7.70 20.30 16.07
N ASP C 322 8.95 20.72 15.79
CA ASP C 322 9.29 21.66 14.68
C ASP C 322 9.17 20.95 13.33
N ASP C 323 9.54 19.66 13.27
CA ASP C 323 9.68 18.90 12.00
C ASP C 323 9.01 17.53 12.11
N THR C 324 8.52 17.03 10.98
CA THR C 324 8.03 15.64 10.84
C THR C 324 9.22 14.70 10.57
N THR C 325 9.33 13.59 11.29
CA THR C 325 10.23 12.44 11.04
C THR C 325 10.11 11.97 9.57
N GLN C 326 8.90 11.96 9.02
CA GLN C 326 8.55 11.43 7.69
C GLN C 326 7.32 12.14 7.11
N PRO C 327 7.24 12.23 5.76
CA PRO C 327 6.10 12.89 5.10
C PRO C 327 4.72 12.38 5.58
N ASP C 328 3.82 13.32 5.81
CA ASP C 328 2.37 13.05 6.00
C ASP C 328 1.79 12.81 4.62
N THR C 329 1.49 11.55 4.33
CA THR C 329 0.83 11.17 3.06
C THR C 329 -0.66 10.89 3.26
N SER C 330 -1.22 11.06 4.48
CA SER C 330 -2.68 10.97 4.72
C SER C 330 -3.35 12.14 4.02
N VAL C 331 -4.64 11.96 3.68
CA VAL C 331 -5.57 13.03 3.21
C VAL C 331 -6.81 13.03 4.09
N VAL C 332 -7.75 13.91 3.79
CA VAL C 332 -9.15 13.87 4.29
C VAL C 332 -10.07 14.16 3.10
N PRO C 333 -10.60 13.12 2.42
CA PRO C 333 -11.43 13.28 1.22
C PRO C 333 -12.70 14.05 1.48
N ALA C 334 -13.14 14.85 0.52
CA ALA C 334 -14.38 15.66 0.60
C ALA C 334 -15.57 14.71 0.60
N ASN C 335 -15.43 13.55 -0.06
CA ASN C 335 -16.44 12.45 -0.18
C ASN C 335 -15.93 11.23 0.59
N LEU C 336 -16.43 11.12 1.83
CA LEU C 336 -16.02 10.08 2.78
C LEU C 336 -16.81 8.83 2.44
N ARG C 337 -18.15 8.89 2.40
CA ARG C 337 -18.96 7.69 2.03
C ARG C 337 -20.41 8.06 1.69
N ASP C 338 -21.14 7.08 1.14
CA ASP C 338 -22.61 7.18 0.93
C ASP C 338 -23.30 6.68 2.21
N VAL C 339 -23.90 7.59 3.00
CA VAL C 339 -24.43 7.28 4.37
C VAL C 339 -25.74 6.51 4.19
N PRO C 340 -25.88 5.28 4.75
CA PRO C 340 -27.10 4.49 4.54
C PRO C 340 -28.24 5.01 5.41
N PHE C 341 -28.73 6.21 5.09
CA PHE C 341 -29.88 6.88 5.74
C PHE C 341 -31.15 6.04 5.56
N PRO C 342 -32.04 6.05 6.56
CA PRO C 342 -33.31 5.34 6.44
C PRO C 342 -34.26 5.97 5.40
N SER C 343 -35.14 5.16 4.79
CA SER C 343 -36.24 5.65 3.91
C SER C 343 -37.06 6.67 4.69
N PRO C 344 -37.20 7.93 4.24
CA PRO C 344 -38.06 8.88 4.95
C PRO C 344 -39.48 8.30 5.16
N THR C 345 -40.02 8.48 6.35
CA THR C 345 -41.39 8.05 6.75
C THR C 345 -42.25 9.28 6.97
N THR C 346 -43.53 9.23 6.64
CA THR C 346 -44.47 10.36 6.83
C THR C 346 -45.27 10.11 8.11
N ASN C 347 -45.20 8.89 8.66
CA ASN C 347 -45.88 8.48 9.90
C ASN C 347 -45.59 9.49 11.00
N THR C 348 -46.64 9.87 11.74
CA THR C 348 -46.61 10.78 12.91
C THR C 348 -45.61 10.25 13.95
N PRO C 349 -44.68 11.08 14.46
CA PRO C 349 -43.66 10.64 15.42
C PRO C 349 -44.16 10.20 16.81
N ARG C 350 -43.57 9.17 17.40
CA ARG C 350 -43.81 8.81 18.82
C ARG C 350 -43.21 9.89 19.69
N GLN C 351 -43.81 10.15 20.86
CA GLN C 351 -43.35 11.21 21.80
C GLN C 351 -42.85 10.58 23.08
N PHE C 352 -41.57 10.84 23.41
CA PHE C 352 -40.90 10.49 24.68
C PHE C 352 -40.42 11.75 25.42
N ARG C 353 -40.89 11.90 26.66
CA ARG C 353 -40.58 13.05 27.55
CA ARG C 353 -40.57 13.06 27.54
C ARG C 353 -39.62 12.59 28.65
N PHE C 354 -38.52 13.32 28.77
CA PHE C 354 -37.42 13.07 29.72
C PHE C 354 -37.52 14.12 30.83
N GLY C 355 -37.99 13.71 32.01
CA GLY C 355 -38.33 14.63 33.10
C GLY C 355 -38.28 13.92 34.43
N ARG C 356 -38.93 14.48 35.46
CA ARG C 356 -38.96 13.85 36.80
CA ARG C 356 -38.95 13.85 36.80
C ARG C 356 -40.39 13.50 37.21
N THR C 357 -40.49 12.46 38.02
CA THR C 357 -41.68 12.04 38.80
C THR C 357 -41.14 11.94 40.23
N GLY C 358 -41.64 12.80 41.10
CA GLY C 358 -41.04 13.08 42.42
C GLY C 358 -39.52 13.18 42.33
N PRO C 359 -38.79 12.25 42.99
CA PRO C 359 -37.31 12.27 43.00
C PRO C 359 -36.61 11.53 41.84
N THR C 360 -37.36 10.75 41.04
CA THR C 360 -36.86 9.79 40.01
C THR C 360 -36.89 10.45 38.63
N TRP C 361 -35.80 10.34 37.89
CA TRP C 361 -35.76 10.65 36.44
C TRP C 361 -36.62 9.63 35.66
N THR C 362 -37.48 10.11 34.77
CA THR C 362 -38.49 9.22 34.12
C THR C 362 -38.51 9.44 32.60
N ILE C 363 -39.06 8.47 31.88
CA ILE C 363 -39.46 8.60 30.45
C ILE C 363 -40.98 8.48 30.41
N ASN C 364 -41.70 9.52 29.99
CA ASN C 364 -43.19 9.47 29.94
C ASN C 364 -43.74 9.06 31.32
N GLY C 365 -43.13 9.55 32.39
CA GLY C 365 -43.62 9.32 33.76
C GLY C 365 -43.34 7.92 34.27
N VAL C 366 -42.57 7.15 33.53
CA VAL C 366 -42.25 5.75 33.91
C VAL C 366 -40.77 5.62 34.27
N ALA C 367 -40.49 4.73 35.24
CA ALA C 367 -39.17 4.25 35.71
C ALA C 367 -38.92 2.85 35.16
N PHE C 368 -37.69 2.58 34.80
CA PHE C 368 -37.29 1.28 34.21
C PHE C 368 -37.67 0.15 35.15
N ALA C 369 -37.32 0.33 36.43
CA ALA C 369 -37.61 -0.60 37.54
C ALA C 369 -39.09 -1.01 37.51
N ASP C 370 -40.01 -0.19 37.02
CA ASP C 370 -41.48 -0.48 37.02
C ASP C 370 -41.84 -1.32 35.78
N VAL C 371 -41.48 -2.58 35.87
CA VAL C 371 -41.48 -3.58 34.78
C VAL C 371 -42.83 -3.58 34.05
N GLN C 372 -43.92 -3.43 34.81
CA GLN C 372 -45.31 -3.43 34.28
C GLN C 372 -45.52 -2.38 33.17
N ASN C 373 -44.83 -1.25 33.25
CA ASN C 373 -45.16 0.00 32.52
C ASN C 373 -44.03 0.47 31.59
N ARG C 374 -42.85 -0.15 31.64
CA ARG C 374 -41.62 0.40 31.06
C ARG C 374 -41.42 0.03 29.59
N LEU C 375 -42.21 -0.91 29.07
CA LEU C 375 -42.18 -1.24 27.63
C LEU C 375 -43.04 -0.21 26.89
N LEU C 376 -42.39 0.82 26.33
CA LEU C 376 -43.10 2.05 25.89
C LEU C 376 -43.49 2.00 24.41
N ALA C 377 -42.96 1.06 23.62
CA ALA C 377 -43.21 0.97 22.16
C ALA C 377 -43.03 -0.45 21.65
N ASN C 378 -43.97 -0.88 20.79
CA ASN C 378 -43.81 -2.07 19.91
C ASN C 378 -43.60 -1.59 18.47
N VAL C 379 -42.49 -1.97 17.84
CA VAL C 379 -42.16 -1.59 16.43
C VAL C 379 -41.92 -2.86 15.63
N PRO C 380 -42.76 -3.14 14.61
CA PRO C 380 -42.48 -4.27 13.71
C PRO C 380 -41.09 -4.14 13.07
N VAL C 381 -40.27 -5.19 13.14
CA VAL C 381 -38.96 -5.20 12.42
C VAL C 381 -39.15 -4.79 10.95
N GLY C 382 -38.32 -3.88 10.46
CA GLY C 382 -38.34 -3.40 9.07
C GLY C 382 -39.01 -2.06 8.96
N THR C 383 -39.80 -1.67 9.94
CA THR C 383 -40.49 -0.37 10.04
C THR C 383 -39.44 0.71 10.21
N VAL C 384 -39.74 1.91 9.70
CA VAL C 384 -39.04 3.20 9.96
C VAL C 384 -39.96 4.04 10.84
N GLU C 385 -39.43 4.67 11.90
CA GLU C 385 -40.23 5.58 12.75
C GLU C 385 -39.42 6.84 13.06
N ARG C 386 -40.12 7.94 13.26
CA ARG C 386 -39.54 9.12 13.92
C ARG C 386 -39.93 9.11 15.41
N TRP C 387 -38.95 9.38 16.27
CA TRP C 387 -39.15 9.57 17.73
C TRP C 387 -38.79 11.02 18.06
N GLU C 388 -39.77 11.72 18.61
CA GLU C 388 -39.66 13.08 19.14
C GLU C 388 -39.20 12.89 20.59
N LEU C 389 -37.94 13.20 20.84
CA LEU C 389 -37.34 13.16 22.19
C LEU C 389 -37.40 14.57 22.79
N ILE C 390 -38.20 14.73 23.85
CA ILE C 390 -38.54 16.02 24.49
C ILE C 390 -37.84 16.18 25.86
N ASN C 391 -37.17 17.32 26.03
CA ASN C 391 -36.70 17.88 27.33
C ASN C 391 -37.42 19.21 27.50
N ALA C 392 -38.47 19.28 28.32
CA ALA C 392 -39.18 20.56 28.63
C ALA C 392 -38.42 21.29 29.75
N GLY C 393 -37.40 20.63 30.31
CA GLY C 393 -36.64 21.13 31.48
C GLY C 393 -35.54 22.10 31.12
N ASN C 394 -35.27 23.05 32.01
CA ASN C 394 -34.13 23.99 31.91
C ASN C 394 -33.05 23.61 32.92
N GLY C 395 -33.37 22.73 33.88
CA GLY C 395 -32.45 22.38 34.98
C GLY C 395 -31.82 21.01 34.75
N TRP C 396 -32.06 20.38 33.60
CA TRP C 396 -31.37 19.11 33.25
C TRP C 396 -31.18 19.00 31.75
N THR C 397 -30.27 18.11 31.34
CA THR C 397 -30.05 17.74 29.93
C THR C 397 -29.74 16.25 29.85
N HIS C 398 -30.06 15.68 28.69
CA HIS C 398 -30.35 14.24 28.45
C HIS C 398 -29.83 13.83 27.09
N PRO C 399 -28.62 13.22 27.04
CA PRO C 399 -28.15 12.54 25.84
C PRO C 399 -28.90 11.22 25.74
N ILE C 400 -29.89 11.15 24.82
CA ILE C 400 -30.77 9.98 24.63
C ILE C 400 -30.11 9.00 23.68
N HIS C 401 -29.90 7.79 24.16
CA HIS C 401 -29.37 6.63 23.42
C HIS C 401 -30.47 5.61 23.13
N ILE C 402 -30.45 5.03 21.96
CA ILE C 402 -31.37 3.94 21.50
C ILE C 402 -30.55 2.76 21.00
N HIS C 403 -30.74 1.62 21.65
CA HIS C 403 -30.07 0.34 21.35
C HIS C 403 -30.56 -0.15 19.97
N LEU C 404 -29.79 -1.06 19.34
CA LEU C 404 -30.11 -1.68 18.03
C LEU C 404 -29.83 -0.71 16.86
N VAL C 405 -30.36 0.50 16.87
CA VAL C 405 -30.50 1.38 15.68
C VAL C 405 -29.34 2.36 15.53
N ASP C 406 -29.08 2.72 14.28
CA ASP C 406 -28.48 4.00 13.82
C ASP C 406 -29.66 4.89 13.40
N PHE C 407 -29.66 6.14 13.83
CA PHE C 407 -30.71 7.11 13.45
C PHE C 407 -30.08 8.37 12.84
N LYS C 408 -30.85 9.05 11.99
CA LYS C 408 -30.55 10.40 11.46
C LYS C 408 -31.29 11.38 12.36
N VAL C 409 -30.58 12.43 12.80
CA VAL C 409 -31.14 13.60 13.48
C VAL C 409 -31.89 14.44 12.42
N ILE C 410 -33.17 14.64 12.64
CA ILE C 410 -34.04 15.35 11.67
C ILE C 410 -34.12 16.82 12.06
N SER C 411 -34.35 17.12 13.34
CA SER C 411 -34.58 18.48 13.85
C SER C 411 -34.11 18.59 15.32
N ARG C 412 -33.63 19.77 15.72
CA ARG C 412 -33.51 20.20 17.14
C ARG C 412 -34.21 21.56 17.31
N THR C 413 -35.20 21.67 18.21
CA THR C 413 -35.71 22.99 18.72
C THR C 413 -35.17 23.19 20.14
N SER C 414 -35.02 24.45 20.54
CA SER C 414 -34.44 24.88 21.84
C SER C 414 -35.36 25.94 22.42
N GLY C 415 -35.83 25.77 23.66
CA GLY C 415 -36.69 26.80 24.30
C GLY C 415 -35.91 28.08 24.61
N ASN C 416 -34.58 28.06 24.48
CA ASN C 416 -33.62 29.14 24.81
C ASN C 416 -33.03 29.63 23.50
N ASN C 417 -33.67 29.20 22.40
CA ASN C 417 -33.40 29.71 21.05
C ASN C 417 -31.88 29.69 20.83
N ALA C 418 -31.24 28.58 21.20
CA ALA C 418 -29.76 28.47 21.35
C ALA C 418 -29.10 27.80 20.12
N ARG C 419 -29.78 26.84 19.48
CA ARG C 419 -29.16 26.01 18.40
C ARG C 419 -30.25 25.14 17.77
N THR C 420 -29.97 24.64 16.58
CA THR C 420 -30.78 23.64 15.83
C THR C 420 -29.85 22.46 15.55
N VAL C 421 -29.97 21.79 14.41
CA VAL C 421 -29.11 20.62 14.10
C VAL C 421 -27.68 21.11 13.79
N MET C 422 -26.67 20.44 14.37
CA MET C 422 -25.24 20.72 14.19
C MET C 422 -24.76 20.03 12.91
N PRO C 423 -23.74 20.59 12.21
CA PRO C 423 -23.26 19.97 10.98
C PRO C 423 -22.69 18.57 11.23
N TYR C 424 -22.00 18.36 12.36
CA TYR C 424 -21.43 17.04 12.71
C TYR C 424 -22.52 16.00 13.00
N GLU C 425 -23.80 16.42 13.11
CA GLU C 425 -24.98 15.53 13.25
C GLU C 425 -25.62 15.23 11.90
N SER C 426 -24.87 15.31 10.81
CA SER C 426 -25.37 15.20 9.42
C SER C 426 -25.58 13.73 9.05
N GLY C 427 -24.94 12.82 9.76
CA GLY C 427 -24.83 11.41 9.35
C GLY C 427 -25.72 10.53 10.19
N LEU C 428 -25.17 9.40 10.66
CA LEU C 428 -25.91 8.43 11.51
C LEU C 428 -25.31 8.43 12.93
N LYS C 429 -26.23 8.45 13.91
CA LYS C 429 -25.93 8.50 15.36
C LYS C 429 -26.80 7.50 16.12
N ASP C 430 -26.38 7.12 17.33
CA ASP C 430 -27.14 6.26 18.30
C ASP C 430 -27.32 7.03 19.64
N VAL C 431 -26.71 8.22 19.79
CA VAL C 431 -26.87 9.13 20.98
C VAL C 431 -27.10 10.54 20.43
N VAL C 432 -27.98 11.30 21.05
CA VAL C 432 -28.23 12.70 20.64
C VAL C 432 -28.55 13.50 21.89
N TRP C 433 -27.99 14.68 21.97
CA TRP C 433 -28.05 15.50 23.19
C TRP C 433 -29.28 16.41 23.13
N LEU C 434 -30.20 16.18 24.06
CA LEU C 434 -31.24 17.16 24.42
C LEU C 434 -30.62 18.14 25.41
N GLY C 435 -30.13 19.29 24.91
CA GLY C 435 -29.71 20.44 25.73
C GLY C 435 -30.90 21.04 26.45
N ARG C 436 -30.69 22.16 27.14
CA ARG C 436 -31.77 22.79 27.93
C ARG C 436 -32.96 23.07 27.00
N ARG C 437 -34.17 22.63 27.37
CA ARG C 437 -35.47 22.91 26.70
C ARG C 437 -35.45 22.46 25.25
N GLU C 438 -34.74 21.36 24.95
CA GLU C 438 -34.52 20.92 23.56
C GLU C 438 -35.40 19.71 23.26
N THR C 439 -35.98 19.73 22.06
CA THR C 439 -36.70 18.61 21.39
C THR C 439 -35.94 18.26 20.11
N VAL C 440 -35.61 16.98 19.96
CA VAL C 440 -34.90 16.43 18.79
C VAL C 440 -35.74 15.29 18.24
N VAL C 441 -35.98 15.33 16.93
CA VAL C 441 -36.61 14.22 16.20
C VAL C 441 -35.47 13.40 15.56
N VAL C 442 -35.57 12.08 15.77
CA VAL C 442 -34.69 11.10 15.10
C VAL C 442 -35.55 10.20 14.22
N GLU C 443 -34.95 9.74 13.14
CA GLU C 443 -35.54 8.78 12.18
C GLU C 443 -34.64 7.55 12.16
N ALA C 444 -35.23 6.36 12.36
CA ALA C 444 -34.47 5.11 12.39
C ALA C 444 -35.24 3.98 11.71
N HIS C 445 -34.47 3.13 11.03
CA HIS C 445 -34.82 1.74 10.59
C HIS C 445 -34.66 0.77 11.77
N TYR C 446 -35.77 0.38 12.39
CA TYR C 446 -35.79 -0.59 13.52
C TYR C 446 -35.52 -1.96 12.89
N ALA C 447 -34.23 -2.26 12.68
CA ALA C 447 -33.78 -3.42 11.89
C ALA C 447 -32.34 -3.78 12.23
N PRO C 448 -31.89 -5.03 11.93
CA PRO C 448 -32.73 -6.09 11.36
C PRO C 448 -33.25 -7.26 12.21
N PHE C 449 -33.04 -7.20 13.53
CA PHE C 449 -33.27 -8.33 14.45
C PHE C 449 -34.42 -8.02 15.40
N PRO C 450 -35.38 -8.95 15.60
CA PRO C 450 -36.45 -8.77 16.57
C PRO C 450 -35.86 -8.95 17.98
N GLY C 451 -36.39 -8.22 18.97
CA GLY C 451 -35.87 -8.33 20.35
C GLY C 451 -36.34 -7.19 21.24
N VAL C 452 -36.30 -7.41 22.55
CA VAL C 452 -36.57 -6.34 23.53
C VAL C 452 -35.25 -5.59 23.74
N TYR C 453 -35.27 -4.26 23.65
CA TYR C 453 -34.06 -3.41 23.68
C TYR C 453 -34.35 -2.19 24.57
N MET C 454 -33.30 -1.63 25.19
CA MET C 454 -33.36 -0.46 26.09
C MET C 454 -33.19 0.85 25.32
N PHE C 455 -33.82 1.90 25.83
CA PHE C 455 -33.44 3.28 25.44
C PHE C 455 -33.58 4.15 26.67
N HIS C 456 -32.72 5.14 26.75
CA HIS C 456 -32.48 5.82 28.03
C HIS C 456 -31.61 7.02 27.80
N CYS C 457 -31.54 7.80 28.86
CA CYS C 457 -30.60 8.91 28.98
C CYS C 457 -29.22 8.36 29.38
N HIS C 458 -28.16 8.78 28.69
CA HIS C 458 -26.79 8.28 28.99
C HIS C 458 -26.04 9.14 30.03
N ASN C 459 -26.67 10.14 30.66
CA ASN C 459 -26.23 10.57 32.02
C ASN C 459 -26.47 9.39 32.94
N LEU C 460 -25.41 8.75 33.43
CA LEU C 460 -25.51 7.43 34.12
C LEU C 460 -26.24 7.58 35.46
N ILE C 461 -26.21 8.79 36.05
CA ILE C 461 -26.95 9.11 37.30
C ILE C 461 -28.44 9.07 36.95
N HIS C 462 -28.82 9.68 35.84
CA HIS C 462 -30.25 9.75 35.47
C HIS C 462 -30.69 8.32 35.16
N GLU C 463 -29.88 7.63 34.37
CA GLU C 463 -30.15 6.26 33.84
C GLU C 463 -30.51 5.31 35.00
N ASP C 464 -29.67 5.31 36.06
CA ASP C 464 -29.79 4.47 37.28
C ASP C 464 -31.10 4.77 38.06
N HIS C 465 -31.62 6.00 37.97
CA HIS C 465 -32.61 6.57 38.93
C HIS C 465 -33.61 7.49 38.25
N ASP C 466 -34.40 7.02 37.27
CA ASP C 466 -34.35 5.69 36.66
C ASP C 466 -34.77 5.87 35.18
N MET C 467 -34.02 6.66 34.42
CA MET C 467 -34.57 7.27 33.20
C MET C 467 -34.28 6.36 31.99
N MET C 468 -35.04 5.28 31.88
CA MET C 468 -34.73 4.14 30.99
C MET C 468 -36.04 3.40 30.72
N ALA C 469 -36.27 2.95 29.51
CA ALA C 469 -37.53 2.26 29.13
C ALA C 469 -37.13 1.21 28.09
N ALA C 470 -38.08 0.55 27.48
CA ALA C 470 -37.76 -0.54 26.55
C ALA C 470 -38.71 -0.41 25.36
N PHE C 471 -38.25 -0.92 24.22
CA PHE C 471 -39.13 -1.14 23.06
C PHE C 471 -38.89 -2.57 22.60
N ASN C 472 -39.85 -3.10 21.86
CA ASN C 472 -39.83 -4.48 21.34
C ASN C 472 -39.91 -4.35 19.83
N ALA C 473 -38.85 -4.78 19.17
CA ALA C 473 -38.78 -4.91 17.71
C ALA C 473 -39.45 -6.25 17.35
N THR C 474 -40.72 -6.18 16.91
CA THR C 474 -41.64 -7.33 16.84
C THR C 474 -41.68 -7.91 15.42
N VAL C 475 -41.93 -9.22 15.36
CA VAL C 475 -42.00 -10.07 14.14
C VAL C 475 -43.15 -11.03 14.39
N LEU C 476 -43.63 -11.71 13.34
CA LEU C 476 -44.82 -12.62 13.39
C LEU C 476 -44.35 -14.06 13.58
N PRO C 477 -45.22 -14.94 14.12
CA PRO C 477 -44.82 -16.31 14.46
C PRO C 477 -44.08 -17.09 13.35
N ASP C 478 -44.34 -16.74 12.09
CA ASP C 478 -43.78 -17.40 10.88
C ASP C 478 -42.40 -16.84 10.47
N TYR C 479 -41.82 -15.86 11.17
CA TYR C 479 -40.64 -15.06 10.70
C TYR C 479 -39.40 -15.98 10.54
N GLY C 480 -39.21 -16.93 11.47
CA GLY C 480 -38.07 -17.87 11.47
C GLY C 480 -36.82 -17.28 12.14
N TYR C 481 -35.64 -17.61 11.63
CA TYR C 481 -34.31 -17.11 12.09
C TYR C 481 -34.07 -17.36 13.60
N ASN C 482 -34.77 -18.36 14.17
CA ASN C 482 -34.61 -18.80 15.58
C ASN C 482 -35.00 -17.64 16.51
N ALA C 483 -35.94 -16.80 16.07
CA ALA C 483 -36.38 -15.60 16.80
C ALA C 483 -36.85 -16.01 18.21
N THR C 484 -37.62 -17.10 18.33
CA THR C 484 -38.22 -17.54 19.62
C THR C 484 -37.16 -17.52 20.72
N VAL C 485 -35.92 -17.90 20.41
CA VAL C 485 -34.80 -17.98 21.41
C VAL C 485 -33.91 -16.73 21.34
N PHE C 486 -34.20 -15.74 20.48
CA PHE C 486 -33.38 -14.50 20.38
C PHE C 486 -34.16 -13.22 20.78
N VAL C 487 -35.47 -13.29 21.05
CA VAL C 487 -36.28 -12.07 21.34
C VAL C 487 -36.27 -11.70 22.82
N ASP C 488 -36.12 -12.64 23.75
CA ASP C 488 -36.16 -12.38 25.22
C ASP C 488 -34.72 -12.31 25.71
N PRO C 489 -34.22 -11.16 26.26
CA PRO C 489 -32.80 -11.03 26.62
C PRO C 489 -32.30 -11.97 27.72
N MET C 490 -33.23 -12.50 28.54
CA MET C 490 -32.96 -13.29 29.77
C MET C 490 -33.00 -14.79 29.42
N GLU C 491 -33.36 -15.11 28.19
CA GLU C 491 -33.36 -16.49 27.65
C GLU C 491 -32.25 -17.31 28.32
N GLU C 492 -32.64 -18.47 28.84
CA GLU C 492 -31.79 -19.37 29.66
C GLU C 492 -30.54 -19.77 28.86
N LEU C 493 -30.68 -20.13 27.58
CA LEU C 493 -29.53 -20.54 26.70
C LEU C 493 -28.34 -19.56 26.82
N TRP C 494 -28.54 -18.25 26.94
CA TRP C 494 -27.45 -17.25 26.81
C TRP C 494 -27.03 -16.69 28.17
N GLN C 495 -27.75 -17.07 29.24
CA GLN C 495 -27.50 -16.59 30.62
C GLN C 495 -26.07 -16.93 31.03
N ALA C 496 -25.50 -16.10 31.91
CA ALA C 496 -24.23 -16.31 32.65
C ALA C 496 -24.19 -17.72 33.27
N ARG C 497 -22.97 -18.14 33.59
CA ARG C 497 -22.59 -19.51 34.02
C ARG C 497 -21.58 -19.38 35.14
N PRO C 498 -21.74 -20.17 36.22
CA PRO C 498 -20.69 -20.30 37.23
C PRO C 498 -19.40 -20.97 36.72
N TYR C 499 -18.28 -20.52 37.26
CA TYR C 499 -16.92 -21.06 37.00
C TYR C 499 -16.11 -21.07 38.29
N GLU C 500 -15.13 -21.98 38.40
CA GLU C 500 -14.15 -21.98 39.51
C GLU C 500 -12.86 -21.34 39.00
N LEU C 501 -12.31 -20.43 39.81
CA LEU C 501 -11.19 -19.54 39.44
C LEU C 501 -9.98 -20.39 39.01
N GLY C 502 -9.89 -21.63 39.52
CA GLY C 502 -8.81 -22.59 39.20
C GLY C 502 -8.84 -22.97 37.73
N GLU C 503 -10.01 -23.45 37.28
CA GLU C 503 -10.44 -23.72 35.87
C GLU C 503 -9.93 -22.66 34.86
N PHE C 504 -10.09 -21.37 35.15
CA PHE C 504 -9.80 -20.25 34.20
C PHE C 504 -8.29 -19.95 34.20
N GLN C 505 -7.64 -19.93 35.37
CA GLN C 505 -6.17 -19.74 35.50
C GLN C 505 -5.44 -20.89 34.77
N ALA C 506 -6.04 -22.09 34.77
CA ALA C 506 -5.47 -23.33 34.20
C ALA C 506 -6.08 -23.62 32.82
N GLN C 507 -6.93 -22.74 32.29
CA GLN C 507 -7.55 -22.89 30.93
C GLN C 507 -8.09 -24.31 30.74
N SER C 508 -8.67 -24.90 31.79
CA SER C 508 -9.16 -26.31 31.87
C SER C 508 -10.68 -26.31 31.96
N GLY C 509 -11.31 -27.48 31.85
CA GLY C 509 -12.78 -27.64 31.86
C GLY C 509 -13.44 -26.68 30.89
N GLN C 510 -14.50 -25.98 31.35
CA GLN C 510 -15.27 -24.93 30.63
C GLN C 510 -14.37 -24.05 29.75
N PHE C 511 -13.13 -23.84 30.19
CA PHE C 511 -12.14 -22.94 29.57
C PHE C 511 -11.12 -23.70 28.72
N SER C 512 -11.33 -25.02 28.47
CA SER C 512 -10.42 -25.83 27.62
C SER C 512 -10.65 -25.41 26.17
N VAL C 513 -9.58 -25.39 25.36
CA VAL C 513 -9.69 -25.12 23.91
C VAL C 513 -10.86 -25.91 23.33
N GLN C 514 -11.21 -27.05 23.94
CA GLN C 514 -12.12 -28.07 23.33
C GLN C 514 -13.56 -27.72 23.72
N ALA C 515 -13.79 -27.36 24.99
CA ALA C 515 -15.11 -26.92 25.49
C ALA C 515 -15.46 -25.55 24.88
N VAL C 516 -14.52 -24.59 24.89
CA VAL C 516 -14.69 -23.26 24.20
C VAL C 516 -15.07 -23.51 22.74
N THR C 517 -14.32 -24.37 22.05
CA THR C 517 -14.55 -24.72 20.63
C THR C 517 -15.99 -25.25 20.52
N GLU C 518 -16.36 -26.25 21.31
CA GLU C 518 -17.71 -26.89 21.29
C GLU C 518 -18.78 -25.85 21.63
N ARG C 519 -18.52 -24.97 22.60
CA ARG C 519 -19.50 -23.96 23.09
C ARG C 519 -19.80 -23.02 21.91
N ILE C 520 -18.77 -22.48 21.26
CA ILE C 520 -18.92 -21.44 20.19
C ILE C 520 -19.65 -22.02 18.98
N GLN C 521 -19.31 -23.27 18.65
CA GLN C 521 -19.86 -24.01 17.50
C GLN C 521 -21.37 -24.14 17.70
N THR C 522 -21.78 -24.56 18.91
CA THR C 522 -23.18 -24.77 19.37
C THR C 522 -23.91 -23.42 19.32
N MET C 523 -23.30 -22.36 19.84
CA MET C 523 -23.82 -20.97 19.70
C MET C 523 -24.05 -20.62 18.22
N ALA C 524 -23.02 -20.78 17.38
CA ALA C 524 -23.06 -20.50 15.92
C ALA C 524 -24.25 -21.19 15.25
N GLU C 525 -24.52 -22.46 15.59
CA GLU C 525 -25.47 -23.32 14.84
C GLU C 525 -26.86 -22.69 14.87
N TYR C 526 -27.15 -21.81 15.83
CA TYR C 526 -28.47 -21.17 16.04
C TYR C 526 -28.63 -20.00 15.06
N ARG C 527 -27.51 -19.55 14.50
CA ARG C 527 -27.46 -18.54 13.40
C ARG C 527 -28.08 -17.23 13.89
N PRO C 528 -27.48 -16.61 14.94
CA PRO C 528 -27.95 -15.34 15.51
C PRO C 528 -28.03 -14.12 14.54
N TYR C 529 -27.12 -14.04 13.58
CA TYR C 529 -26.95 -12.83 12.77
C TYR C 529 -27.32 -13.08 11.29
N ALA C 530 -27.95 -14.22 10.99
CA ALA C 530 -28.29 -14.69 9.62
C ALA C 530 -29.08 -13.65 8.82
N ALA C 531 -29.94 -12.86 9.47
CA ALA C 531 -30.89 -11.93 8.83
C ALA C 531 -30.27 -10.52 8.66
N ALA C 532 -28.97 -10.35 8.94
CA ALA C 532 -28.28 -9.04 8.82
C ALA C 532 -28.54 -8.41 7.43
N ASP C 533 -28.02 -8.99 6.34
CA ASP C 533 -27.93 -8.38 4.96
C ASP C 533 -26.48 -7.97 4.65
N VAL D 1 -21.39 -30.94 -36.73
CA VAL D 1 -21.73 -30.93 -38.16
C VAL D 1 -20.87 -29.87 -38.87
N ALA D 2 -20.96 -29.81 -40.19
CA ALA D 2 -20.09 -28.92 -41.01
C ALA D 2 -20.42 -27.46 -40.68
N GLN D 3 -19.37 -26.67 -40.48
CA GLN D 3 -19.45 -25.20 -40.37
C GLN D 3 -20.01 -24.66 -41.69
N ILE D 4 -20.93 -23.70 -41.61
CA ILE D 4 -21.65 -23.04 -42.74
C ILE D 4 -20.98 -21.69 -43.02
N SER D 5 -20.59 -20.98 -41.99
CA SER D 5 -19.83 -19.71 -42.07
C SER D 5 -18.52 -19.95 -42.81
N PRO D 6 -17.99 -18.97 -43.57
CA PRO D 6 -16.73 -19.18 -44.26
C PRO D 6 -15.64 -19.51 -43.23
N GLN D 7 -14.55 -20.16 -43.67
CA GLN D 7 -13.38 -20.45 -42.81
C GLN D 7 -12.82 -19.15 -42.25
N TYR D 8 -12.45 -19.18 -40.97
CA TYR D 8 -11.93 -18.01 -40.21
C TYR D 8 -10.47 -18.25 -39.88
N PRO D 9 -9.59 -17.24 -39.88
CA PRO D 9 -8.22 -17.41 -39.41
C PRO D 9 -8.22 -17.45 -37.87
N MET D 10 -8.28 -18.67 -37.32
CA MET D 10 -8.44 -18.97 -35.86
C MET D 10 -7.27 -18.35 -35.07
N PHE D 11 -7.57 -17.59 -34.02
CA PHE D 11 -6.58 -17.31 -32.96
C PHE D 11 -5.47 -16.36 -33.44
N THR D 12 -5.78 -15.51 -34.43
CA THR D 12 -4.82 -14.56 -35.04
C THR D 12 -5.12 -13.09 -34.71
N VAL D 13 -6.31 -12.78 -34.17
CA VAL D 13 -6.67 -11.38 -33.79
C VAL D 13 -6.66 -11.33 -32.26
N PRO D 14 -6.05 -10.27 -31.66
CA PRO D 14 -5.97 -10.14 -30.21
C PRO D 14 -7.36 -9.80 -29.65
N LEU D 15 -7.64 -10.24 -28.43
CA LEU D 15 -8.92 -10.00 -27.72
C LEU D 15 -9.15 -8.50 -27.61
N PRO D 16 -10.23 -7.92 -28.18
CA PRO D 16 -10.60 -6.54 -27.89
C PRO D 16 -11.27 -6.38 -26.51
N ILE D 17 -10.98 -5.26 -25.86
CA ILE D 17 -11.60 -4.75 -24.60
C ILE D 17 -12.52 -3.58 -24.96
N PRO D 18 -13.86 -3.70 -24.78
CA PRO D 18 -14.74 -2.57 -25.03
C PRO D 18 -14.26 -1.36 -24.25
N PRO D 19 -14.22 -0.15 -24.86
CA PRO D 19 -13.75 1.03 -24.12
C PRO D 19 -14.70 1.36 -22.96
N VAL D 20 -14.20 1.93 -21.88
CA VAL D 20 -15.02 2.48 -20.75
C VAL D 20 -15.84 3.68 -21.24
N LYS D 21 -17.13 3.66 -20.96
CA LYS D 21 -18.02 4.81 -21.26
C LYS D 21 -17.83 5.88 -20.17
N GLN D 22 -17.60 7.13 -20.60
CA GLN D 22 -17.46 8.31 -19.70
C GLN D 22 -18.75 9.14 -19.70
N PRO D 23 -19.16 9.69 -18.52
CA PRO D 23 -20.31 10.61 -18.44
C PRO D 23 -20.09 11.87 -19.28
N ARG D 24 -21.17 12.47 -19.76
CA ARG D 24 -21.13 13.80 -20.44
C ARG D 24 -20.83 14.89 -19.40
N LEU D 25 -21.53 14.82 -18.28
CA LEU D 25 -21.45 15.81 -17.17
C LEU D 25 -22.04 15.17 -15.93
N THR D 26 -21.88 15.80 -14.77
CA THR D 26 -22.56 15.42 -13.50
C THR D 26 -23.61 16.50 -13.24
N VAL D 27 -24.79 16.09 -12.73
CA VAL D 27 -25.87 16.98 -12.22
C VAL D 27 -26.01 16.70 -10.73
N THR D 28 -26.04 17.74 -9.92
CA THR D 28 -26.30 17.63 -8.47
C THR D 28 -27.77 17.29 -8.28
N ASN D 29 -28.02 16.24 -7.50
CA ASN D 29 -29.37 15.81 -7.07
C ASN D 29 -29.83 16.87 -6.07
N PRO D 30 -30.90 17.60 -6.37
CA PRO D 30 -31.41 18.62 -5.45
C PRO D 30 -31.95 18.00 -4.15
N VAL D 31 -32.46 16.78 -4.21
CA VAL D 31 -32.97 16.03 -3.02
C VAL D 31 -31.85 15.89 -1.96
N ASN D 32 -30.69 15.30 -2.29
CA ASN D 32 -29.68 14.90 -1.28
C ASN D 32 -28.32 15.57 -1.55
N GLY D 33 -28.24 16.44 -2.56
CA GLY D 33 -26.96 17.03 -2.99
C GLY D 33 -25.94 16.02 -3.51
N GLN D 34 -26.27 14.74 -3.70
CA GLN D 34 -25.36 13.70 -4.26
C GLN D 34 -25.08 13.99 -5.73
N GLU D 35 -24.11 13.28 -6.34
CA GLU D 35 -23.78 13.46 -7.80
C GLU D 35 -24.54 12.40 -8.60
N ILE D 36 -25.17 12.87 -9.69
CA ILE D 36 -25.86 12.03 -10.72
C ILE D 36 -25.00 12.08 -12.00
N TRP D 37 -24.37 10.97 -12.34
CA TRP D 37 -23.62 10.90 -13.62
C TRP D 37 -24.61 10.77 -14.78
N TYR D 38 -24.54 11.67 -15.76
CA TYR D 38 -25.40 11.71 -16.96
C TYR D 38 -24.59 11.28 -18.20
N TYR D 39 -25.07 10.27 -18.92
CA TYR D 39 -24.44 9.76 -20.17
C TYR D 39 -25.45 9.91 -21.30
N GLU D 40 -24.92 10.07 -22.52
CA GLU D 40 -25.69 9.97 -23.79
C GLU D 40 -25.16 8.77 -24.60
N VAL D 41 -26.06 7.95 -25.12
CA VAL D 41 -25.69 6.76 -25.94
C VAL D 41 -26.52 6.76 -27.24
N GLU D 42 -25.82 6.73 -28.37
CA GLU D 42 -26.43 6.83 -29.71
C GLU D 42 -26.46 5.43 -30.30
N ILE D 43 -27.67 4.88 -30.46
CA ILE D 43 -27.93 3.57 -31.14
C ILE D 43 -27.94 3.84 -32.65
N LYS D 44 -26.87 3.45 -33.34
CA LYS D 44 -26.67 3.80 -34.76
C LYS D 44 -26.11 2.59 -35.48
N PRO D 45 -26.42 2.47 -36.79
CA PRO D 45 -25.88 1.43 -37.65
C PRO D 45 -24.40 1.77 -37.93
N PHE D 46 -23.57 0.74 -38.06
CA PHE D 46 -22.14 0.79 -38.42
C PHE D 46 -21.78 -0.54 -39.11
N THR D 47 -20.60 -0.59 -39.72
CA THR D 47 -20.08 -1.79 -40.42
C THR D 47 -18.79 -2.21 -39.71
N HIS D 48 -18.61 -3.51 -39.43
CA HIS D 48 -17.35 -4.06 -38.87
C HIS D 48 -16.83 -5.08 -39.86
N GLN D 49 -15.53 -5.01 -40.18
CA GLN D 49 -14.82 -6.04 -40.96
C GLN D 49 -14.49 -7.17 -40.00
N VAL D 50 -15.31 -8.20 -39.96
CA VAL D 50 -15.11 -9.38 -39.07
C VAL D 50 -14.09 -10.31 -39.74
N TYR D 51 -14.35 -10.70 -40.99
CA TYR D 51 -13.43 -11.49 -41.84
C TYR D 51 -12.53 -10.56 -42.67
N PRO D 52 -11.19 -10.62 -42.52
CA PRO D 52 -10.30 -9.65 -43.18
C PRO D 52 -10.36 -9.58 -44.72
N ASP D 53 -10.59 -10.74 -45.37
CA ASP D 53 -10.46 -10.91 -46.83
C ASP D 53 -11.83 -10.95 -47.50
N LEU D 54 -12.91 -10.74 -46.75
CA LEU D 54 -14.29 -10.77 -47.32
C LEU D 54 -14.94 -9.40 -47.16
N GLY D 55 -16.24 -9.28 -47.44
CA GLY D 55 -17.02 -8.05 -47.17
C GLY D 55 -17.17 -7.77 -45.68
N SER D 56 -17.87 -6.69 -45.35
CA SER D 56 -18.15 -6.25 -43.96
C SER D 56 -19.50 -6.80 -43.52
N ALA D 57 -19.76 -6.73 -42.22
CA ALA D 57 -20.99 -7.11 -41.54
C ALA D 57 -21.71 -5.83 -41.12
N ASP D 58 -23.03 -5.83 -41.31
CA ASP D 58 -23.89 -4.68 -40.93
C ASP D 58 -24.37 -4.93 -39.49
N LEU D 59 -23.89 -4.13 -38.54
CA LEU D 59 -24.34 -4.10 -37.13
C LEU D 59 -25.14 -2.82 -36.86
N VAL D 60 -25.90 -2.84 -35.76
CA VAL D 60 -26.50 -1.63 -35.10
C VAL D 60 -26.15 -1.74 -33.61
N GLY D 61 -25.52 -0.71 -33.05
CA GLY D 61 -24.95 -0.79 -31.69
C GLY D 61 -25.02 0.54 -30.96
N TYR D 62 -24.92 0.43 -29.63
CA TYR D 62 -24.76 1.54 -28.66
C TYR D 62 -23.41 2.22 -28.93
N ASP D 63 -23.38 3.55 -29.14
CA ASP D 63 -22.21 4.36 -29.58
C ASP D 63 -21.54 3.75 -30.84
N GLY D 64 -22.34 3.12 -31.70
CA GLY D 64 -21.84 2.52 -32.96
C GLY D 64 -20.71 1.53 -32.76
N MET D 65 -20.71 0.73 -31.69
CA MET D 65 -19.80 -0.43 -31.51
C MET D 65 -20.60 -1.60 -30.92
N SER D 66 -20.09 -2.83 -31.09
CA SER D 66 -20.60 -4.07 -30.41
C SER D 66 -19.40 -4.86 -29.95
N PRO D 67 -19.27 -5.28 -28.66
CA PRO D 67 -20.14 -4.87 -27.57
C PRO D 67 -20.24 -3.35 -27.41
N GLY D 68 -21.33 -2.86 -26.82
CA GLY D 68 -21.42 -1.45 -26.40
C GLY D 68 -20.27 -1.15 -25.45
N PRO D 69 -19.96 0.14 -25.21
CA PRO D 69 -18.86 0.53 -24.31
C PRO D 69 -19.25 0.19 -22.87
N THR D 70 -18.26 -0.12 -22.04
CA THR D 70 -18.42 -0.67 -20.68
C THR D 70 -18.67 0.46 -19.67
N PHE D 71 -19.78 0.36 -18.92
CA PHE D 71 -20.08 1.27 -17.79
C PHE D 71 -19.29 0.79 -16.57
N GLN D 72 -18.62 1.73 -15.88
CA GLN D 72 -17.91 1.47 -14.61
C GLN D 72 -18.50 2.43 -13.57
N VAL D 73 -19.43 1.94 -12.75
CA VAL D 73 -20.21 2.79 -11.79
C VAL D 73 -19.97 2.30 -10.35
N PRO D 74 -19.47 3.17 -9.44
CA PRO D 74 -19.37 2.81 -8.01
C PRO D 74 -20.74 2.88 -7.30
N ARG D 75 -20.99 1.98 -6.34
CA ARG D 75 -22.29 1.90 -5.60
C ARG D 75 -22.67 3.26 -5.01
N GLY D 76 -23.89 3.75 -5.26
CA GLY D 76 -24.45 4.92 -4.60
C GLY D 76 -24.36 6.17 -5.46
N VAL D 77 -23.70 6.08 -6.62
CA VAL D 77 -23.84 7.12 -7.67
C VAL D 77 -24.99 6.69 -8.56
N GLU D 78 -26.09 7.44 -8.52
CA GLU D 78 -27.20 7.38 -9.49
C GLU D 78 -26.67 7.76 -10.87
N THR D 79 -27.20 7.12 -11.90
CA THR D 79 -26.85 7.40 -13.30
C THR D 79 -28.14 7.59 -14.09
N VAL D 80 -28.10 8.53 -15.04
CA VAL D 80 -29.15 8.73 -16.07
C VAL D 80 -28.49 8.50 -17.41
N VAL D 81 -29.00 7.54 -18.16
CA VAL D 81 -28.55 7.31 -19.55
C VAL D 81 -29.69 7.66 -20.49
N ARG D 82 -29.40 8.62 -21.37
CA ARG D 82 -30.24 8.96 -22.52
C ARG D 82 -29.84 8.02 -23.65
N PHE D 83 -30.65 7.02 -23.89
CA PHE D 83 -30.48 6.09 -25.05
C PHE D 83 -31.15 6.72 -26.27
N ILE D 84 -30.34 7.15 -27.22
CA ILE D 84 -30.77 7.92 -28.43
C ILE D 84 -30.90 6.98 -29.64
N ASN D 85 -32.14 6.80 -30.09
CA ASN D 85 -32.46 5.98 -31.30
C ASN D 85 -32.17 6.82 -32.55
N ASN D 86 -30.97 6.63 -33.10
CA ASN D 86 -30.60 7.08 -34.46
C ASN D 86 -30.43 5.86 -35.38
N ALA D 87 -31.43 4.97 -35.36
CA ALA D 87 -31.41 3.67 -36.06
C ALA D 87 -32.70 3.47 -36.85
N GLU D 88 -32.93 2.22 -37.28
CA GLU D 88 -33.85 1.82 -38.37
C GLU D 88 -35.05 1.05 -37.78
N ALA D 89 -34.98 0.58 -36.53
CA ALA D 89 -36.05 -0.14 -35.80
C ALA D 89 -36.12 0.33 -34.35
N PRO D 90 -37.26 0.12 -33.66
CA PRO D 90 -37.37 0.55 -32.27
C PRO D 90 -36.37 -0.14 -31.34
N ASN D 91 -36.27 0.41 -30.12
CA ASN D 91 -35.48 -0.17 -29.00
C ASN D 91 -36.18 0.05 -27.65
N SER D 92 -35.86 -0.83 -26.69
CA SER D 92 -36.18 -0.75 -25.25
C SER D 92 -34.94 -1.23 -24.54
N VAL D 93 -34.24 -0.38 -23.80
CA VAL D 93 -32.99 -0.79 -23.09
C VAL D 93 -33.39 -1.39 -21.76
N HIS D 94 -32.80 -2.55 -21.48
CA HIS D 94 -32.91 -3.23 -20.18
C HIS D 94 -31.51 -3.38 -19.54
N LEU D 95 -31.31 -2.83 -18.35
CA LEU D 95 -30.08 -3.02 -17.52
C LEU D 95 -30.27 -4.28 -16.66
N HIS D 96 -29.72 -5.39 -17.14
CA HIS D 96 -29.96 -6.74 -16.61
C HIS D 96 -29.12 -6.81 -15.34
N GLY D 97 -29.77 -7.16 -14.22
CA GLY D 97 -29.21 -7.23 -12.86
C GLY D 97 -29.50 -5.99 -12.00
N SER D 98 -30.26 -5.00 -12.48
CA SER D 98 -30.62 -3.74 -11.78
C SER D 98 -32.09 -3.76 -11.40
N PHE D 99 -32.39 -3.49 -10.13
CA PHE D 99 -33.77 -3.35 -9.63
C PHE D 99 -34.31 -1.94 -9.97
N SER D 100 -34.27 -1.61 -11.26
CA SER D 100 -34.73 -0.30 -11.80
C SER D 100 -36.24 -0.22 -11.61
N ARG D 101 -36.83 0.97 -11.44
CA ARG D 101 -38.31 1.16 -11.53
C ARG D 101 -38.87 0.61 -12.87
N ALA D 102 -40.11 0.09 -12.88
CA ALA D 102 -40.75 -0.52 -14.07
C ALA D 102 -40.50 0.30 -15.34
N ALA D 103 -40.49 1.63 -15.25
CA ALA D 103 -40.46 2.54 -16.43
C ALA D 103 -39.01 2.75 -16.92
N PHE D 104 -38.02 2.34 -16.12
CA PHE D 104 -36.57 2.36 -16.47
C PHE D 104 -36.00 0.94 -16.55
N ASP D 105 -36.85 -0.08 -16.64
CA ASP D 105 -36.39 -1.49 -16.56
C ASP D 105 -36.31 -2.13 -17.95
N GLY D 106 -36.76 -1.46 -19.01
CA GLY D 106 -36.74 -2.03 -20.37
C GLY D 106 -37.93 -2.93 -20.65
N TRP D 107 -39.12 -2.57 -20.15
CA TRP D 107 -40.41 -3.21 -20.52
C TRP D 107 -40.47 -3.34 -22.06
N ALA D 108 -40.90 -4.49 -22.56
CA ALA D 108 -40.79 -4.87 -23.99
C ALA D 108 -41.64 -3.94 -24.86
N GLU D 109 -42.78 -3.47 -24.35
CA GLU D 109 -43.71 -2.53 -25.03
C GLU D 109 -43.21 -1.09 -24.87
N ASP D 110 -42.32 -0.83 -23.90
CA ASP D 110 -41.81 0.52 -23.57
C ASP D 110 -40.73 0.88 -24.58
N ILE D 111 -41.12 0.98 -25.85
CA ILE D 111 -40.21 1.17 -27.00
C ILE D 111 -39.89 2.66 -27.23
N THR D 112 -38.66 2.90 -27.68
CA THR D 112 -38.20 4.15 -28.32
C THR D 112 -38.07 3.90 -29.82
N GLU D 113 -38.80 4.69 -30.62
CA GLU D 113 -38.72 4.69 -32.10
C GLU D 113 -37.51 5.52 -32.56
N PRO D 114 -37.02 5.28 -33.79
CA PRO D 114 -36.02 6.17 -34.38
C PRO D 114 -36.51 7.62 -34.42
N GLY D 115 -35.59 8.57 -34.19
CA GLY D 115 -35.94 10.01 -34.05
C GLY D 115 -36.41 10.35 -32.64
N SER D 116 -36.42 9.38 -31.70
CA SER D 116 -36.67 9.57 -30.25
C SER D 116 -35.46 9.13 -29.43
N PHE D 117 -35.39 9.60 -28.18
CA PHE D 117 -34.49 9.13 -27.08
C PHE D 117 -35.36 8.82 -25.86
N LYS D 118 -34.79 8.10 -24.90
CA LYS D 118 -35.45 7.92 -23.59
C LYS D 118 -34.41 8.07 -22.49
N ASP D 119 -34.81 8.72 -21.40
CA ASP D 119 -33.94 8.91 -20.22
C ASP D 119 -34.21 7.72 -19.30
N TYR D 120 -33.15 6.98 -18.93
CA TYR D 120 -33.22 5.90 -17.92
C TYR D 120 -32.43 6.33 -16.69
N TYR D 121 -33.10 6.21 -15.54
CA TYR D 121 -32.64 6.61 -14.21
C TYR D 121 -32.31 5.34 -13.40
N TYR D 122 -31.02 5.06 -13.15
CA TYR D 122 -30.53 3.83 -12.46
C TYR D 122 -30.05 4.18 -11.03
N PRO D 123 -30.38 3.34 -10.03
CA PRO D 123 -30.05 3.62 -8.64
C PRO D 123 -28.63 3.19 -8.23
N ASN D 124 -28.16 2.08 -8.81
CA ASN D 124 -26.79 1.57 -8.60
C ASN D 124 -26.54 1.38 -7.10
N ARG D 125 -27.46 0.75 -6.37
CA ARG D 125 -27.35 0.63 -4.88
C ARG D 125 -27.03 -0.80 -4.46
N GLN D 126 -27.36 -1.75 -5.32
CA GLN D 126 -27.27 -3.21 -5.08
C GLN D 126 -25.81 -3.64 -4.93
N SER D 127 -25.62 -4.93 -4.63
CA SER D 127 -24.30 -5.53 -4.34
C SER D 127 -23.43 -5.42 -5.60
N ALA D 128 -22.14 -5.10 -5.44
CA ALA D 128 -21.17 -5.06 -6.56
C ALA D 128 -21.41 -6.34 -7.40
N ARG D 129 -21.53 -6.13 -8.72
CA ARG D 129 -21.94 -7.21 -9.64
C ARG D 129 -21.56 -6.81 -11.08
N THR D 130 -21.62 -7.78 -11.96
CA THR D 130 -21.44 -7.54 -13.40
C THR D 130 -22.84 -7.52 -13.98
N LEU D 131 -23.33 -6.32 -14.29
CA LEU D 131 -24.60 -6.12 -15.02
C LEU D 131 -24.27 -6.02 -16.51
N TRP D 132 -25.30 -6.07 -17.35
CA TRP D 132 -25.18 -5.86 -18.82
C TRP D 132 -26.47 -5.20 -19.29
N TYR D 133 -26.34 -4.21 -20.17
CA TYR D 133 -27.45 -3.44 -20.75
C TYR D 133 -27.59 -3.96 -22.18
N HIS D 134 -28.83 -4.24 -22.59
CA HIS D 134 -29.15 -4.82 -23.92
C HIS D 134 -30.58 -4.50 -24.30
N ASP D 135 -30.95 -4.87 -25.52
CA ASP D 135 -32.30 -4.57 -26.07
C ASP D 135 -33.32 -5.57 -25.53
N HIS D 136 -34.54 -5.09 -25.34
CA HIS D 136 -35.69 -5.89 -24.88
C HIS D 136 -36.97 -5.56 -25.67
N ALA D 137 -36.87 -5.01 -26.88
CA ALA D 137 -38.05 -4.49 -27.60
C ALA D 137 -38.88 -5.67 -28.10
N MET D 138 -40.20 -5.55 -28.00
CA MET D 138 -41.18 -6.62 -28.25
C MET D 138 -40.91 -7.29 -29.62
N HIS D 139 -40.76 -8.62 -29.63
CA HIS D 139 -40.79 -9.45 -30.86
C HIS D 139 -39.50 -9.28 -31.66
N ILE D 140 -38.64 -8.34 -31.28
CA ILE D 140 -37.45 -7.95 -32.10
C ILE D 140 -36.18 -7.92 -31.22
N THR D 141 -36.23 -8.48 -30.00
CA THR D 141 -35.07 -8.55 -29.07
C THR D 141 -33.94 -9.41 -29.67
N ALA D 142 -34.24 -10.59 -30.23
CA ALA D 142 -33.20 -11.49 -30.77
C ALA D 142 -32.30 -10.72 -31.74
N GLU D 143 -32.89 -10.02 -32.72
CA GLU D 143 -32.09 -9.45 -33.83
C GLU D 143 -31.37 -8.20 -33.36
N ASN D 144 -32.06 -7.31 -32.63
CA ASN D 144 -31.44 -6.12 -32.01
C ASN D 144 -30.21 -6.58 -31.21
N ALA D 145 -30.38 -7.59 -30.37
CA ALA D 145 -29.27 -8.14 -29.58
C ALA D 145 -28.18 -8.70 -30.53
N TYR D 146 -28.60 -9.48 -31.52
CA TYR D 146 -27.66 -10.19 -32.42
C TYR D 146 -26.84 -9.18 -33.23
N ARG D 147 -27.47 -8.06 -33.62
CA ARG D 147 -26.83 -7.06 -34.51
C ARG D 147 -25.97 -6.12 -33.68
N GLY D 148 -25.98 -6.19 -32.34
CA GLY D 148 -24.93 -5.52 -31.53
C GLY D 148 -25.43 -4.78 -30.32
N GLN D 149 -26.71 -4.84 -29.98
CA GLN D 149 -27.28 -3.98 -28.91
C GLN D 149 -27.14 -4.70 -27.55
N ALA D 150 -25.92 -4.66 -27.00
CA ALA D 150 -25.54 -5.31 -25.72
C ALA D 150 -24.12 -4.85 -25.29
N GLY D 151 -23.97 -4.56 -24.01
CA GLY D 151 -22.75 -4.00 -23.42
C GLY D 151 -22.65 -4.34 -21.95
N LEU D 152 -21.46 -4.15 -21.38
CA LEU D 152 -21.21 -4.44 -19.94
C LEU D 152 -21.54 -3.22 -19.10
N TYR D 153 -21.92 -3.50 -17.85
CA TYR D 153 -22.19 -2.46 -16.81
C TYR D 153 -21.70 -3.02 -15.47
N MET D 154 -20.52 -2.55 -15.07
CA MET D 154 -19.82 -3.02 -13.86
C MET D 154 -20.18 -2.10 -12.69
N LEU D 155 -20.82 -2.66 -11.67
CA LEU D 155 -21.19 -1.96 -10.41
C LEU D 155 -20.15 -2.31 -9.34
N THR D 156 -19.37 -1.33 -8.91
CA THR D 156 -18.16 -1.49 -8.05
C THR D 156 -18.43 -0.98 -6.63
N ASP D 157 -17.62 -1.46 -5.71
CA ASP D 157 -17.71 -1.20 -4.24
C ASP D 157 -16.28 -1.20 -3.69
N PRO D 158 -15.84 -0.13 -2.97
CA PRO D 158 -14.57 -0.20 -2.23
C PRO D 158 -14.37 -1.49 -1.42
N ALA D 159 -15.45 -2.15 -0.96
CA ALA D 159 -15.35 -3.39 -0.13
C ALA D 159 -14.91 -4.57 -1.02
N GLU D 160 -15.42 -4.65 -2.26
CA GLU D 160 -15.07 -5.74 -3.21
C GLU D 160 -13.61 -5.53 -3.67
N ASP D 161 -13.26 -4.30 -4.04
CA ASP D 161 -11.89 -3.87 -4.43
C ASP D 161 -10.88 -4.33 -3.36
N ALA D 162 -11.16 -4.13 -2.06
CA ALA D 162 -10.21 -4.36 -0.94
C ALA D 162 -9.97 -5.86 -0.71
N LEU D 163 -10.73 -6.72 -1.36
CA LEU D 163 -10.48 -8.19 -1.37
C LEU D 163 -9.10 -8.50 -1.99
N ASN D 164 -8.65 -7.61 -2.90
CA ASN D 164 -7.35 -7.67 -3.62
C ASN D 164 -7.39 -8.87 -4.61
N LEU D 165 -8.52 -9.08 -5.27
CA LEU D 165 -8.67 -10.00 -6.41
C LEU D 165 -7.92 -9.38 -7.58
N PRO D 166 -7.45 -10.17 -8.58
CA PRO D 166 -6.84 -9.58 -9.77
C PRO D 166 -7.73 -8.47 -10.34
N SER D 167 -7.14 -7.40 -10.81
CA SER D 167 -7.81 -6.09 -10.92
C SER D 167 -7.30 -5.37 -12.15
N GLY D 168 -7.92 -4.21 -12.42
CA GLY D 168 -7.59 -3.32 -13.54
C GLY D 168 -8.30 -3.80 -14.78
N TYR D 169 -9.35 -3.07 -15.18
CA TYR D 169 -10.18 -3.42 -16.35
C TYR D 169 -9.29 -3.43 -17.60
N GLY D 170 -9.26 -4.54 -18.32
CA GLY D 170 -8.40 -4.73 -19.52
C GLY D 170 -6.95 -5.03 -19.18
N GLU D 171 -6.61 -5.13 -17.90
CA GLU D 171 -5.25 -5.52 -17.45
C GLU D 171 -5.33 -6.96 -16.96
N PHE D 172 -5.86 -7.18 -15.76
CA PHE D 172 -6.03 -8.52 -15.15
C PHE D 172 -7.51 -8.77 -14.84
N ASP D 173 -8.37 -7.79 -15.12
CA ASP D 173 -9.85 -7.89 -14.98
C ASP D 173 -10.47 -7.79 -16.38
N ILE D 174 -10.80 -8.94 -16.94
CA ILE D 174 -11.02 -9.06 -18.41
C ILE D 174 -12.49 -9.41 -18.67
N PRO D 175 -13.21 -8.59 -19.48
CA PRO D 175 -14.55 -8.93 -19.93
C PRO D 175 -14.52 -10.03 -20.99
N MET D 176 -15.40 -11.01 -20.84
CA MET D 176 -15.51 -12.20 -21.74
C MET D 176 -16.97 -12.34 -22.23
N ILE D 177 -17.40 -11.42 -23.08
CA ILE D 177 -18.78 -11.39 -23.63
C ILE D 177 -18.85 -12.39 -24.77
N LEU D 178 -19.51 -13.52 -24.53
CA LEU D 178 -19.62 -14.64 -25.47
C LEU D 178 -20.86 -14.46 -26.34
N THR D 179 -20.69 -14.60 -27.65
CA THR D 179 -21.76 -14.60 -28.67
C THR D 179 -21.48 -15.76 -29.62
N SER D 180 -22.50 -16.21 -30.32
CA SER D 180 -22.41 -17.34 -31.28
C SER D 180 -23.26 -16.95 -32.48
N LYS D 181 -22.62 -16.68 -33.61
CA LYS D 181 -23.25 -16.00 -34.76
C LYS D 181 -22.97 -16.84 -36.01
N GLN D 182 -23.66 -16.51 -37.12
CA GLN D 182 -23.51 -17.14 -38.46
C GLN D 182 -23.29 -16.06 -39.52
N TYR D 183 -22.37 -16.32 -40.46
CA TYR D 183 -21.97 -15.43 -41.58
C TYR D 183 -22.30 -16.02 -42.96
N THR D 184 -22.56 -15.13 -43.92
CA THR D 184 -22.68 -15.42 -45.37
C THR D 184 -21.30 -15.69 -45.97
N ALA D 185 -21.29 -16.11 -47.24
CA ALA D 185 -20.08 -16.22 -48.10
C ALA D 185 -19.33 -14.88 -48.18
N ASN D 186 -20.03 -13.74 -48.11
CA ASN D 186 -19.44 -12.37 -48.21
C ASN D 186 -19.03 -11.80 -46.83
N GLY D 187 -19.21 -12.53 -45.72
CA GLY D 187 -18.73 -12.11 -44.40
C GLY D 187 -19.68 -11.12 -43.73
N ASN D 188 -20.91 -11.06 -44.23
CA ASN D 188 -21.97 -10.32 -43.50
C ASN D 188 -22.77 -11.31 -42.66
N LEU D 189 -23.62 -10.78 -41.79
CA LEU D 189 -24.38 -11.61 -40.83
C LEU D 189 -25.59 -12.23 -41.50
N VAL D 190 -25.84 -13.48 -41.14
CA VAL D 190 -27.13 -14.18 -41.37
C VAL D 190 -28.11 -13.67 -40.32
N THR D 191 -29.28 -13.23 -40.79
CA THR D 191 -30.34 -12.63 -39.94
C THR D 191 -30.95 -13.74 -39.09
N THR D 192 -31.48 -13.37 -37.92
CA THR D 192 -32.24 -14.26 -37.02
C THR D 192 -33.71 -14.16 -37.38
N ASN D 193 -34.07 -13.24 -38.28
CA ASN D 193 -35.49 -12.95 -38.66
C ASN D 193 -36.10 -14.20 -39.31
N GLY D 194 -37.31 -14.54 -38.85
CA GLY D 194 -38.07 -15.74 -39.27
C GLY D 194 -37.67 -17.02 -38.53
N GLU D 195 -36.52 -17.05 -37.83
CA GLU D 195 -36.17 -18.24 -37.00
C GLU D 195 -37.06 -18.31 -35.74
N LEU D 196 -37.75 -19.44 -35.58
CA LEU D 196 -38.73 -19.73 -34.49
C LEU D 196 -38.27 -20.92 -33.60
N ASN D 197 -37.09 -21.50 -33.80
CA ASN D 197 -36.70 -22.63 -32.92
C ASN D 197 -35.59 -22.09 -32.00
N SER D 198 -34.33 -22.16 -32.43
CA SER D 198 -33.12 -21.49 -31.86
C SER D 198 -32.21 -21.07 -33.00
N PHE D 199 -31.55 -19.95 -32.84
CA PHE D 199 -30.45 -19.58 -33.76
C PHE D 199 -29.14 -19.91 -33.05
N TRP D 200 -28.52 -21.05 -33.40
CA TRP D 200 -27.37 -21.58 -32.60
C TRP D 200 -26.12 -20.75 -32.93
N GLY D 201 -25.92 -20.53 -34.23
CA GLY D 201 -24.70 -19.95 -34.77
C GLY D 201 -23.57 -20.96 -34.72
N ASP D 202 -22.60 -20.78 -35.63
CA ASP D 202 -21.45 -21.69 -35.81
C ASP D 202 -20.14 -20.91 -35.62
N VAL D 203 -20.15 -19.61 -35.33
CA VAL D 203 -18.92 -18.79 -35.13
C VAL D 203 -18.90 -18.28 -33.69
N ILE D 204 -18.00 -18.80 -32.86
CA ILE D 204 -17.84 -18.37 -31.45
C ILE D 204 -16.99 -17.09 -31.41
N HIS D 205 -17.49 -16.07 -30.72
CA HIS D 205 -16.83 -14.76 -30.53
C HIS D 205 -16.68 -14.49 -29.05
N VAL D 206 -15.70 -13.64 -28.73
CA VAL D 206 -15.46 -12.99 -27.43
C VAL D 206 -15.29 -11.48 -27.71
N ASN D 207 -16.09 -10.67 -27.06
CA ASN D 207 -16.12 -9.19 -27.20
C ASN D 207 -16.33 -8.81 -28.69
N GLY D 208 -17.22 -9.50 -29.41
CA GLY D 208 -17.51 -9.20 -30.83
C GLY D 208 -16.46 -9.70 -31.82
N GLN D 209 -15.40 -10.39 -31.35
CA GLN D 209 -14.27 -10.91 -32.16
C GLN D 209 -14.27 -12.44 -32.22
N PRO D 210 -14.46 -13.07 -33.40
CA PRO D 210 -14.36 -14.53 -33.54
C PRO D 210 -12.99 -15.10 -33.12
N TRP D 211 -13.02 -16.19 -32.35
CA TRP D 211 -11.86 -17.05 -31.98
C TRP D 211 -10.60 -16.21 -31.81
N PRO D 212 -10.56 -15.32 -30.81
CA PRO D 212 -9.37 -14.50 -30.58
C PRO D 212 -8.30 -15.22 -29.78
N PHE D 213 -7.21 -14.49 -29.54
CA PHE D 213 -6.09 -14.92 -28.65
C PHE D 213 -5.75 -13.74 -27.74
N LYS D 214 -5.16 -14.02 -26.59
CA LYS D 214 -4.55 -12.98 -25.73
C LYS D 214 -3.23 -13.49 -25.17
N ASN D 215 -2.23 -12.64 -25.22
CA ASN D 215 -0.96 -12.82 -24.49
C ASN D 215 -1.24 -12.57 -23.01
N VAL D 216 -0.97 -13.56 -22.16
CA VAL D 216 -1.20 -13.42 -20.69
C VAL D 216 0.11 -13.72 -19.95
N GLU D 217 0.28 -13.15 -18.75
CA GLU D 217 1.44 -13.43 -17.87
C GLU D 217 1.08 -14.68 -17.07
N PRO D 218 2.09 -15.42 -16.56
CA PRO D 218 1.84 -16.59 -15.73
C PRO D 218 1.40 -16.21 -14.31
N ARG D 219 0.18 -15.68 -14.19
CA ARG D 219 -0.37 -15.13 -12.92
C ARG D 219 -1.91 -15.22 -12.94
N LYS D 220 -2.58 -14.74 -11.89
CA LYS D 220 -4.04 -14.90 -11.75
C LYS D 220 -4.74 -13.76 -12.49
N TYR D 221 -5.74 -14.10 -13.32
CA TYR D 221 -6.62 -13.17 -14.06
C TYR D 221 -8.07 -13.33 -13.55
N ARG D 222 -8.79 -12.22 -13.47
CA ARG D 222 -10.24 -12.23 -13.23
C ARG D 222 -10.95 -12.11 -14.59
N PHE D 223 -11.74 -13.14 -14.92
CA PHE D 223 -12.52 -13.27 -16.16
C PHE D 223 -14.01 -13.13 -15.84
N ARG D 224 -14.64 -12.13 -16.47
CA ARG D 224 -16.09 -11.88 -16.34
C ARG D 224 -16.81 -12.49 -17.55
N PHE D 225 -17.29 -13.73 -17.42
CA PHE D 225 -18.04 -14.40 -18.50
C PHE D 225 -19.48 -13.90 -18.53
N LEU D 226 -19.97 -13.54 -19.71
CA LEU D 226 -21.40 -13.27 -19.97
C LEU D 226 -21.81 -14.03 -21.24
N ASP D 227 -22.79 -14.93 -21.14
CA ASP D 227 -23.35 -15.54 -22.36
C ASP D 227 -24.36 -14.52 -22.94
N ALA D 228 -23.93 -13.75 -23.93
CA ALA D 228 -24.77 -12.75 -24.63
C ALA D 228 -25.29 -13.35 -25.94
N ALA D 229 -25.14 -14.66 -26.11
CA ALA D 229 -25.59 -15.38 -27.32
C ALA D 229 -27.12 -15.27 -27.48
N VAL D 230 -27.58 -15.38 -28.72
CA VAL D 230 -29.03 -15.48 -29.00
C VAL D 230 -29.59 -16.79 -28.42
N SER D 231 -28.95 -17.94 -28.72
CA SER D 231 -29.48 -19.28 -28.34
C SER D 231 -28.40 -20.22 -27.75
N ARG D 232 -27.09 -19.90 -27.82
CA ARG D 232 -26.06 -20.92 -27.47
C ARG D 232 -25.76 -20.89 -25.97
N SER D 233 -26.04 -22.01 -25.31
CA SER D 233 -25.54 -22.37 -23.96
C SER D 233 -24.15 -23.01 -24.11
N PHE D 234 -23.27 -22.84 -23.11
CA PHE D 234 -21.83 -23.26 -23.12
C PHE D 234 -21.52 -24.21 -21.97
N GLY D 235 -20.50 -25.07 -22.18
CA GLY D 235 -19.81 -25.85 -21.13
C GLY D 235 -18.32 -25.50 -21.09
N LEU D 236 -17.93 -24.42 -20.42
CA LEU D 236 -16.59 -23.84 -20.67
C LEU D 236 -15.57 -24.65 -19.86
N TYR D 237 -14.44 -25.02 -20.44
CA TYR D 237 -13.27 -25.58 -19.70
C TYR D 237 -12.01 -25.00 -20.33
N PHE D 238 -10.89 -25.15 -19.62
CA PHE D 238 -9.56 -24.65 -20.04
C PHE D 238 -8.66 -25.88 -20.22
N ALA D 239 -7.94 -25.96 -21.33
CA ALA D 239 -6.96 -27.05 -21.57
C ALA D 239 -5.70 -26.47 -22.24
N ASP D 240 -4.54 -26.92 -21.77
CA ASP D 240 -3.26 -26.82 -22.47
C ASP D 240 -3.45 -27.44 -23.87
N THR D 241 -2.96 -26.78 -24.93
CA THR D 241 -3.03 -27.31 -26.32
C THR D 241 -2.20 -28.62 -26.45
N ASP D 242 -1.28 -28.89 -25.51
CA ASP D 242 -0.55 -30.18 -25.38
C ASP D 242 -1.47 -31.28 -24.84
N ALA D 243 -2.62 -30.93 -24.28
CA ALA D 243 -3.56 -31.93 -23.73
C ALA D 243 -5.01 -31.38 -23.78
N ILE D 244 -5.59 -31.24 -24.98
CA ILE D 244 -6.83 -30.45 -25.22
C ILE D 244 -8.06 -31.08 -24.56
N ASP D 245 -7.94 -32.30 -23.98
CA ASP D 245 -9.09 -32.96 -23.31
C ASP D 245 -8.91 -32.92 -21.78
N THR D 246 -7.79 -32.41 -21.24
CA THR D 246 -7.49 -32.41 -19.77
C THR D 246 -7.89 -31.05 -19.16
N ARG D 247 -9.00 -31.01 -18.44
CA ARG D 247 -9.61 -29.77 -17.89
C ARG D 247 -8.71 -29.22 -16.80
N LEU D 248 -8.36 -27.93 -16.87
CA LEU D 248 -7.52 -27.24 -15.87
C LEU D 248 -8.44 -26.59 -14.85
N PRO D 249 -8.16 -26.76 -13.55
CA PRO D 249 -9.03 -26.25 -12.50
C PRO D 249 -8.99 -24.73 -12.46
N PHE D 250 -10.09 -24.11 -11.99
CA PHE D 250 -10.15 -22.67 -11.72
C PHE D 250 -11.15 -22.42 -10.59
N LYS D 251 -11.38 -21.16 -10.30
CA LYS D 251 -12.36 -20.74 -9.26
C LYS D 251 -13.44 -19.84 -9.86
N VAL D 252 -14.68 -20.13 -9.52
CA VAL D 252 -15.83 -19.21 -9.77
C VAL D 252 -16.04 -18.41 -8.49
N ILE D 253 -15.92 -17.08 -8.58
CA ILE D 253 -15.92 -16.17 -7.40
C ILE D 253 -17.21 -15.36 -7.35
N ALA D 254 -18.01 -15.34 -8.42
CA ALA D 254 -19.23 -14.51 -8.53
C ALA D 254 -20.20 -15.12 -9.52
N SER D 255 -21.47 -14.77 -9.33
CA SER D 255 -22.64 -15.13 -10.19
C SER D 255 -23.38 -13.84 -10.55
N ASP D 256 -24.55 -13.95 -11.14
CA ASP D 256 -25.29 -12.83 -11.74
C ASP D 256 -25.30 -11.63 -10.79
N SER D 257 -25.59 -11.90 -9.53
CA SER D 257 -26.00 -10.88 -8.53
C SER D 257 -24.80 -10.42 -7.70
N GLY D 258 -23.63 -11.08 -7.83
CA GLY D 258 -22.35 -10.72 -7.15
C GLY D 258 -21.56 -11.90 -6.61
N LEU D 259 -20.64 -11.63 -5.69
CA LEU D 259 -19.70 -12.64 -5.12
C LEU D 259 -20.50 -13.79 -4.50
N LEU D 260 -19.94 -14.99 -4.58
CA LEU D 260 -20.41 -16.14 -3.78
C LEU D 260 -19.87 -15.93 -2.35
N GLU D 261 -20.34 -16.74 -1.41
CA GLU D 261 -19.86 -16.75 0.00
C GLU D 261 -18.38 -17.19 -0.06
N HIS D 262 -18.11 -18.23 -0.85
CA HIS D 262 -16.77 -18.85 -1.05
C HIS D 262 -16.53 -19.11 -2.55
N PRO D 263 -15.25 -19.04 -3.00
CA PRO D 263 -14.88 -19.48 -4.35
C PRO D 263 -15.31 -20.94 -4.57
N ALA D 264 -15.89 -21.24 -5.70
CA ALA D 264 -16.22 -22.63 -6.04
C ALA D 264 -15.13 -23.14 -6.99
N ASP D 265 -14.44 -24.23 -6.61
CA ASP D 265 -13.36 -24.87 -7.37
C ASP D 265 -14.05 -25.73 -8.43
N THR D 266 -13.74 -25.47 -9.70
CA THR D 266 -14.44 -26.03 -10.87
C THR D 266 -13.43 -26.26 -11.98
N SER D 267 -13.72 -27.27 -12.82
CA SER D 267 -13.02 -27.53 -14.10
C SER D 267 -13.99 -27.41 -15.28
N LEU D 268 -15.31 -27.35 -15.04
CA LEU D 268 -16.30 -27.16 -16.13
C LEU D 268 -17.35 -26.13 -15.69
N LEU D 269 -17.49 -25.03 -16.44
CA LEU D 269 -18.53 -24.01 -16.12
C LEU D 269 -19.67 -24.03 -17.15
N TYR D 270 -20.82 -24.59 -16.75
CA TYR D 270 -22.11 -24.43 -17.49
C TYR D 270 -22.52 -22.96 -17.41
N ILE D 271 -22.79 -22.31 -18.54
CA ILE D 271 -23.17 -20.87 -18.60
C ILE D 271 -24.10 -20.69 -19.81
N SER D 272 -25.36 -20.35 -19.52
CA SER D 272 -26.47 -20.22 -20.49
C SER D 272 -26.83 -18.76 -20.70
N MET D 273 -27.71 -18.47 -21.65
CA MET D 273 -27.97 -17.07 -22.11
C MET D 273 -28.26 -16.12 -20.93
N ALA D 274 -27.58 -14.98 -20.90
CA ALA D 274 -27.81 -13.92 -19.90
C ALA D 274 -27.09 -14.25 -18.58
N GLU D 275 -26.62 -15.46 -18.35
CA GLU D 275 -25.87 -15.74 -17.09
C GLU D 275 -24.49 -15.07 -17.13
N ARG D 276 -24.06 -14.55 -15.98
CA ARG D 276 -22.70 -13.96 -15.74
C ARG D 276 -22.03 -14.80 -14.65
N TYR D 277 -20.82 -15.27 -14.91
CA TYR D 277 -19.93 -15.92 -13.90
C TYR D 277 -18.54 -15.29 -14.02
N GLU D 278 -18.08 -14.72 -12.90
CA GLU D 278 -16.68 -14.25 -12.74
C GLU D 278 -15.89 -15.49 -12.31
N VAL D 279 -14.77 -15.70 -12.99
CA VAL D 279 -13.79 -16.80 -12.77
C VAL D 279 -12.43 -16.15 -12.47
N VAL D 280 -11.64 -16.75 -11.59
CA VAL D 280 -10.17 -16.52 -11.49
C VAL D 280 -9.48 -17.79 -12.01
N PHE D 281 -8.73 -17.64 -13.11
CA PHE D 281 -7.77 -18.63 -13.67
C PHE D 281 -6.35 -18.23 -13.29
N ASP D 282 -5.58 -19.20 -12.78
CA ASP D 282 -4.13 -19.02 -12.45
C ASP D 282 -3.26 -19.64 -13.58
N PHE D 283 -2.60 -18.77 -14.32
CA PHE D 283 -1.76 -19.15 -15.49
C PHE D 283 -0.34 -19.58 -15.04
N SER D 284 0.00 -19.42 -13.75
CA SER D 284 1.39 -19.59 -13.23
C SER D 284 1.94 -20.99 -13.49
N ASP D 285 1.14 -22.06 -13.47
CA ASP D 285 1.63 -23.45 -13.78
C ASP D 285 1.73 -23.69 -15.30
N TYR D 286 1.51 -22.68 -16.16
CA TYR D 286 1.43 -22.93 -17.63
C TYR D 286 2.28 -21.91 -18.38
N ALA D 287 3.29 -21.36 -17.70
CA ALA D 287 4.35 -20.53 -18.31
C ALA D 287 4.87 -21.20 -19.60
N GLY D 288 4.93 -20.44 -20.69
CA GLY D 288 5.38 -20.89 -22.01
C GLY D 288 4.37 -21.81 -22.68
N LYS D 289 3.21 -22.05 -22.08
CA LYS D 289 2.18 -22.90 -22.71
C LYS D 289 1.11 -22.03 -23.40
N THR D 290 0.25 -22.65 -24.21
CA THR D 290 -0.98 -22.03 -24.79
C THR D 290 -2.20 -22.75 -24.21
N ILE D 291 -3.03 -22.01 -23.48
CA ILE D 291 -4.29 -22.51 -22.88
C ILE D 291 -5.44 -22.12 -23.84
N GLU D 292 -6.19 -23.12 -24.31
CA GLU D 292 -7.41 -22.92 -25.15
C GLU D 292 -8.66 -22.95 -24.26
N LEU D 293 -9.40 -21.85 -24.21
CA LEU D 293 -10.76 -21.83 -23.62
C LEU D 293 -11.61 -22.59 -24.62
N ARG D 294 -12.23 -23.68 -24.17
CA ARG D 294 -12.99 -24.59 -25.06
C ARG D 294 -14.40 -24.80 -24.53
N ASN D 295 -15.20 -25.50 -25.33
CA ASN D 295 -16.65 -25.62 -25.17
C ASN D 295 -17.02 -27.08 -25.42
N LEU D 296 -17.64 -27.66 -24.41
CA LEU D 296 -18.09 -29.06 -24.36
C LEU D 296 -19.04 -29.27 -25.54
N GLY D 297 -18.92 -30.39 -26.23
CA GLY D 297 -19.81 -30.83 -27.34
C GLY D 297 -20.87 -31.79 -26.84
N GLY D 298 -21.53 -32.53 -27.72
CA GLY D 298 -22.70 -33.34 -27.33
C GLY D 298 -23.78 -32.49 -26.66
N SER D 299 -24.02 -31.29 -27.23
CA SER D 299 -25.01 -30.31 -26.75
C SER D 299 -24.76 -30.07 -25.25
N ILE D 300 -23.62 -29.45 -24.93
CA ILE D 300 -23.14 -29.18 -23.54
C ILE D 300 -23.28 -30.44 -22.67
N GLY D 301 -22.71 -31.55 -23.15
CA GLY D 301 -22.66 -32.83 -22.43
C GLY D 301 -24.04 -33.40 -22.15
N GLY D 302 -24.99 -33.28 -23.09
CA GLY D 302 -26.39 -33.75 -22.95
C GLY D 302 -27.24 -32.95 -21.96
N ILE D 303 -26.73 -31.85 -21.38
CA ILE D 303 -27.56 -30.90 -20.59
C ILE D 303 -28.40 -30.10 -21.58
N GLY D 304 -27.86 -29.79 -22.78
CA GLY D 304 -28.55 -28.95 -23.79
C GLY D 304 -29.13 -29.73 -24.97
N THR D 305 -29.54 -28.98 -26.00
CA THR D 305 -30.04 -29.49 -27.32
C THR D 305 -29.25 -28.82 -28.45
N ASP D 306 -28.23 -28.00 -28.10
CA ASP D 306 -27.55 -27.11 -29.06
C ASP D 306 -26.91 -27.96 -30.15
N THR D 307 -26.93 -27.49 -31.39
CA THR D 307 -26.15 -28.06 -32.53
C THR D 307 -24.70 -27.65 -32.37
N ASP D 308 -23.82 -28.62 -32.61
CA ASP D 308 -22.35 -28.50 -32.50
C ASP D 308 -21.83 -28.47 -33.94
N TYR D 309 -20.95 -27.52 -34.25
CA TYR D 309 -20.33 -27.31 -35.58
C TYR D 309 -18.83 -27.55 -35.39
N ASP D 310 -18.08 -27.64 -36.48
CA ASP D 310 -16.66 -28.07 -36.49
C ASP D 310 -15.85 -27.29 -35.43
N ASN D 311 -16.09 -25.99 -35.25
CA ASN D 311 -15.25 -25.13 -34.36
C ASN D 311 -16.03 -24.47 -33.22
N THR D 312 -17.21 -24.98 -32.83
CA THR D 312 -17.91 -24.43 -31.64
C THR D 312 -17.34 -25.04 -30.35
N ASP D 313 -16.42 -26.01 -30.41
CA ASP D 313 -15.65 -26.49 -29.21
C ASP D 313 -14.52 -25.50 -28.86
N LYS D 314 -14.31 -24.47 -29.67
CA LYS D 314 -13.19 -23.51 -29.46
C LYS D 314 -13.76 -22.13 -29.10
N VAL D 315 -13.22 -21.46 -28.09
CA VAL D 315 -13.68 -20.08 -27.78
C VAL D 315 -12.54 -19.10 -28.07
N MET D 316 -11.39 -19.28 -27.43
CA MET D 316 -10.20 -18.45 -27.64
C MET D 316 -8.97 -19.19 -27.08
N ARG D 317 -7.80 -18.64 -27.38
CA ARG D 317 -6.47 -19.13 -26.93
C ARG D 317 -5.78 -18.05 -26.11
N PHE D 318 -5.15 -18.46 -25.04
CA PHE D 318 -4.35 -17.62 -24.11
C PHE D 318 -2.89 -18.07 -24.24
N VAL D 319 -1.97 -17.18 -24.60
CA VAL D 319 -0.54 -17.51 -24.84
C VAL D 319 0.22 -17.02 -23.61
N VAL D 320 0.84 -17.94 -22.87
CA VAL D 320 1.39 -17.65 -21.52
C VAL D 320 2.89 -17.36 -21.62
N ALA D 321 3.29 -16.18 -21.17
CA ALA D 321 4.66 -15.69 -21.24
C ALA D 321 5.55 -16.72 -20.52
N ASP D 322 6.86 -16.71 -20.85
CA ASP D 322 7.88 -17.70 -20.40
C ASP D 322 8.05 -17.57 -18.89
N ASP D 323 7.97 -16.36 -18.37
CA ASP D 323 8.43 -16.09 -16.97
C ASP D 323 7.57 -15.02 -16.31
N THR D 324 7.47 -15.06 -14.98
CA THR D 324 6.81 -13.96 -14.23
C THR D 324 7.81 -12.82 -14.26
N THR D 325 7.30 -11.59 -14.24
CA THR D 325 8.09 -10.34 -14.22
C THR D 325 7.75 -9.57 -12.93
N GLN D 326 6.79 -8.65 -13.01
CA GLN D 326 6.24 -7.90 -11.85
C GLN D 326 5.41 -8.91 -11.05
N PRO D 327 5.68 -9.11 -9.75
CA PRO D 327 5.04 -10.19 -8.99
C PRO D 327 3.53 -9.96 -8.86
N ASP D 328 2.78 -11.06 -8.96
CA ASP D 328 1.33 -11.15 -8.67
C ASP D 328 1.16 -10.96 -7.15
N THR D 329 0.59 -9.82 -6.72
CA THR D 329 0.25 -9.54 -5.28
C THR D 329 -1.22 -9.86 -4.98
N SER D 330 -1.97 -10.28 -6.00
CA SER D 330 -3.42 -10.60 -5.94
C SER D 330 -3.61 -11.92 -5.20
N VAL D 331 -4.80 -12.08 -4.61
CA VAL D 331 -5.26 -13.24 -3.81
C VAL D 331 -6.72 -13.55 -4.17
N VAL D 332 -7.17 -14.77 -3.88
CA VAL D 332 -8.59 -15.20 -3.99
C VAL D 332 -8.99 -15.68 -2.60
N PRO D 333 -9.51 -14.78 -1.75
CA PRO D 333 -9.78 -15.14 -0.36
C PRO D 333 -10.80 -16.27 -0.33
N ALA D 334 -10.65 -17.19 0.63
CA ALA D 334 -11.59 -18.31 0.93
C ALA D 334 -12.98 -17.79 1.36
N ASN D 335 -13.07 -16.58 1.93
CA ASN D 335 -14.34 -15.90 2.33
C ASN D 335 -14.52 -14.58 1.55
N LEU D 336 -15.51 -14.54 0.67
CA LEU D 336 -15.70 -13.41 -0.28
C LEU D 336 -16.71 -12.42 0.33
N ARG D 337 -17.90 -12.87 0.72
CA ARG D 337 -18.85 -11.96 1.41
C ARG D 337 -19.86 -12.81 2.17
N ASP D 338 -20.63 -12.17 3.04
CA ASP D 338 -21.93 -12.68 3.56
C ASP D 338 -22.99 -12.38 2.48
N VAL D 339 -23.48 -13.43 1.84
CA VAL D 339 -24.48 -13.29 0.76
C VAL D 339 -25.82 -12.97 1.42
N PRO D 340 -26.53 -11.91 0.97
CA PRO D 340 -27.84 -11.54 1.54
C PRO D 340 -28.99 -12.41 1.04
N PHE D 341 -28.94 -13.70 1.32
CA PHE D 341 -30.01 -14.65 0.96
C PHE D 341 -31.35 -14.11 1.42
N PRO D 342 -32.43 -14.50 0.70
CA PRO D 342 -33.79 -14.19 1.12
C PRO D 342 -34.09 -15.06 2.35
N SER D 343 -34.98 -14.55 3.20
CA SER D 343 -35.53 -15.30 4.35
C SER D 343 -36.18 -16.56 3.83
N PRO D 344 -35.79 -17.78 4.25
CA PRO D 344 -36.50 -18.98 3.81
C PRO D 344 -38.03 -18.92 4.02
N THR D 345 -38.77 -19.51 3.08
CA THR D 345 -40.25 -19.57 3.11
C THR D 345 -40.69 -21.01 2.98
N THR D 346 -41.81 -21.33 3.64
CA THR D 346 -42.40 -22.68 3.64
C THR D 346 -43.62 -22.68 2.71
N ASN D 347 -44.04 -21.51 2.22
CA ASN D 347 -45.17 -21.33 1.26
C ASN D 347 -44.99 -22.18 0.00
N THR D 348 -46.01 -22.95 -0.35
CA THR D 348 -46.12 -23.70 -1.62
C THR D 348 -45.55 -22.87 -2.77
N PRO D 349 -44.61 -23.43 -3.56
CA PRO D 349 -44.11 -22.74 -4.75
C PRO D 349 -45.16 -22.57 -5.86
N ARG D 350 -45.14 -21.39 -6.52
CA ARG D 350 -45.88 -21.14 -7.77
C ARG D 350 -45.22 -21.98 -8.86
N GLN D 351 -46.00 -22.45 -9.82
CA GLN D 351 -45.46 -23.30 -10.92
C GLN D 351 -45.62 -22.59 -12.25
N PHE D 352 -44.51 -22.53 -13.00
CA PHE D 352 -44.46 -22.01 -14.39
C PHE D 352 -43.88 -23.11 -15.28
N ARG D 353 -44.55 -23.35 -16.40
CA ARG D 353 -44.28 -24.43 -17.38
C ARG D 353 -43.81 -23.77 -18.66
N PHE D 354 -42.55 -24.00 -18.99
CA PHE D 354 -41.88 -23.44 -20.18
C PHE D 354 -42.02 -24.51 -21.25
N GLY D 355 -42.89 -24.29 -22.23
CA GLY D 355 -43.22 -25.25 -23.29
C GLY D 355 -43.74 -24.55 -24.53
N ARG D 356 -44.55 -25.28 -25.29
CA ARG D 356 -45.12 -24.88 -26.60
C ARG D 356 -46.64 -24.95 -26.61
N THR D 357 -47.24 -24.07 -27.41
CA THR D 357 -48.70 -24.00 -27.64
C THR D 357 -48.91 -23.73 -29.14
N GLY D 358 -49.09 -24.80 -29.92
CA GLY D 358 -48.92 -24.76 -31.37
C GLY D 358 -47.46 -24.45 -31.71
N PRO D 359 -47.19 -23.40 -32.52
CA PRO D 359 -45.82 -23.10 -32.95
C PRO D 359 -45.11 -22.06 -32.05
N THR D 360 -45.65 -21.83 -30.86
CA THR D 360 -45.34 -20.64 -30.03
C THR D 360 -44.85 -21.13 -28.66
N TRP D 361 -43.72 -20.57 -28.26
CA TRP D 361 -43.05 -20.81 -26.95
C TRP D 361 -43.84 -20.06 -25.87
N THR D 362 -44.27 -20.73 -24.81
CA THR D 362 -45.25 -20.19 -23.84
C THR D 362 -44.77 -20.41 -22.39
N ILE D 363 -45.24 -19.56 -21.47
CA ILE D 363 -45.16 -19.80 -20.01
C ILE D 363 -46.56 -20.15 -19.53
N ASN D 364 -46.82 -21.38 -19.08
CA ASN D 364 -48.17 -21.85 -18.67
C ASN D 364 -49.19 -21.55 -19.77
N GLY D 365 -48.86 -21.83 -21.04
CA GLY D 365 -49.83 -21.83 -22.15
C GLY D 365 -50.02 -20.45 -22.77
N VAL D 366 -49.38 -19.42 -22.20
CA VAL D 366 -49.59 -17.98 -22.52
C VAL D 366 -48.37 -17.40 -23.28
N ALA D 367 -48.64 -16.60 -24.29
CA ALA D 367 -47.67 -15.75 -25.01
C ALA D 367 -47.69 -14.36 -24.39
N PHE D 368 -46.55 -13.75 -24.19
CA PHE D 368 -46.47 -12.35 -23.69
C PHE D 368 -47.49 -11.46 -24.43
N ALA D 369 -47.67 -11.68 -25.73
CA ALA D 369 -48.56 -10.87 -26.61
C ALA D 369 -50.02 -10.99 -26.14
N ASP D 370 -50.39 -12.05 -25.42
CA ASP D 370 -51.74 -12.23 -24.83
C ASP D 370 -51.76 -11.38 -23.55
N VAL D 371 -51.96 -10.08 -23.73
CA VAL D 371 -52.04 -9.03 -22.66
C VAL D 371 -53.00 -9.43 -21.54
N GLN D 372 -54.24 -9.81 -21.90
CA GLN D 372 -55.34 -10.21 -20.97
C GLN D 372 -54.91 -11.40 -20.09
N ASN D 373 -53.93 -12.21 -20.53
CA ASN D 373 -53.55 -13.44 -19.75
C ASN D 373 -52.11 -13.41 -19.23
N ARG D 374 -51.24 -12.52 -19.74
CA ARG D 374 -49.77 -12.61 -19.50
C ARG D 374 -49.43 -12.24 -18.06
N LEU D 375 -50.30 -11.55 -17.32
CA LEU D 375 -50.00 -11.23 -15.90
C LEU D 375 -50.20 -12.50 -15.06
N LEU D 376 -49.13 -13.22 -14.72
CA LEU D 376 -49.22 -14.60 -14.17
C LEU D 376 -49.03 -14.63 -12.65
N ALA D 377 -48.58 -13.53 -12.02
CA ALA D 377 -48.42 -13.48 -10.54
C ALA D 377 -48.52 -12.05 -10.01
N ASN D 378 -49.23 -11.91 -8.89
CA ASN D 378 -49.32 -10.67 -8.08
C ASN D 378 -48.64 -10.97 -6.77
N VAL D 379 -47.61 -10.19 -6.44
CA VAL D 379 -46.66 -10.50 -5.35
C VAL D 379 -46.57 -9.26 -4.48
N PRO D 380 -47.08 -9.30 -3.23
CA PRO D 380 -46.99 -8.12 -2.38
C PRO D 380 -45.51 -7.75 -2.19
N VAL D 381 -45.16 -6.49 -2.37
CA VAL D 381 -43.77 -6.01 -2.11
C VAL D 381 -43.41 -6.43 -0.68
N GLY D 382 -42.20 -6.99 -0.50
CA GLY D 382 -41.68 -7.56 0.75
C GLY D 382 -41.92 -9.06 0.86
N THR D 383 -42.81 -9.68 0.08
CA THR D 383 -43.06 -11.15 0.18
C THR D 383 -41.82 -11.94 -0.31
N VAL D 384 -41.50 -13.06 0.32
CA VAL D 384 -40.55 -14.05 -0.26
C VAL D 384 -41.40 -15.17 -0.87
N GLU D 385 -41.13 -15.53 -2.11
CA GLU D 385 -41.84 -16.62 -2.82
C GLU D 385 -40.83 -17.60 -3.43
N ARG D 386 -41.17 -18.88 -3.42
CA ARG D 386 -40.51 -19.90 -4.26
C ARG D 386 -41.32 -20.11 -5.53
N TRP D 387 -40.64 -20.11 -6.68
CA TRP D 387 -41.23 -20.40 -8.01
C TRP D 387 -40.63 -21.72 -8.47
N GLU D 388 -41.49 -22.65 -8.86
CA GLU D 388 -41.08 -23.90 -9.50
C GLU D 388 -41.10 -23.61 -11.00
N LEU D 389 -39.94 -23.68 -11.64
CA LEU D 389 -39.75 -23.39 -13.09
C LEU D 389 -39.49 -24.73 -13.78
N ILE D 390 -40.39 -25.15 -14.67
CA ILE D 390 -40.54 -26.56 -15.17
C ILE D 390 -40.25 -26.61 -16.67
N ASN D 391 -39.24 -27.39 -17.07
CA ASN D 391 -39.04 -27.83 -18.47
C ASN D 391 -39.38 -29.31 -18.54
N ALA D 392 -40.57 -29.63 -19.09
CA ALA D 392 -41.04 -31.02 -19.30
C ALA D 392 -40.41 -31.55 -20.59
N GLY D 393 -39.82 -30.65 -21.38
CA GLY D 393 -39.27 -30.92 -22.72
C GLY D 393 -37.89 -31.54 -22.71
N ASN D 394 -37.66 -32.43 -23.69
CA ASN D 394 -36.32 -32.93 -24.08
C ASN D 394 -35.82 -32.17 -25.30
N GLY D 395 -36.70 -31.44 -26.01
CA GLY D 395 -36.43 -30.85 -27.35
C GLY D 395 -35.94 -29.42 -27.21
N TRP D 396 -35.96 -28.89 -25.98
CA TRP D 396 -35.57 -27.49 -25.71
C TRP D 396 -35.02 -27.36 -24.28
N THR D 397 -34.19 -26.34 -24.06
CA THR D 397 -33.76 -25.85 -22.74
C THR D 397 -34.01 -24.34 -22.66
N HIS D 398 -34.16 -23.85 -21.44
CA HIS D 398 -34.70 -22.52 -21.15
C HIS D 398 -34.00 -21.94 -19.92
N PRO D 399 -33.08 -20.98 -20.13
CA PRO D 399 -32.57 -20.17 -19.03
C PRO D 399 -33.60 -19.05 -18.71
N ILE D 400 -34.18 -19.15 -17.52
CA ILE D 400 -35.30 -18.29 -17.06
C ILE D 400 -34.74 -17.11 -16.26
N HIS D 401 -35.14 -15.94 -16.70
CA HIS D 401 -34.74 -14.66 -16.08
C HIS D 401 -36.00 -14.04 -15.43
N ILE D 402 -35.90 -13.64 -14.18
CA ILE D 402 -36.94 -12.84 -13.49
C ILE D 402 -36.35 -11.46 -13.24
N HIS D 403 -36.93 -10.43 -13.83
CA HIS D 403 -36.53 -9.02 -13.57
C HIS D 403 -36.72 -8.64 -12.10
N LEU D 404 -36.18 -7.45 -11.74
CA LEU D 404 -36.26 -6.81 -10.39
C LEU D 404 -35.43 -7.57 -9.34
N VAL D 405 -35.68 -8.86 -9.17
CA VAL D 405 -35.19 -9.61 -7.97
C VAL D 405 -33.77 -10.17 -8.16
N ASP D 406 -33.15 -10.55 -7.04
CA ASP D 406 -32.11 -11.60 -6.95
C ASP D 406 -32.81 -12.82 -6.33
N PHE D 407 -32.39 -14.03 -6.70
CA PHE D 407 -32.99 -15.30 -6.19
C PHE D 407 -31.90 -16.29 -5.80
N LYS D 408 -32.23 -17.15 -4.84
CA LYS D 408 -31.43 -18.34 -4.51
C LYS D 408 -31.96 -19.56 -5.29
N VAL D 409 -31.06 -20.38 -5.85
CA VAL D 409 -31.41 -21.68 -6.48
C VAL D 409 -31.49 -22.68 -5.35
N ILE D 410 -32.69 -23.22 -5.12
CA ILE D 410 -33.02 -24.13 -3.98
C ILE D 410 -32.80 -25.59 -4.41
N SER D 411 -33.32 -25.97 -5.57
CA SER D 411 -33.34 -27.36 -6.09
C SER D 411 -33.29 -27.38 -7.63
N ARG D 412 -32.69 -28.45 -8.17
CA ARG D 412 -32.83 -28.86 -9.59
C ARG D 412 -33.01 -30.39 -9.57
N THR D 413 -34.00 -30.85 -10.35
CA THR D 413 -34.26 -32.26 -10.77
C THR D 413 -34.09 -32.34 -12.29
N SER D 414 -33.54 -33.45 -12.77
CA SER D 414 -33.37 -33.72 -14.22
C SER D 414 -34.10 -35.02 -14.50
N GLY D 415 -35.00 -34.98 -15.50
CA GLY D 415 -35.69 -36.16 -16.06
C GLY D 415 -34.74 -37.06 -16.84
N ASN D 416 -33.48 -36.62 -17.05
CA ASN D 416 -32.38 -37.47 -17.58
C ASN D 416 -31.33 -37.71 -16.50
N ASN D 417 -31.64 -37.44 -15.23
CA ASN D 417 -30.73 -37.84 -14.12
C ASN D 417 -29.31 -37.34 -14.40
N ALA D 418 -29.19 -36.10 -14.89
CA ALA D 418 -27.96 -35.51 -15.47
C ALA D 418 -27.18 -34.71 -14.43
N ARG D 419 -27.88 -34.04 -13.51
CA ARG D 419 -27.24 -33.06 -12.62
C ARG D 419 -28.25 -32.52 -11.62
N THR D 420 -27.77 -31.91 -10.54
CA THR D 420 -28.62 -31.16 -9.58
C THR D 420 -28.13 -29.71 -9.56
N VAL D 421 -28.09 -29.06 -8.40
CA VAL D 421 -27.52 -27.70 -8.21
C VAL D 421 -25.99 -27.73 -8.36
N MET D 422 -25.45 -26.79 -9.13
CA MET D 422 -23.99 -26.69 -9.34
C MET D 422 -23.40 -25.87 -8.20
N PRO D 423 -22.10 -26.04 -7.83
CA PRO D 423 -21.48 -25.30 -6.74
C PRO D 423 -21.47 -23.78 -6.99
N TYR D 424 -21.52 -23.35 -8.26
CA TYR D 424 -21.46 -21.92 -8.66
C TYR D 424 -22.87 -21.29 -8.66
N GLU D 425 -23.90 -22.09 -8.37
CA GLU D 425 -25.31 -21.63 -8.21
C GLU D 425 -25.64 -21.46 -6.72
N SER D 426 -24.63 -21.49 -5.83
CA SER D 426 -24.75 -21.44 -4.34
C SER D 426 -25.09 -20.04 -3.83
N GLY D 427 -24.96 -19.01 -4.69
CA GLY D 427 -24.98 -17.58 -4.35
C GLY D 427 -26.33 -17.01 -4.70
N LEU D 428 -26.38 -15.79 -5.25
CA LEU D 428 -27.62 -15.21 -5.79
C LEU D 428 -27.52 -15.01 -7.32
N LYS D 429 -28.62 -15.26 -8.00
CA LYS D 429 -28.71 -15.29 -9.47
C LYS D 429 -30.02 -14.61 -9.93
N ASP D 430 -30.04 -14.10 -11.15
CA ASP D 430 -31.29 -13.59 -11.78
C ASP D 430 -31.61 -14.40 -13.03
N VAL D 431 -30.80 -15.41 -13.34
CA VAL D 431 -31.08 -16.34 -14.47
C VAL D 431 -30.73 -17.74 -13.97
N VAL D 432 -31.51 -18.73 -14.37
CA VAL D 432 -31.16 -20.14 -14.06
C VAL D 432 -31.55 -21.02 -15.26
N TRP D 433 -30.69 -21.99 -15.53
CA TRP D 433 -30.78 -22.80 -16.77
C TRP D 433 -31.65 -24.02 -16.51
N LEU D 434 -32.81 -24.08 -17.12
CA LEU D 434 -33.55 -25.35 -17.22
C LEU D 434 -32.99 -26.10 -18.44
N GLY D 435 -32.03 -26.99 -18.19
CA GLY D 435 -31.60 -28.05 -19.13
C GLY D 435 -32.72 -29.01 -19.44
N ARG D 436 -32.41 -30.04 -20.23
CA ARG D 436 -33.40 -31.02 -20.71
C ARG D 436 -34.11 -31.66 -19.50
N ARG D 437 -35.44 -31.65 -19.53
CA ARG D 437 -36.32 -32.26 -18.49
C ARG D 437 -35.89 -31.79 -17.09
N GLU D 438 -35.46 -30.54 -16.96
CA GLU D 438 -35.07 -30.02 -15.64
C GLU D 438 -36.20 -29.16 -15.07
N THR D 439 -36.52 -29.36 -13.79
CA THR D 439 -37.31 -28.43 -12.94
C THR D 439 -36.36 -27.76 -11.92
N VAL D 440 -36.40 -26.43 -11.84
CA VAL D 440 -35.57 -25.70 -10.85
C VAL D 440 -36.49 -24.91 -9.94
N VAL D 441 -36.35 -25.06 -8.63
CA VAL D 441 -37.06 -24.17 -7.67
C VAL D 441 -36.14 -22.99 -7.31
N VAL D 442 -36.65 -21.77 -7.46
CA VAL D 442 -35.95 -20.57 -6.95
C VAL D 442 -36.79 -19.95 -5.84
N GLU D 443 -36.12 -19.13 -5.02
CA GLU D 443 -36.66 -18.39 -3.86
C GLU D 443 -36.16 -16.94 -3.96
N ALA D 444 -37.06 -15.97 -3.90
CA ALA D 444 -36.67 -14.55 -4.02
C ALA D 444 -37.54 -13.66 -3.13
N HIS D 445 -36.91 -12.61 -2.60
CA HIS D 445 -37.56 -11.42 -1.98
C HIS D 445 -38.10 -10.54 -3.12
N TYR D 446 -39.42 -10.42 -3.28
CA TYR D 446 -40.00 -9.54 -4.34
C TYR D 446 -40.04 -8.14 -3.73
N ALA D 447 -38.87 -7.49 -3.73
CA ALA D 447 -38.56 -6.25 -2.98
C ALA D 447 -37.61 -5.39 -3.81
N PRO D 448 -37.41 -4.09 -3.49
CA PRO D 448 -38.23 -3.35 -2.54
C PRO D 448 -39.17 -2.36 -3.26
N PHE D 449 -39.32 -2.56 -4.56
CA PHE D 449 -39.98 -1.60 -5.45
C PHE D 449 -41.23 -2.24 -6.06
N PRO D 450 -42.40 -1.58 -5.93
CA PRO D 450 -43.59 -2.07 -6.59
C PRO D 450 -43.53 -1.70 -8.07
N GLY D 451 -44.14 -2.53 -8.92
CA GLY D 451 -44.21 -2.29 -10.37
C GLY D 451 -44.55 -3.56 -11.12
N VAL D 452 -44.88 -3.44 -12.40
CA VAL D 452 -45.07 -4.59 -13.34
C VAL D 452 -43.70 -4.86 -13.97
N TYR D 453 -43.28 -6.13 -13.97
CA TYR D 453 -41.91 -6.56 -14.31
C TYR D 453 -41.98 -7.84 -15.15
N MET D 454 -41.07 -7.99 -16.11
CA MET D 454 -41.10 -9.18 -17.01
C MET D 454 -40.42 -10.35 -16.31
N PHE D 455 -40.84 -11.57 -16.65
CA PHE D 455 -40.02 -12.80 -16.54
C PHE D 455 -40.21 -13.60 -17.82
N HIS D 456 -39.17 -14.34 -18.19
CA HIS D 456 -39.01 -15.01 -19.50
C HIS D 456 -37.76 -15.89 -19.53
N CYS D 457 -37.78 -16.73 -20.55
CA CYS D 457 -36.64 -17.47 -21.11
C CYS D 457 -35.78 -16.46 -21.83
N HIS D 458 -34.46 -16.70 -21.85
CA HIS D 458 -33.48 -15.72 -22.38
C HIS D 458 -32.82 -16.31 -23.62
N ASN D 459 -33.24 -17.47 -24.11
CA ASN D 459 -33.05 -17.85 -25.54
C ASN D 459 -33.88 -16.84 -26.34
N LEU D 460 -33.22 -15.90 -26.99
CA LEU D 460 -33.92 -14.68 -27.46
C LEU D 460 -34.94 -15.02 -28.54
N ILE D 461 -34.82 -16.18 -29.21
CA ILE D 461 -35.80 -16.65 -30.24
C ILE D 461 -37.08 -17.09 -29.50
N HIS D 462 -36.92 -17.81 -28.41
CA HIS D 462 -38.06 -18.27 -27.57
C HIS D 462 -38.79 -17.01 -27.04
N GLU D 463 -38.04 -16.09 -26.44
CA GLU D 463 -38.51 -14.82 -25.85
C GLU D 463 -39.34 -13.98 -26.86
N ASP D 464 -38.93 -13.89 -28.12
CA ASP D 464 -39.65 -13.14 -29.17
C ASP D 464 -40.95 -13.85 -29.59
N HIS D 465 -41.03 -15.17 -29.55
CA HIS D 465 -42.21 -15.92 -30.03
C HIS D 465 -42.54 -17.13 -29.16
N ASP D 466 -42.93 -16.93 -27.89
CA ASP D 466 -43.09 -15.64 -27.23
C ASP D 466 -43.09 -15.90 -25.71
N MET D 467 -42.10 -16.67 -25.25
CA MET D 467 -42.00 -17.26 -23.89
C MET D 467 -41.63 -16.16 -22.90
N MET D 468 -42.61 -15.33 -22.56
CA MET D 468 -42.41 -14.17 -21.66
C MET D 468 -43.78 -13.80 -21.06
N ALA D 469 -43.78 -13.55 -19.75
CA ALA D 469 -44.96 -13.18 -18.92
C ALA D 469 -44.55 -12.04 -17.99
N ALA D 470 -45.46 -11.60 -17.14
CA ALA D 470 -45.20 -10.49 -16.22
C ALA D 470 -45.69 -10.87 -14.81
N PHE D 471 -45.11 -10.20 -13.83
CA PHE D 471 -45.58 -10.22 -12.43
C PHE D 471 -45.81 -8.76 -12.00
N ASN D 472 -46.79 -8.58 -11.12
CA ASN D 472 -47.03 -7.28 -10.47
C ASN D 472 -46.52 -7.40 -9.04
N ALA D 473 -45.47 -6.66 -8.71
CA ALA D 473 -45.04 -6.50 -7.30
C ALA D 473 -45.93 -5.40 -6.70
N THR D 474 -46.90 -5.75 -5.86
CA THR D 474 -48.07 -4.90 -5.52
C THR D 474 -47.90 -4.24 -4.15
N VAL D 475 -48.62 -3.14 -3.95
CA VAL D 475 -48.76 -2.44 -2.64
C VAL D 475 -50.16 -1.87 -2.55
N LEU D 476 -50.58 -1.55 -1.33
CA LEU D 476 -51.87 -0.87 -1.07
C LEU D 476 -51.76 0.59 -1.48
N PRO D 477 -52.90 1.27 -1.78
CA PRO D 477 -52.85 2.65 -2.32
C PRO D 477 -52.23 3.71 -1.38
N ASP D 478 -52.09 3.38 -0.08
CA ASP D 478 -51.53 4.23 0.99
C ASP D 478 -50.01 4.05 1.16
N TYR D 479 -49.35 3.30 0.27
CA TYR D 479 -47.90 3.00 0.38
C TYR D 479 -47.09 4.29 0.23
N GLY D 480 -47.55 5.20 -0.63
CA GLY D 480 -46.84 6.45 -0.94
C GLY D 480 -45.65 6.20 -1.85
N TYR D 481 -44.49 6.81 -1.51
CA TYR D 481 -43.21 6.72 -2.28
C TYR D 481 -43.45 7.06 -3.77
N ASN D 482 -44.51 7.82 -4.06
CA ASN D 482 -44.95 8.16 -5.44
C ASN D 482 -45.16 6.87 -6.23
N ALA D 483 -45.66 5.81 -5.60
CA ALA D 483 -45.86 4.51 -6.29
C ALA D 483 -46.69 4.75 -7.57
N THR D 484 -47.64 5.70 -7.52
CA THR D 484 -48.78 5.82 -8.46
C THR D 484 -48.20 6.13 -9.84
N VAL D 485 -47.06 6.80 -9.90
CA VAL D 485 -46.39 7.09 -11.21
C VAL D 485 -45.24 6.12 -11.51
N PHE D 486 -44.97 5.12 -10.65
CA PHE D 486 -43.78 4.23 -10.84
C PHE D 486 -44.16 2.76 -10.97
N VAL D 487 -45.45 2.37 -10.94
CA VAL D 487 -45.90 0.95 -11.04
C VAL D 487 -46.20 0.55 -12.48
N ASP D 488 -46.58 1.50 -13.37
CA ASP D 488 -46.95 1.21 -14.78
C ASP D 488 -45.80 1.57 -15.70
N PRO D 489 -45.23 0.60 -16.46
CA PRO D 489 -43.98 0.82 -17.20
C PRO D 489 -44.13 1.89 -18.26
N MET D 490 -45.36 2.05 -18.74
CA MET D 490 -45.76 2.94 -19.87
C MET D 490 -46.12 4.36 -19.36
N GLU D 491 -45.84 4.68 -18.11
CA GLU D 491 -46.22 6.00 -17.53
C GLU D 491 -45.70 7.12 -18.44
N GLU D 492 -46.62 7.96 -18.89
CA GLU D 492 -46.37 9.12 -19.78
C GLU D 492 -45.12 9.90 -19.34
N LEU D 493 -44.95 10.18 -18.04
CA LEU D 493 -43.83 11.04 -17.53
C LEU D 493 -42.50 10.52 -18.10
N TRP D 494 -42.37 9.18 -18.22
CA TRP D 494 -41.09 8.48 -18.45
C TRP D 494 -40.95 8.04 -19.91
N GLN D 495 -41.94 8.31 -20.74
CA GLN D 495 -41.96 7.83 -22.13
C GLN D 495 -40.86 8.55 -22.92
N ALA D 496 -40.43 7.90 -24.00
CA ALA D 496 -39.42 8.40 -24.95
C ALA D 496 -39.95 9.73 -25.48
N ARG D 497 -39.05 10.65 -25.89
CA ARG D 497 -39.37 11.98 -26.48
C ARG D 497 -38.63 12.06 -27.82
N PRO D 498 -39.30 12.49 -28.93
CA PRO D 498 -38.57 12.87 -30.15
C PRO D 498 -37.50 13.97 -29.98
N TYR D 499 -36.49 13.94 -30.86
CA TYR D 499 -35.37 14.91 -30.96
C TYR D 499 -35.02 15.14 -32.44
N GLU D 500 -34.21 16.17 -32.72
CA GLU D 500 -33.61 16.43 -34.05
C GLU D 500 -32.10 16.18 -33.94
N LEU D 501 -31.56 15.46 -34.93
CA LEU D 501 -30.13 15.07 -35.02
C LEU D 501 -29.25 16.33 -34.89
N GLY D 502 -29.69 17.44 -35.50
CA GLY D 502 -29.14 18.80 -35.33
C GLY D 502 -28.97 19.17 -33.87
N GLU D 503 -30.04 19.05 -33.05
CA GLU D 503 -30.03 19.29 -31.58
C GLU D 503 -28.88 18.48 -30.92
N PHE D 504 -28.82 17.15 -31.12
CA PHE D 504 -27.95 16.23 -30.34
C PHE D 504 -26.45 16.43 -30.65
N GLN D 505 -26.14 16.65 -31.93
CA GLN D 505 -24.75 16.84 -32.43
C GLN D 505 -24.20 18.22 -32.02
N ALA D 506 -25.09 19.19 -31.78
CA ALA D 506 -24.76 20.59 -31.37
C ALA D 506 -25.01 20.83 -29.88
N GLN D 507 -25.64 19.91 -29.13
CA GLN D 507 -25.84 19.96 -27.65
C GLN D 507 -26.66 21.21 -27.30
N SER D 508 -27.71 21.45 -28.09
CA SER D 508 -28.67 22.58 -28.00
C SER D 508 -30.07 22.02 -27.70
N GLY D 509 -31.03 22.90 -27.42
CA GLY D 509 -32.39 22.55 -26.95
C GLY D 509 -32.39 21.59 -25.77
N GLN D 510 -33.08 20.46 -25.93
CA GLN D 510 -33.18 19.29 -24.99
C GLN D 510 -31.77 18.83 -24.52
N PHE D 511 -30.76 18.87 -25.39
CA PHE D 511 -29.38 18.43 -25.12
C PHE D 511 -28.52 19.57 -24.55
N SER D 512 -29.05 20.78 -24.35
CA SER D 512 -28.28 21.87 -23.70
C SER D 512 -28.02 21.44 -22.25
N VAL D 513 -26.87 21.82 -21.69
CA VAL D 513 -26.51 21.55 -20.26
C VAL D 513 -27.72 21.90 -19.37
N GLN D 514 -28.36 23.06 -19.63
CA GLN D 514 -29.47 23.67 -18.83
C GLN D 514 -30.70 22.75 -18.90
N ALA D 515 -31.09 22.33 -20.10
CA ALA D 515 -32.25 21.44 -20.34
C ALA D 515 -32.06 20.09 -19.61
N VAL D 516 -30.86 19.49 -19.73
CA VAL D 516 -30.49 18.17 -19.11
C VAL D 516 -30.45 18.35 -17.59
N THR D 517 -29.90 19.46 -17.12
CA THR D 517 -29.80 19.71 -15.65
C THR D 517 -31.23 19.79 -15.09
N GLU D 518 -32.11 20.58 -15.73
CA GLU D 518 -33.54 20.76 -15.35
C GLU D 518 -34.26 19.40 -15.39
N ARG D 519 -34.19 18.69 -16.52
CA ARG D 519 -34.88 17.39 -16.72
C ARG D 519 -34.47 16.45 -15.57
N ILE D 520 -33.18 16.25 -15.35
CA ILE D 520 -32.69 15.26 -14.34
C ILE D 520 -33.20 15.69 -12.97
N GLN D 521 -33.17 16.99 -12.70
CA GLN D 521 -33.56 17.59 -11.39
C GLN D 521 -35.05 17.30 -11.16
N THR D 522 -35.90 17.46 -12.18
CA THR D 522 -37.34 17.13 -12.13
C THR D 522 -37.57 15.63 -11.87
N MET D 523 -36.79 14.72 -12.51
CA MET D 523 -36.88 13.25 -12.29
C MET D 523 -36.46 12.90 -10.86
N ALA D 524 -35.39 13.55 -10.38
CA ALA D 524 -34.79 13.28 -9.04
C ALA D 524 -35.81 13.61 -7.92
N GLU D 525 -36.49 14.76 -8.01
CA GLU D 525 -37.51 15.26 -7.04
C GLU D 525 -38.64 14.24 -6.80
N TYR D 526 -38.97 13.38 -7.79
CA TYR D 526 -39.96 12.26 -7.63
C TYR D 526 -39.41 11.18 -6.66
N ARG D 527 -38.10 11.07 -6.45
CA ARG D 527 -37.52 10.13 -5.46
C ARG D 527 -37.89 8.67 -5.79
N PRO D 528 -37.49 8.14 -6.97
CA PRO D 528 -37.81 6.77 -7.38
C PRO D 528 -37.23 5.63 -6.51
N TYR D 529 -36.11 5.89 -5.81
CA TYR D 529 -35.31 4.80 -5.22
C TYR D 529 -35.31 4.95 -3.69
N ALA D 530 -36.10 5.89 -3.15
CA ALA D 530 -36.21 6.17 -1.70
C ALA D 530 -36.44 4.90 -0.87
N ALA D 531 -37.36 4.02 -1.26
CA ALA D 531 -37.73 2.76 -0.55
C ALA D 531 -36.60 1.70 -0.61
N ALA D 532 -35.57 1.87 -1.42
CA ALA D 532 -34.32 1.08 -1.31
C ALA D 532 -33.65 1.37 0.03
N ASP D 533 -33.68 2.64 0.47
CA ASP D 533 -32.93 3.18 1.64
C ASP D 533 -32.80 2.04 2.67
N GLU D 534 -31.57 1.86 3.18
CA GLU D 534 -31.10 0.64 3.89
C GLU D 534 -31.00 0.95 5.38
#